data_2D1U
#
_entry.id   2D1U
#
_cell.length_a   1.000
_cell.length_b   1.000
_cell.length_c   1.000
_cell.angle_alpha   90.00
_cell.angle_beta   90.00
_cell.angle_gamma   90.00
#
_symmetry.space_group_name_H-M   'P 1'
#
_entity_poly.entity_id   1
_entity_poly.type   'polypeptide(L)'
_entity_poly.pdbx_seq_one_letter_code
;AQVNIAPGSLDKALNQYAAHSGFTLSVDASLTRGKQSNGLHGDYDVESGLQQLLDGSGLQVKPLGNNSWTLEPAPAPKED
ALTVVGDWLGDARENDLEHHHHHH
;
_entity_poly.pdbx_strand_id   A
#
# COMPACT_ATOMS: atom_id res chain seq x y z
N ALA A 1 -3.05 16.53 -1.84
CA ALA A 1 -3.53 16.42 -3.21
C ALA A 1 -4.63 15.37 -3.33
N GLN A 2 -5.86 15.82 -3.53
CA GLN A 2 -6.99 14.92 -3.66
C GLN A 2 -6.76 13.91 -4.77
N VAL A 3 -6.77 12.62 -4.43
CA VAL A 3 -6.57 11.56 -5.41
C VAL A 3 -7.59 10.44 -5.23
N ASN A 4 -8.43 10.26 -6.24
CA ASN A 4 -9.46 9.22 -6.19
C ASN A 4 -9.23 8.19 -7.31
N ILE A 5 -8.90 6.96 -6.90
CA ILE A 5 -8.66 5.89 -7.86
C ILE A 5 -9.55 4.69 -7.56
N ALA A 6 -10.11 4.10 -8.62
CA ALA A 6 -10.98 2.94 -8.48
C ALA A 6 -10.18 1.65 -8.49
N PRO A 7 -10.44 0.78 -7.51
CA PRO A 7 -9.74 -0.51 -7.38
C PRO A 7 -10.13 -1.49 -8.48
N GLY A 8 -9.80 -2.76 -8.28
CA GLY A 8 -10.13 -3.77 -9.27
C GLY A 8 -8.93 -4.18 -10.11
N SER A 9 -7.76 -3.69 -9.73
CA SER A 9 -6.53 -4.01 -10.45
C SER A 9 -5.33 -3.30 -9.82
N LEU A 10 -4.38 -4.09 -9.33
CA LEU A 10 -3.18 -3.53 -8.70
C LEU A 10 -2.34 -2.76 -9.72
N ASP A 11 -2.10 -3.37 -10.87
CA ASP A 11 -1.31 -2.74 -11.92
C ASP A 11 -1.91 -1.39 -12.31
N LYS A 12 -3.24 -1.35 -12.43
CA LYS A 12 -3.93 -0.12 -12.79
C LYS A 12 -3.79 0.94 -11.70
N ALA A 13 -4.20 0.57 -10.49
CA ALA A 13 -4.12 1.48 -9.35
C ALA A 13 -2.72 2.07 -9.21
N LEU A 14 -1.72 1.33 -9.69
CA LEU A 14 -0.34 1.78 -9.62
C LEU A 14 -0.09 2.94 -10.59
N ASN A 15 -0.43 2.73 -11.85
CA ASN A 15 -0.24 3.76 -12.87
C ASN A 15 -1.11 4.98 -12.57
N GLN A 16 -2.26 4.75 -11.95
CA GLN A 16 -3.18 5.83 -11.61
C GLN A 16 -2.51 6.82 -10.66
N TYR A 17 -2.03 6.32 -9.53
CA TYR A 17 -1.37 7.16 -8.53
C TYR A 17 0.02 7.59 -9.01
N ALA A 18 0.70 6.67 -9.69
CA ALA A 18 2.04 6.95 -10.20
C ALA A 18 2.02 8.12 -11.18
N ALA A 19 0.92 8.26 -11.92
CA ALA A 19 0.78 9.34 -12.88
C ALA A 19 0.44 10.66 -12.18
N HIS A 20 -0.24 10.57 -11.05
CA HIS A 20 -0.63 11.75 -10.29
C HIS A 20 0.57 12.30 -9.51
N SER A 21 1.50 11.43 -9.17
CA SER A 21 2.69 11.83 -8.42
C SER A 21 3.76 12.40 -9.36
N GLY A 22 4.15 11.61 -10.36
CA GLY A 22 5.15 12.05 -11.31
C GLY A 22 6.51 11.45 -11.03
N PHE A 23 6.52 10.29 -10.36
CA PHE A 23 7.76 9.61 -10.03
C PHE A 23 7.79 8.20 -10.62
N THR A 24 8.93 7.55 -10.54
CA THR A 24 9.10 6.20 -11.07
C THR A 24 9.06 5.17 -9.94
N LEU A 25 8.54 3.99 -10.24
CA LEU A 25 8.45 2.92 -9.25
C LEU A 25 8.79 1.58 -9.88
N SER A 26 9.67 0.82 -9.21
CA SER A 26 10.09 -0.48 -9.70
C SER A 26 9.70 -1.57 -8.71
N VAL A 27 8.65 -2.32 -9.05
CA VAL A 27 8.17 -3.40 -8.19
C VAL A 27 7.94 -4.68 -9.00
N ASP A 28 8.33 -5.80 -8.44
CA ASP A 28 8.17 -7.10 -9.11
C ASP A 28 6.70 -7.36 -9.42
N ALA A 29 6.30 -7.07 -10.65
CA ALA A 29 4.92 -7.29 -11.08
C ALA A 29 4.62 -8.77 -11.28
N SER A 30 5.67 -9.58 -11.18
CA SER A 30 5.52 -11.03 -11.35
C SER A 30 4.40 -11.56 -10.46
N LEU A 31 4.40 -11.14 -9.20
CA LEU A 31 3.39 -11.59 -8.24
C LEU A 31 2.13 -10.73 -8.35
N THR A 32 2.33 -9.45 -8.68
CA THR A 32 1.22 -8.52 -8.81
C THR A 32 0.19 -9.04 -9.81
N ARG A 33 0.66 -9.47 -10.97
CA ARG A 33 -0.21 -9.99 -12.02
C ARG A 33 -1.06 -11.15 -11.49
N GLY A 34 -2.31 -10.85 -11.15
CA GLY A 34 -3.20 -11.87 -10.63
C GLY A 34 -3.98 -11.41 -9.42
N LYS A 35 -3.53 -10.32 -8.82
CA LYS A 35 -4.20 -9.77 -7.64
C LYS A 35 -4.60 -8.32 -7.87
N GLN A 36 -5.32 -7.75 -6.91
CA GLN A 36 -5.76 -6.36 -7.01
C GLN A 36 -5.29 -5.55 -5.80
N SER A 37 -5.61 -4.26 -5.81
CA SER A 37 -5.23 -3.37 -4.71
C SER A 37 -6.33 -2.37 -4.40
N ASN A 38 -6.29 -1.79 -3.21
CA ASN A 38 -7.28 -0.82 -2.78
C ASN A 38 -6.97 0.56 -3.36
N GLY A 39 -7.95 1.15 -4.04
CA GLY A 39 -7.77 2.46 -4.63
C GLY A 39 -7.56 3.54 -3.59
N LEU A 40 -7.39 4.78 -4.04
CA LEU A 40 -7.18 5.91 -3.14
C LEU A 40 -8.41 6.79 -3.09
N HIS A 41 -8.53 7.56 -2.01
CA HIS A 41 -9.67 8.47 -1.84
C HIS A 41 -9.36 9.54 -0.80
N GLY A 42 -9.02 10.73 -1.27
CA GLY A 42 -8.71 11.83 -0.37
C GLY A 42 -7.41 12.53 -0.74
N ASP A 43 -7.06 13.54 0.04
CA ASP A 43 -5.84 14.31 -0.21
C ASP A 43 -4.62 13.58 0.35
N TYR A 44 -3.85 12.97 -0.55
CA TYR A 44 -2.65 12.23 -0.15
C TYR A 44 -1.52 12.46 -1.14
N ASP A 45 -0.33 12.76 -0.62
CA ASP A 45 0.83 13.00 -1.46
C ASP A 45 1.27 11.73 -2.17
N VAL A 46 2.39 11.81 -2.89
CA VAL A 46 2.90 10.65 -3.62
C VAL A 46 3.16 9.48 -2.68
N GLU A 47 3.83 9.75 -1.56
CA GLU A 47 4.13 8.71 -0.59
C GLU A 47 2.89 8.32 0.20
N SER A 48 2.20 9.31 0.76
CA SER A 48 1.00 9.07 1.55
C SER A 48 -0.01 8.26 0.74
N GLY A 49 -0.31 8.73 -0.47
CA GLY A 49 -1.26 8.03 -1.32
C GLY A 49 -0.77 6.66 -1.74
N LEU A 50 0.53 6.55 -1.97
CA LEU A 50 1.13 5.28 -2.39
C LEU A 50 0.94 4.21 -1.32
N GLN A 51 1.22 4.58 -0.07
CA GLN A 51 1.07 3.66 1.05
C GLN A 51 -0.39 3.30 1.28
N GLN A 52 -1.28 4.18 0.86
CA GLN A 52 -2.71 3.96 1.02
C GLN A 52 -3.22 2.96 -0.02
N LEU A 53 -2.53 2.88 -1.15
CA LEU A 53 -2.92 1.97 -2.22
C LEU A 53 -2.59 0.53 -1.86
N LEU A 54 -1.32 0.28 -1.53
CA LEU A 54 -0.87 -1.05 -1.16
C LEU A 54 -1.25 -1.37 0.29
N ASP A 55 -1.81 -0.39 0.98
CA ASP A 55 -2.22 -0.56 2.36
C ASP A 55 -3.05 -1.84 2.52
N GLY A 56 -2.55 -2.75 3.34
CA GLY A 56 -3.24 -4.01 3.58
C GLY A 56 -2.31 -5.14 3.95
N SER A 57 -1.07 -5.05 3.47
CA SER A 57 -0.07 -6.09 3.75
C SER A 57 1.07 -5.52 4.58
N GLY A 58 1.34 -4.23 4.40
CA GLY A 58 2.42 -3.58 5.14
C GLY A 58 3.78 -3.88 4.56
N LEU A 59 4.29 -2.99 3.72
CA LEU A 59 5.59 -3.17 3.09
C LEU A 59 6.46 -1.94 3.27
N GLN A 60 7.72 -2.04 2.88
CA GLN A 60 8.66 -0.93 3.00
C GLN A 60 8.99 -0.35 1.63
N VAL A 61 9.11 0.97 1.57
CA VAL A 61 9.43 1.66 0.32
C VAL A 61 10.71 2.46 0.45
N LYS A 62 11.68 2.14 -0.40
CA LYS A 62 12.97 2.84 -0.39
C LYS A 62 13.40 3.21 -1.81
N PRO A 63 13.96 4.41 -1.95
CA PRO A 63 14.44 4.91 -3.26
C PRO A 63 15.66 4.16 -3.76
N LEU A 64 15.92 4.25 -5.06
CA LEU A 64 17.07 3.58 -5.66
C LEU A 64 18.05 4.60 -6.23
N GLY A 65 17.61 5.34 -7.24
CA GLY A 65 18.46 6.34 -7.87
C GLY A 65 17.94 7.74 -7.67
N ASN A 66 17.55 8.38 -8.77
CA ASN A 66 17.02 9.75 -8.71
C ASN A 66 15.80 9.83 -7.81
N ASN A 67 14.64 9.50 -8.37
CA ASN A 67 13.39 9.53 -7.62
C ASN A 67 12.61 8.23 -7.82
N SER A 68 13.32 7.14 -8.06
CA SER A 68 12.70 5.84 -8.26
C SER A 68 12.61 5.07 -6.96
N TRP A 69 11.40 4.65 -6.60
CA TRP A 69 11.16 3.91 -5.37
C TRP A 69 10.78 2.46 -5.67
N THR A 70 10.98 1.59 -4.70
CA THR A 70 10.65 0.18 -4.86
C THR A 70 9.96 -0.38 -3.61
N LEU A 71 9.16 -1.42 -3.80
CA LEU A 71 8.45 -2.05 -2.69
C LEU A 71 9.02 -3.42 -2.38
N GLU A 72 9.45 -3.61 -1.13
CA GLU A 72 10.01 -4.89 -0.71
C GLU A 72 9.25 -5.45 0.49
N PRO A 73 9.36 -6.77 0.70
CA PRO A 73 8.69 -7.46 1.80
C PRO A 73 9.29 -7.10 3.16
N ALA A 74 8.45 -6.59 4.06
CA ALA A 74 8.89 -6.20 5.38
C ALA A 74 8.33 -7.14 6.45
N PRO A 75 8.97 -7.16 7.62
CA PRO A 75 8.56 -8.01 8.75
C PRO A 75 7.23 -7.56 9.35
N ALA A 76 6.39 -8.52 9.69
CA ALA A 76 5.09 -8.22 10.29
C ALA A 76 4.75 -9.22 11.38
N PRO A 77 3.81 -8.84 12.26
CA PRO A 77 3.38 -9.70 13.37
C PRO A 77 2.57 -10.90 12.90
N LYS A 78 2.35 -11.85 13.80
CA LYS A 78 1.60 -13.06 13.47
C LYS A 78 0.25 -12.71 12.87
N GLU A 79 0.14 -12.87 11.55
CA GLU A 79 -1.10 -12.58 10.84
C GLU A 79 -2.28 -13.28 11.49
N ASP A 80 -3.48 -12.77 11.25
CA ASP A 80 -4.69 -13.36 11.81
C ASP A 80 -5.79 -13.46 10.75
N ALA A 81 -6.95 -13.96 11.15
CA ALA A 81 -8.08 -14.11 10.24
C ALA A 81 -9.20 -13.13 10.59
N LEU A 82 -9.68 -12.41 9.58
CA LEU A 82 -10.74 -11.44 9.77
C LEU A 82 -12.11 -12.11 9.78
N THR A 83 -13.10 -11.45 10.37
CA THR A 83 -14.44 -12.00 10.45
C THR A 83 -14.95 -12.41 9.06
N VAL A 84 -15.91 -13.33 9.05
CA VAL A 84 -16.48 -13.81 7.79
C VAL A 84 -17.56 -12.86 7.28
N VAL A 85 -17.46 -12.48 6.01
CA VAL A 85 -18.43 -11.59 5.40
C VAL A 85 -19.83 -12.20 5.43
N GLY A 86 -20.83 -11.35 5.67
CA GLY A 86 -22.21 -11.83 5.71
C GLY A 86 -22.80 -12.03 4.33
N ASP A 87 -23.93 -11.40 4.06
CA ASP A 87 -24.59 -11.51 2.77
C ASP A 87 -25.20 -10.18 2.35
N TRP A 88 -25.74 -10.14 1.14
CA TRP A 88 -26.35 -8.93 0.61
C TRP A 88 -27.83 -8.88 0.92
N LEU A 89 -28.54 -7.94 0.32
CA LEU A 89 -29.98 -7.79 0.53
C LEU A 89 -30.76 -8.84 -0.26
N GLY A 90 -30.34 -9.06 -1.50
CA GLY A 90 -31.01 -10.04 -2.35
C GLY A 90 -32.51 -9.83 -2.40
N ASP A 91 -32.95 -8.93 -3.26
CA ASP A 91 -34.38 -8.64 -3.40
C ASP A 91 -34.89 -9.12 -4.76
N ALA A 92 -34.51 -10.33 -5.13
CA ALA A 92 -34.95 -10.91 -6.40
C ALA A 92 -36.23 -11.71 -6.23
N ARG A 93 -36.79 -12.16 -7.35
CA ARG A 93 -38.03 -12.93 -7.33
C ARG A 93 -37.82 -14.31 -7.95
N GLU A 94 -38.72 -15.23 -7.64
CA GLU A 94 -38.64 -16.59 -8.17
C GLU A 94 -39.92 -16.98 -8.90
N ASN A 95 -39.79 -17.82 -9.93
CA ASN A 95 -40.94 -18.27 -10.70
C ASN A 95 -41.19 -19.75 -10.51
N ASP A 96 -42.46 -20.15 -10.52
CA ASP A 96 -42.83 -21.55 -10.34
C ASP A 96 -42.49 -22.36 -11.59
N LEU A 97 -42.37 -23.67 -11.43
CA LEU A 97 -42.05 -24.56 -12.53
C LEU A 97 -43.05 -25.70 -12.63
N GLU A 98 -43.14 -26.31 -13.80
CA GLU A 98 -44.06 -27.41 -14.02
C GLU A 98 -43.31 -28.68 -14.44
N HIS A 99 -43.68 -29.80 -13.85
CA HIS A 99 -43.03 -31.08 -14.16
C HIS A 99 -43.97 -32.25 -13.87
N HIS A 100 -44.21 -33.07 -14.88
CA HIS A 100 -45.09 -34.22 -14.74
C HIS A 100 -44.37 -35.51 -15.14
N HIS A 101 -44.77 -36.61 -14.51
CA HIS A 101 -44.15 -37.90 -14.80
C HIS A 101 -44.80 -38.55 -16.02
N HIS A 102 -44.06 -39.43 -16.69
CA HIS A 102 -44.57 -40.12 -17.87
C HIS A 102 -44.36 -41.63 -17.76
N HIS A 103 -45.08 -42.38 -18.58
CA HIS A 103 -44.97 -43.83 -18.58
C HIS A 103 -44.21 -44.33 -19.80
N HIS A 104 -44.05 -45.64 -19.91
CA HIS A 104 -43.35 -46.24 -21.04
C HIS A 104 -44.02 -45.86 -22.36
N ALA A 1 -4.11 17.69 -3.31
CA ALA A 1 -3.60 16.45 -3.90
C ALA A 1 -4.66 15.37 -3.91
N GLN A 2 -5.93 15.78 -3.99
CA GLN A 2 -7.04 14.84 -4.01
C GLN A 2 -6.89 13.85 -5.16
N VAL A 3 -6.83 12.56 -4.82
CA VAL A 3 -6.70 11.52 -5.82
C VAL A 3 -7.71 10.40 -5.59
N ASN A 4 -8.55 10.14 -6.59
CA ASN A 4 -9.56 9.10 -6.49
C ASN A 4 -9.33 8.02 -7.55
N ILE A 5 -8.89 6.85 -7.11
CA ILE A 5 -8.63 5.73 -8.01
C ILE A 5 -9.51 4.54 -7.67
N ALA A 6 -10.04 3.89 -8.70
CA ALA A 6 -10.89 2.72 -8.51
C ALA A 6 -10.07 1.45 -8.46
N PRO A 7 -10.38 0.59 -7.48
CA PRO A 7 -9.68 -0.69 -7.29
C PRO A 7 -9.99 -1.69 -8.41
N GLY A 8 -9.67 -2.96 -8.17
CA GLY A 8 -9.93 -3.99 -9.16
C GLY A 8 -8.67 -4.40 -9.90
N SER A 9 -7.54 -3.82 -9.52
CA SER A 9 -6.26 -4.13 -10.16
C SER A 9 -5.14 -3.32 -9.53
N LEU A 10 -4.07 -4.01 -9.14
CA LEU A 10 -2.92 -3.37 -8.51
C LEU A 10 -2.10 -2.60 -9.56
N ASP A 11 -1.82 -3.27 -10.67
CA ASP A 11 -1.04 -2.65 -11.75
C ASP A 11 -1.72 -1.37 -12.23
N LYS A 12 -3.03 -1.42 -12.40
CA LYS A 12 -3.79 -0.26 -12.86
C LYS A 12 -3.75 0.86 -11.82
N ALA A 13 -3.88 0.49 -10.55
CA ALA A 13 -3.86 1.46 -9.47
C ALA A 13 -2.48 2.10 -9.33
N LEU A 14 -1.44 1.32 -9.61
CA LEU A 14 -0.07 1.80 -9.51
C LEU A 14 0.16 2.96 -10.48
N ASN A 15 -0.16 2.74 -11.75
CA ASN A 15 0.02 3.77 -12.77
C ASN A 15 -0.89 4.97 -12.49
N GLN A 16 -2.06 4.70 -11.92
CA GLN A 16 -3.02 5.76 -11.61
C GLN A 16 -2.40 6.78 -10.65
N TYR A 17 -1.94 6.30 -9.51
CA TYR A 17 -1.33 7.17 -8.51
C TYR A 17 0.05 7.63 -8.95
N ALA A 18 0.78 6.74 -9.62
CA ALA A 18 2.12 7.05 -10.10
C ALA A 18 2.09 8.21 -11.10
N ALA A 19 1.00 8.31 -11.85
CA ALA A 19 0.84 9.37 -12.84
C ALA A 19 0.45 10.68 -12.17
N HIS A 20 -0.24 10.59 -11.04
CA HIS A 20 -0.69 11.76 -10.31
C HIS A 20 0.48 12.39 -9.53
N SER A 21 1.45 11.56 -9.19
CA SER A 21 2.62 12.02 -8.44
C SER A 21 3.68 12.58 -9.38
N GLY A 22 4.12 11.74 -10.33
CA GLY A 22 5.13 12.15 -11.27
C GLY A 22 6.48 11.53 -10.99
N PHE A 23 6.48 10.39 -10.31
CA PHE A 23 7.71 9.70 -9.97
C PHE A 23 7.72 8.29 -10.54
N THR A 24 8.86 7.62 -10.47
CA THR A 24 9.01 6.27 -10.98
C THR A 24 9.03 5.25 -9.85
N LEU A 25 8.49 4.06 -10.12
CA LEU A 25 8.44 2.99 -9.12
C LEU A 25 8.79 1.65 -9.75
N SER A 26 9.64 0.88 -9.07
CA SER A 26 10.05 -0.43 -9.56
C SER A 26 9.66 -1.52 -8.58
N VAL A 27 8.60 -2.25 -8.91
CA VAL A 27 8.12 -3.33 -8.06
C VAL A 27 7.88 -4.60 -8.86
N ASP A 28 8.27 -5.74 -8.30
CA ASP A 28 8.11 -7.02 -8.97
C ASP A 28 6.65 -7.22 -9.41
N ALA A 29 6.45 -7.25 -10.72
CA ALA A 29 5.11 -7.43 -11.27
C ALA A 29 4.63 -8.87 -11.09
N SER A 30 5.53 -9.73 -10.65
CA SER A 30 5.21 -11.14 -10.44
C SER A 30 4.00 -11.29 -9.52
N LEU A 31 4.01 -10.56 -8.41
CA LEU A 31 2.92 -10.61 -7.45
C LEU A 31 1.80 -9.66 -7.85
N THR A 32 2.15 -8.56 -8.51
CA THR A 32 1.18 -7.58 -8.96
C THR A 32 0.11 -8.22 -9.83
N ARG A 33 0.55 -9.07 -10.75
CA ARG A 33 -0.38 -9.76 -11.66
C ARG A 33 -1.45 -10.50 -10.87
N GLY A 34 -2.71 -10.25 -11.22
CA GLY A 34 -3.82 -10.89 -10.54
C GLY A 34 -4.21 -10.19 -9.26
N LYS A 35 -3.23 -9.95 -8.39
CA LYS A 35 -3.48 -9.27 -7.13
C LYS A 35 -4.16 -7.93 -7.35
N GLN A 36 -4.77 -7.39 -6.30
CA GLN A 36 -5.46 -6.11 -6.38
C GLN A 36 -4.96 -5.16 -5.31
N SER A 37 -5.50 -3.94 -5.31
CA SER A 37 -5.10 -2.92 -4.34
C SER A 37 -6.28 -2.03 -3.98
N ASN A 38 -6.19 -1.39 -2.81
CA ASN A 38 -7.26 -0.50 -2.35
C ASN A 38 -7.15 0.87 -3.01
N GLY A 39 -8.10 1.16 -3.90
CA GLY A 39 -8.10 2.44 -4.59
C GLY A 39 -7.92 3.62 -3.64
N LEU A 40 -7.36 4.70 -4.15
CA LEU A 40 -7.14 5.90 -3.34
C LEU A 40 -8.38 6.77 -3.32
N HIS A 41 -8.52 7.58 -2.27
CA HIS A 41 -9.66 8.47 -2.13
C HIS A 41 -9.37 9.58 -1.12
N GLY A 42 -9.03 10.76 -1.63
CA GLY A 42 -8.73 11.88 -0.76
C GLY A 42 -7.41 12.54 -1.10
N ASP A 43 -7.00 13.50 -0.27
CA ASP A 43 -5.74 14.21 -0.49
C ASP A 43 -4.58 13.47 0.17
N TYR A 44 -3.71 12.91 -0.66
CA TYR A 44 -2.55 12.17 -0.16
C TYR A 44 -1.34 12.38 -1.07
N ASP A 45 -0.22 12.74 -0.47
CA ASP A 45 1.02 12.96 -1.22
C ASP A 45 1.44 11.69 -1.95
N VAL A 46 2.61 11.76 -2.58
CA VAL A 46 3.14 10.61 -3.33
C VAL A 46 3.35 9.41 -2.41
N GLU A 47 3.96 9.66 -1.25
CA GLU A 47 4.22 8.59 -0.29
C GLU A 47 2.93 8.18 0.42
N SER A 48 2.23 9.17 0.98
CA SER A 48 0.99 8.90 1.70
C SER A 48 0.00 8.14 0.81
N GLY A 49 -0.23 8.66 -0.38
CA GLY A 49 -1.15 8.02 -1.30
C GLY A 49 -0.67 6.64 -1.74
N LEU A 50 0.63 6.52 -1.99
CA LEU A 50 1.21 5.26 -2.41
C LEU A 50 0.94 4.16 -1.39
N GLN A 51 1.28 4.44 -0.13
CA GLN A 51 1.08 3.48 0.94
C GLN A 51 -0.41 3.18 1.13
N GLN A 52 -1.25 4.12 0.74
CA GLN A 52 -2.70 3.96 0.87
C GLN A 52 -3.22 2.97 -0.15
N LEU A 53 -2.54 2.88 -1.29
CA LEU A 53 -2.94 1.95 -2.35
C LEU A 53 -2.61 0.52 -1.98
N LEU A 54 -1.34 0.28 -1.63
CA LEU A 54 -0.90 -1.06 -1.25
C LEU A 54 -1.31 -1.38 0.19
N ASP A 55 -1.89 -0.39 0.87
CA ASP A 55 -2.32 -0.57 2.25
C ASP A 55 -3.11 -1.86 2.41
N GLY A 56 -2.57 -2.79 3.19
CA GLY A 56 -3.24 -4.06 3.41
C GLY A 56 -2.29 -5.24 3.33
N SER A 57 -1.08 -4.98 2.85
CA SER A 57 -0.07 -6.03 2.72
C SER A 57 1.06 -5.84 3.71
N GLY A 58 1.41 -4.57 3.96
CA GLY A 58 2.48 -4.26 4.90
C GLY A 58 3.85 -4.53 4.31
N LEU A 59 4.39 -3.55 3.59
CA LEU A 59 5.71 -3.69 2.97
C LEU A 59 6.54 -2.43 3.19
N GLN A 60 7.81 -2.49 2.78
CA GLN A 60 8.72 -1.36 2.93
C GLN A 60 9.01 -0.71 1.58
N VAL A 61 9.14 0.61 1.58
CA VAL A 61 9.44 1.35 0.35
C VAL A 61 10.66 2.23 0.52
N LYS A 62 11.65 2.03 -0.34
CA LYS A 62 12.88 2.80 -0.29
C LYS A 62 13.30 3.25 -1.69
N PRO A 63 13.81 4.48 -1.79
CA PRO A 63 14.26 5.05 -3.07
C PRO A 63 15.54 4.38 -3.58
N LEU A 64 15.80 4.54 -4.88
CA LEU A 64 16.99 3.94 -5.49
C LEU A 64 17.83 5.01 -6.19
N GLY A 65 17.24 5.66 -7.19
CA GLY A 65 17.94 6.69 -7.93
C GLY A 65 17.11 7.95 -8.10
N ASN A 66 16.75 8.24 -9.35
CA ASN A 66 15.96 9.42 -9.66
C ASN A 66 14.51 9.23 -9.21
N ASN A 67 14.21 9.65 -7.99
CA ASN A 67 12.86 9.53 -7.45
C ASN A 67 12.28 8.15 -7.75
N SER A 68 13.15 7.14 -7.79
CA SER A 68 12.72 5.78 -8.08
C SER A 68 12.57 4.99 -6.79
N TRP A 69 11.34 4.61 -6.46
CA TRP A 69 11.06 3.84 -5.25
C TRP A 69 10.76 2.39 -5.59
N THR A 70 11.02 1.50 -4.63
CA THR A 70 10.79 0.08 -4.83
C THR A 70 10.12 -0.53 -3.61
N LEU A 71 9.33 -1.59 -3.84
CA LEU A 71 8.63 -2.26 -2.75
C LEU A 71 9.28 -3.61 -2.45
N GLU A 72 9.52 -3.86 -1.16
CA GLU A 72 10.13 -5.12 -0.75
C GLU A 72 9.34 -5.75 0.39
N PRO A 73 9.51 -7.07 0.56
CA PRO A 73 8.81 -7.83 1.60
C PRO A 73 9.31 -7.49 3.01
N ALA A 74 8.41 -7.04 3.86
CA ALA A 74 8.75 -6.69 5.24
C ALA A 74 8.49 -7.85 6.19
N PRO A 75 9.15 -7.81 7.36
CA PRO A 75 9.00 -8.85 8.39
C PRO A 75 7.62 -8.83 9.04
N ALA A 76 7.31 -9.88 9.78
CA ALA A 76 6.02 -9.99 10.46
C ALA A 76 5.71 -8.72 11.23
N PRO A 77 4.42 -8.53 11.57
CA PRO A 77 3.96 -7.36 12.32
C PRO A 77 4.44 -7.38 13.77
N LYS A 78 4.34 -6.22 14.42
CA LYS A 78 4.76 -6.10 15.82
C LYS A 78 6.17 -6.65 16.01
N GLU A 79 7.17 -5.78 15.84
CA GLU A 79 8.56 -6.18 16.00
C GLU A 79 9.50 -4.99 15.78
N ASP A 80 10.25 -4.64 16.83
CA ASP A 80 11.18 -3.53 16.75
C ASP A 80 12.02 -3.42 18.02
N ALA A 81 13.18 -2.79 17.91
CA ALA A 81 14.07 -2.62 19.06
C ALA A 81 13.52 -1.58 20.03
N LEU A 82 12.78 -0.61 19.50
CA LEU A 82 12.19 0.44 20.32
C LEU A 82 10.69 0.23 20.48
N THR A 83 10.31 -0.74 21.30
CA THR A 83 8.91 -1.04 21.54
C THR A 83 8.28 -0.03 22.50
N VAL A 84 6.99 0.21 22.33
CA VAL A 84 6.28 1.16 23.19
C VAL A 84 5.19 0.46 24.00
N VAL A 85 4.75 1.11 25.07
CA VAL A 85 3.71 0.55 25.93
C VAL A 85 2.37 0.48 25.20
N GLY A 86 1.56 -0.50 25.56
CA GLY A 86 0.26 -0.66 24.93
C GLY A 86 -0.58 -1.73 25.59
N ASP A 87 -1.88 -1.72 25.31
CA ASP A 87 -2.79 -2.70 25.89
C ASP A 87 -4.01 -2.89 24.99
N TRP A 88 -4.55 -4.11 25.00
CA TRP A 88 -5.71 -4.44 24.17
C TRP A 88 -7.00 -4.35 25.00
N LEU A 89 -8.09 -4.83 24.43
CA LEU A 89 -9.38 -4.81 25.11
C LEU A 89 -9.59 -6.08 25.93
N GLY A 90 -8.57 -6.46 26.69
CA GLY A 90 -8.66 -7.66 27.51
C GLY A 90 -9.90 -7.66 28.38
N ASP A 91 -10.91 -8.43 27.98
CA ASP A 91 -12.15 -8.53 28.74
C ASP A 91 -12.33 -9.92 29.32
N ALA A 92 -12.07 -10.05 30.62
CA ALA A 92 -12.21 -11.33 31.30
C ALA A 92 -12.89 -11.16 32.66
N ARG A 93 -13.71 -12.14 33.02
CA ARG A 93 -14.41 -12.09 34.30
C ARG A 93 -13.53 -12.61 35.43
N GLU A 94 -14.12 -12.77 36.61
CA GLU A 94 -13.38 -13.26 37.78
C GLU A 94 -14.34 -13.71 38.88
N ASN A 95 -13.79 -14.31 39.92
CA ASN A 95 -14.58 -14.80 41.04
C ASN A 95 -13.77 -14.78 42.33
N ASP A 96 -14.47 -14.94 43.46
CA ASP A 96 -13.82 -14.94 44.76
C ASP A 96 -14.73 -15.53 45.83
N LEU A 97 -14.22 -15.67 47.04
CA LEU A 97 -14.99 -16.22 48.15
C LEU A 97 -14.69 -15.48 49.45
N GLU A 98 -15.46 -15.79 50.49
CA GLU A 98 -15.27 -15.15 51.79
C GLU A 98 -13.84 -15.36 52.30
N HIS A 99 -13.51 -16.61 52.61
CA HIS A 99 -12.18 -16.94 53.11
C HIS A 99 -11.89 -16.20 54.41
N HIS A 100 -12.94 -15.93 55.18
CA HIS A 100 -12.79 -15.23 56.45
C HIS A 100 -12.30 -16.17 57.54
N HIS A 101 -11.24 -15.78 58.23
CA HIS A 101 -10.68 -16.60 59.30
C HIS A 101 -10.99 -16.00 60.67
N HIS A 102 -10.83 -14.69 60.79
CA HIS A 102 -11.10 -13.99 62.05
C HIS A 102 -12.56 -14.14 62.43
N HIS A 103 -12.83 -14.13 63.74
CA HIS A 103 -14.20 -14.26 64.23
C HIS A 103 -14.72 -12.91 64.75
N HIS A 104 -13.88 -12.21 65.50
CA HIS A 104 -14.25 -10.91 66.06
C HIS A 104 -13.08 -9.93 65.96
N ALA A 1 -4.16 17.89 -2.92
CA ALA A 1 -3.59 16.69 -3.53
C ALA A 1 -4.63 15.58 -3.60
N GLN A 2 -5.91 15.97 -3.63
CA GLN A 2 -7.00 15.00 -3.70
C GLN A 2 -6.79 14.04 -4.85
N VAL A 3 -6.73 12.75 -4.53
CA VAL A 3 -6.54 11.72 -5.55
C VAL A 3 -7.55 10.59 -5.38
N ASN A 4 -8.36 10.37 -6.43
CA ASN A 4 -9.37 9.32 -6.38
C ASN A 4 -9.12 8.28 -7.48
N ILE A 5 -8.84 7.06 -7.07
CA ILE A 5 -8.58 5.98 -8.02
C ILE A 5 -9.50 4.79 -7.76
N ALA A 6 -10.01 4.19 -8.84
CA ALA A 6 -10.89 3.04 -8.73
C ALA A 6 -10.10 1.74 -8.69
N PRO A 7 -10.43 0.88 -7.71
CA PRO A 7 -9.76 -0.42 -7.54
C PRO A 7 -10.11 -1.39 -8.65
N GLY A 8 -9.82 -2.68 -8.42
CA GLY A 8 -10.10 -3.70 -9.41
C GLY A 8 -8.87 -4.13 -10.17
N SER A 9 -7.71 -3.62 -9.76
CA SER A 9 -6.45 -3.96 -10.41
C SER A 9 -5.27 -3.36 -9.65
N LEU A 10 -4.36 -4.22 -9.21
CA LEU A 10 -3.19 -3.78 -8.47
C LEU A 10 -2.27 -2.95 -9.35
N ASP A 11 -1.79 -3.54 -10.43
CA ASP A 11 -0.90 -2.85 -11.36
C ASP A 11 -1.54 -1.56 -11.86
N LYS A 12 -2.85 -1.59 -12.04
CA LYS A 12 -3.59 -0.43 -12.52
C LYS A 12 -3.55 0.70 -11.49
N ALA A 13 -4.00 0.41 -10.28
CA ALA A 13 -4.00 1.39 -9.20
C ALA A 13 -2.63 2.04 -9.05
N LEU A 14 -1.59 1.30 -9.41
CA LEU A 14 -0.22 1.80 -9.31
C LEU A 14 0.04 2.91 -10.33
N ASN A 15 -0.25 2.62 -11.59
CA ASN A 15 -0.05 3.59 -12.66
C ASN A 15 -0.94 4.81 -12.45
N GLN A 16 -2.10 4.60 -11.86
CA GLN A 16 -3.05 5.69 -11.60
C GLN A 16 -2.42 6.74 -10.69
N TYR A 17 -1.97 6.32 -9.52
CA TYR A 17 -1.35 7.22 -8.56
C TYR A 17 0.04 7.62 -9.01
N ALA A 18 0.74 6.68 -9.64
CA ALA A 18 2.10 6.94 -10.12
C ALA A 18 2.11 8.09 -11.12
N ALA A 19 1.10 8.13 -11.99
CA ALA A 19 1.00 9.17 -13.00
C ALA A 19 0.52 10.48 -12.38
N HIS A 20 -0.19 10.38 -11.26
CA HIS A 20 -0.71 11.56 -10.57
C HIS A 20 0.40 12.27 -9.80
N SER A 21 1.42 11.51 -9.40
CA SER A 21 2.54 12.07 -8.65
C SER A 21 3.61 12.60 -9.60
N GLY A 22 4.25 11.70 -10.34
CA GLY A 22 5.29 12.09 -11.27
C GLY A 22 6.61 11.40 -10.98
N PHE A 23 6.55 10.28 -10.30
CA PHE A 23 7.76 9.53 -9.96
C PHE A 23 7.69 8.10 -10.51
N THR A 24 8.80 7.39 -10.42
CA THR A 24 8.87 6.02 -10.93
C THR A 24 8.87 5.02 -9.77
N LEU A 25 8.37 3.82 -10.04
CA LEU A 25 8.31 2.76 -9.02
C LEU A 25 8.69 1.41 -9.62
N SER A 26 9.60 0.71 -8.95
CA SER A 26 10.05 -0.59 -9.42
C SER A 26 9.63 -1.69 -8.44
N VAL A 27 8.58 -2.43 -8.80
CA VAL A 27 8.08 -3.51 -7.97
C VAL A 27 7.86 -4.78 -8.78
N ASP A 28 8.23 -5.92 -8.19
CA ASP A 28 8.07 -7.20 -8.86
C ASP A 28 6.63 -7.37 -9.37
N ALA A 29 6.44 -7.17 -10.67
CA ALA A 29 5.12 -7.31 -11.27
C ALA A 29 4.72 -8.77 -11.39
N SER A 30 5.68 -9.67 -11.20
CA SER A 30 5.43 -11.10 -11.29
C SER A 30 4.32 -11.51 -10.32
N LEU A 31 4.43 -11.06 -9.08
CA LEU A 31 3.45 -11.39 -8.06
C LEU A 31 2.26 -10.44 -8.12
N THR A 32 2.54 -9.16 -8.39
CA THR A 32 1.51 -8.15 -8.47
C THR A 32 0.45 -8.53 -9.50
N ARG A 33 0.89 -8.96 -10.68
CA ARG A 33 -0.01 -9.35 -11.74
C ARG A 33 -1.03 -10.38 -11.24
N GLY A 34 -2.31 -10.11 -11.49
CA GLY A 34 -3.35 -11.01 -11.05
C GLY A 34 -4.04 -10.54 -9.78
N LYS A 35 -3.26 -9.96 -8.87
CA LYS A 35 -3.80 -9.45 -7.61
C LYS A 35 -4.41 -8.07 -7.79
N GLN A 36 -5.10 -7.60 -6.76
CA GLN A 36 -5.75 -6.29 -6.81
C GLN A 36 -5.28 -5.42 -5.64
N SER A 37 -5.79 -4.18 -5.60
CA SER A 37 -5.43 -3.25 -4.54
C SER A 37 -6.52 -2.21 -4.33
N ASN A 38 -6.59 -1.67 -3.13
CA ASN A 38 -7.60 -0.67 -2.79
C ASN A 38 -7.22 0.70 -3.37
N GLY A 39 -8.14 1.28 -4.13
CA GLY A 39 -7.88 2.58 -4.73
C GLY A 39 -7.66 3.66 -3.71
N LEU A 40 -7.50 4.90 -4.16
CA LEU A 40 -7.26 6.03 -3.27
C LEU A 40 -8.49 6.94 -3.22
N HIS A 41 -8.61 7.71 -2.14
CA HIS A 41 -9.72 8.63 -1.98
C HIS A 41 -9.40 9.70 -0.94
N GLY A 42 -9.05 10.89 -1.41
CA GLY A 42 -8.73 11.98 -0.51
C GLY A 42 -7.41 12.63 -0.85
N ASP A 43 -7.01 13.62 -0.05
CA ASP A 43 -5.77 14.34 -0.27
C ASP A 43 -4.59 13.59 0.34
N TYR A 44 -3.76 13.01 -0.51
CA TYR A 44 -2.60 12.25 -0.05
C TYR A 44 -1.41 12.46 -0.98
N ASP A 45 -0.28 12.86 -0.41
CA ASP A 45 0.94 13.09 -1.19
C ASP A 45 1.36 11.83 -1.92
N VAL A 46 2.50 11.90 -2.60
CA VAL A 46 3.02 10.76 -3.34
C VAL A 46 3.26 9.56 -2.43
N GLU A 47 3.90 9.82 -1.29
CA GLU A 47 4.18 8.76 -0.33
C GLU A 47 2.91 8.34 0.42
N SER A 48 2.22 9.32 0.98
CA SER A 48 0.99 9.05 1.72
C SER A 48 0.00 8.27 0.87
N GLY A 49 -0.26 8.78 -0.34
CA GLY A 49 -1.18 8.12 -1.23
C GLY A 49 -0.69 6.75 -1.68
N LEU A 50 0.61 6.65 -1.93
CA LEU A 50 1.21 5.39 -2.36
C LEU A 50 0.95 4.28 -1.34
N GLN A 51 1.30 4.55 -0.09
CA GLN A 51 1.11 3.57 0.98
C GLN A 51 -0.38 3.29 1.19
N GLN A 52 -1.22 4.25 0.84
CA GLN A 52 -2.65 4.10 1.00
C GLN A 52 -3.22 3.11 -0.03
N LEU A 53 -2.54 3.01 -1.17
CA LEU A 53 -2.97 2.10 -2.22
C LEU A 53 -2.63 0.66 -1.87
N LEU A 54 -1.36 0.40 -1.55
CA LEU A 54 -0.90 -0.92 -1.20
C LEU A 54 -1.29 -1.27 0.23
N ASP A 55 -1.84 -0.29 0.95
CA ASP A 55 -2.26 -0.48 2.33
C ASP A 55 -3.06 -1.77 2.48
N GLY A 56 -2.53 -2.71 3.24
CA GLY A 56 -3.20 -3.98 3.45
C GLY A 56 -2.28 -5.17 3.28
N SER A 57 -1.06 -4.92 2.83
CA SER A 57 -0.08 -5.98 2.63
C SER A 57 1.05 -5.86 3.64
N GLY A 58 1.53 -4.64 3.87
CA GLY A 58 2.60 -4.43 4.81
C GLY A 58 3.97 -4.70 4.22
N LEU A 59 4.58 -3.67 3.65
CA LEU A 59 5.90 -3.79 3.03
C LEU A 59 6.73 -2.52 3.23
N GLN A 60 7.98 -2.57 2.81
CA GLN A 60 8.88 -1.42 2.93
C GLN A 60 9.15 -0.80 1.58
N VAL A 61 9.29 0.52 1.55
CA VAL A 61 9.56 1.25 0.32
C VAL A 61 10.77 2.14 0.45
N LYS A 62 11.80 1.88 -0.37
CA LYS A 62 13.02 2.66 -0.34
C LYS A 62 13.39 3.14 -1.73
N PRO A 63 13.83 4.41 -1.82
CA PRO A 63 14.23 5.02 -3.10
C PRO A 63 15.52 4.42 -3.65
N LEU A 64 15.75 4.62 -4.94
CA LEU A 64 16.95 4.10 -5.59
C LEU A 64 17.71 5.21 -6.31
N GLY A 65 17.08 5.80 -7.32
CA GLY A 65 17.71 6.87 -8.06
C GLY A 65 16.79 8.05 -8.25
N ASN A 66 16.42 8.33 -9.50
CA ASN A 66 15.54 9.44 -9.81
C ASN A 66 14.12 9.20 -9.29
N ASN A 67 13.86 9.64 -8.07
CA ASN A 67 12.55 9.46 -7.45
C ASN A 67 12.01 8.06 -7.74
N SER A 68 12.91 7.08 -7.81
CA SER A 68 12.51 5.71 -8.07
C SER A 68 12.43 4.90 -6.78
N TRP A 69 11.22 4.50 -6.42
CA TRP A 69 11.01 3.72 -5.20
C TRP A 69 10.73 2.26 -5.53
N THR A 70 11.10 1.37 -4.62
CA THR A 70 10.90 -0.06 -4.81
C THR A 70 10.26 -0.69 -3.58
N LEU A 71 9.43 -1.70 -3.80
CA LEU A 71 8.76 -2.40 -2.71
C LEU A 71 9.45 -3.73 -2.40
N GLU A 72 9.43 -4.12 -1.13
CA GLU A 72 10.06 -5.37 -0.71
C GLU A 72 9.37 -5.91 0.55
N PRO A 73 9.54 -7.23 0.78
CA PRO A 73 8.94 -7.90 1.94
C PRO A 73 9.60 -7.49 3.25
N ALA A 74 8.79 -6.97 4.17
CA ALA A 74 9.30 -6.53 5.47
C ALA A 74 8.60 -7.27 6.61
N PRO A 75 9.23 -7.28 7.79
CA PRO A 75 8.68 -7.93 8.98
C PRO A 75 7.45 -7.23 9.52
N ALA A 76 6.74 -7.90 10.42
CA ALA A 76 5.53 -7.33 11.03
C ALA A 76 5.86 -6.05 11.79
N PRO A 77 4.82 -5.23 12.04
CA PRO A 77 4.97 -3.96 12.77
C PRO A 77 5.29 -4.18 14.24
N LYS A 78 5.68 -3.10 14.91
CA LYS A 78 6.01 -3.17 16.33
C LYS A 78 4.79 -2.88 17.19
N GLU A 79 3.62 -2.92 16.57
CA GLU A 79 2.37 -2.67 17.29
C GLU A 79 1.54 -3.94 17.39
N ASP A 80 0.62 -3.96 18.35
CA ASP A 80 -0.25 -5.12 18.55
C ASP A 80 -1.05 -5.43 17.29
N ALA A 81 -1.92 -6.43 17.39
CA ALA A 81 -2.76 -6.82 16.26
C ALA A 81 -4.14 -7.25 16.73
N LEU A 82 -4.92 -7.81 15.81
CA LEU A 82 -6.27 -8.25 16.12
C LEU A 82 -6.33 -9.77 16.30
N THR A 83 -5.49 -10.29 17.19
CA THR A 83 -5.43 -11.72 17.45
C THR A 83 -6.64 -12.17 18.26
N VAL A 84 -6.92 -13.47 18.24
CA VAL A 84 -8.04 -14.03 18.98
C VAL A 84 -7.99 -13.61 20.44
N VAL A 85 -9.09 -13.87 21.16
CA VAL A 85 -9.17 -13.53 22.57
C VAL A 85 -8.00 -14.11 23.35
N GLY A 86 -7.45 -13.33 24.28
CA GLY A 86 -6.34 -13.80 25.09
C GLY A 86 -5.87 -12.76 26.08
N ASP A 87 -5.52 -11.58 25.59
CA ASP A 87 -5.05 -10.50 26.44
C ASP A 87 -5.96 -9.29 26.33
N TRP A 88 -6.50 -9.07 25.14
CA TRP A 88 -7.39 -7.94 24.90
C TRP A 88 -6.69 -6.62 25.20
N LEU A 89 -6.18 -5.98 24.16
CA LEU A 89 -5.49 -4.69 24.31
C LEU A 89 -6.38 -3.53 23.88
N GLY A 90 -7.16 -3.01 24.82
CA GLY A 90 -8.04 -1.90 24.52
C GLY A 90 -7.28 -0.67 24.06
N ASP A 91 -7.56 -0.23 22.83
CA ASP A 91 -6.91 0.94 22.27
C ASP A 91 -7.91 2.05 21.99
N ALA A 92 -8.68 2.41 23.02
CA ALA A 92 -9.69 3.46 22.89
C ALA A 92 -9.06 4.84 23.05
N ARG A 93 -9.59 5.81 22.32
CA ARG A 93 -9.09 7.19 22.38
C ARG A 93 -9.92 8.03 23.34
N GLU A 94 -9.41 9.22 23.66
CA GLU A 94 -10.11 10.12 24.58
C GLU A 94 -11.03 11.07 23.80
N ASN A 95 -11.80 11.86 24.54
CA ASN A 95 -12.73 12.81 23.93
C ASN A 95 -12.68 14.16 24.65
N ASP A 96 -13.48 15.10 24.18
CA ASP A 96 -13.53 16.43 24.79
C ASP A 96 -14.50 16.46 25.97
N LEU A 97 -14.67 17.64 26.56
CA LEU A 97 -15.57 17.80 27.69
C LEU A 97 -16.32 19.12 27.60
N GLU A 98 -17.24 19.33 28.55
CA GLU A 98 -18.03 20.56 28.59
C GLU A 98 -17.57 21.48 29.72
N HIS A 99 -18.23 22.62 29.85
CA HIS A 99 -17.88 23.58 30.88
C HIS A 99 -19.01 23.70 31.91
N HIS A 100 -18.83 24.58 32.89
CA HIS A 100 -19.83 24.79 33.93
C HIS A 100 -20.07 26.27 34.16
N HIS A 101 -20.98 26.59 35.08
CA HIS A 101 -21.30 27.97 35.40
C HIS A 101 -22.17 28.05 36.66
N HIS A 102 -21.78 28.92 37.58
CA HIS A 102 -22.52 29.09 38.83
C HIS A 102 -22.89 30.56 39.04
N HIS A 103 -23.89 30.79 39.89
CA HIS A 103 -24.34 32.14 40.19
C HIS A 103 -23.25 32.94 40.91
N HIS A 104 -23.17 34.23 40.60
CA HIS A 104 -22.18 35.10 41.22
C HIS A 104 -22.27 35.03 42.74
N ALA A 1 -3.22 16.62 -1.88
CA ALA A 1 -3.67 16.49 -3.27
C ALA A 1 -4.75 15.41 -3.39
N GLN A 2 -6.01 15.86 -3.46
CA GLN A 2 -7.13 14.93 -3.57
C GLN A 2 -6.95 14.01 -4.77
N VAL A 3 -6.92 12.71 -4.50
CA VAL A 3 -6.75 11.71 -5.56
C VAL A 3 -7.70 10.53 -5.36
N ASN A 4 -8.54 10.29 -6.36
CA ASN A 4 -9.51 9.19 -6.30
C ASN A 4 -9.24 8.17 -7.40
N ILE A 5 -8.91 6.95 -7.02
CA ILE A 5 -8.63 5.90 -7.98
C ILE A 5 -9.50 4.67 -7.71
N ALA A 6 -10.02 4.07 -8.77
CA ALA A 6 -10.86 2.89 -8.64
C ALA A 6 -10.02 1.62 -8.65
N PRO A 7 -10.29 0.72 -7.68
CA PRO A 7 -9.57 -0.55 -7.56
C PRO A 7 -9.91 -1.52 -8.68
N GLY A 8 -9.64 -2.81 -8.46
CA GLY A 8 -9.93 -3.81 -9.45
C GLY A 8 -8.67 -4.32 -10.13
N SER A 9 -7.54 -3.69 -9.84
CA SER A 9 -6.27 -4.08 -10.43
C SER A 9 -5.13 -3.21 -9.90
N LEU A 10 -4.17 -3.84 -9.22
CA LEU A 10 -3.03 -3.12 -8.67
C LEU A 10 -2.25 -2.41 -9.76
N ASP A 11 -2.17 -3.05 -10.93
CA ASP A 11 -1.45 -2.49 -12.07
C ASP A 11 -1.98 -1.10 -12.42
N LYS A 12 -3.30 -0.99 -12.51
CA LYS A 12 -3.94 0.28 -12.84
C LYS A 12 -3.79 1.28 -11.69
N ALA A 13 -4.24 0.88 -10.50
CA ALA A 13 -4.15 1.74 -9.33
C ALA A 13 -2.74 2.28 -9.15
N LEU A 14 -1.74 1.46 -9.45
CA LEU A 14 -0.35 1.86 -9.33
C LEU A 14 -0.02 2.99 -10.29
N ASN A 15 -0.42 2.83 -11.55
CA ASN A 15 -0.16 3.84 -12.57
C ASN A 15 -1.01 5.09 -12.32
N GLN A 16 -2.20 4.88 -11.77
CA GLN A 16 -3.11 5.98 -11.48
C GLN A 16 -2.47 6.98 -10.53
N TYR A 17 -2.03 6.49 -9.38
CA TYR A 17 -1.40 7.34 -8.38
C TYR A 17 -0.01 7.78 -8.83
N ALA A 18 0.70 6.86 -9.50
CA ALA A 18 2.04 7.15 -9.99
C ALA A 18 2.03 8.30 -10.99
N ALA A 19 0.95 8.41 -11.74
CA ALA A 19 0.81 9.47 -12.73
C ALA A 19 0.43 10.79 -12.08
N HIS A 20 -0.26 10.71 -10.95
CA HIS A 20 -0.68 11.91 -10.22
C HIS A 20 0.49 12.51 -9.45
N SER A 21 1.45 11.67 -9.10
CA SER A 21 2.62 12.13 -8.35
C SER A 21 3.68 12.69 -9.30
N GLY A 22 4.16 11.84 -10.20
CA GLY A 22 5.18 12.28 -11.15
C GLY A 22 6.52 11.62 -10.90
N PHE A 23 6.50 10.46 -10.26
CA PHE A 23 7.73 9.73 -9.96
C PHE A 23 7.70 8.33 -10.57
N THR A 24 8.84 7.65 -10.54
CA THR A 24 8.95 6.30 -11.08
C THR A 24 9.00 5.26 -9.98
N LEU A 25 8.51 4.06 -10.27
CA LEU A 25 8.50 2.98 -9.30
C LEU A 25 8.87 1.65 -9.97
N SER A 26 9.74 0.89 -9.31
CA SER A 26 10.16 -0.40 -9.83
C SER A 26 9.83 -1.53 -8.87
N VAL A 27 8.78 -2.28 -9.18
CA VAL A 27 8.34 -3.38 -8.33
C VAL A 27 8.09 -4.64 -9.17
N ASP A 28 8.53 -5.78 -8.65
CA ASP A 28 8.36 -7.06 -9.34
C ASP A 28 6.87 -7.39 -9.48
N ALA A 29 6.30 -7.03 -10.62
CA ALA A 29 4.88 -7.30 -10.88
C ALA A 29 4.66 -8.77 -11.20
N SER A 30 5.75 -9.52 -11.32
CA SER A 30 5.67 -10.94 -11.64
C SER A 30 4.79 -11.67 -10.63
N LEU A 31 5.06 -11.45 -9.34
CA LEU A 31 4.28 -12.09 -8.28
C LEU A 31 3.02 -11.30 -7.99
N THR A 32 3.13 -9.98 -7.93
CA THR A 32 2.00 -9.11 -7.65
C THR A 32 0.88 -9.36 -8.65
N ARG A 33 1.24 -9.61 -9.91
CA ARG A 33 0.26 -9.86 -10.96
C ARG A 33 -0.74 -10.93 -10.53
N GLY A 34 -2.02 -10.65 -10.73
CA GLY A 34 -3.05 -11.60 -10.36
C GLY A 34 -3.87 -11.14 -9.18
N LYS A 35 -3.31 -10.25 -8.37
CA LYS A 35 -4.00 -9.72 -7.20
C LYS A 35 -4.52 -8.32 -7.47
N GLN A 36 -5.26 -7.77 -6.51
CA GLN A 36 -5.81 -6.44 -6.64
C GLN A 36 -5.27 -5.50 -5.56
N SER A 37 -5.69 -4.24 -5.61
CA SER A 37 -5.24 -3.25 -4.64
C SER A 37 -6.32 -2.20 -4.39
N ASN A 38 -6.41 -1.75 -3.14
CA ASN A 38 -7.41 -0.75 -2.76
C ASN A 38 -7.05 0.61 -3.34
N GLY A 39 -7.94 1.16 -4.16
CA GLY A 39 -7.70 2.46 -4.75
C GLY A 39 -7.48 3.54 -3.71
N LEU A 40 -7.35 4.78 -4.17
CA LEU A 40 -7.13 5.91 -3.27
C LEU A 40 -8.38 6.78 -3.18
N HIS A 41 -8.47 7.54 -2.09
CA HIS A 41 -9.63 8.42 -1.87
C HIS A 41 -9.29 9.51 -0.84
N GLY A 42 -9.00 10.71 -1.34
CA GLY A 42 -8.67 11.81 -0.46
C GLY A 42 -7.35 12.46 -0.81
N ASP A 43 -6.91 13.41 0.00
CA ASP A 43 -5.67 14.12 -0.24
C ASP A 43 -4.50 13.37 0.40
N TYR A 44 -3.57 12.92 -0.44
CA TYR A 44 -2.40 12.19 0.03
C TYR A 44 -1.21 12.39 -0.91
N ASP A 45 -0.07 12.75 -0.33
CA ASP A 45 1.14 12.98 -1.12
C ASP A 45 1.55 11.72 -1.87
N VAL A 46 2.69 11.77 -2.53
CA VAL A 46 3.19 10.63 -3.29
C VAL A 46 3.43 9.43 -2.38
N GLU A 47 4.08 9.66 -1.24
CA GLU A 47 4.36 8.59 -0.29
C GLU A 47 3.09 8.18 0.44
N SER A 48 2.40 9.14 1.04
CA SER A 48 1.17 8.87 1.77
C SER A 48 0.17 8.14 0.90
N GLY A 49 -0.07 8.68 -0.29
CA GLY A 49 -1.02 8.07 -1.21
C GLY A 49 -0.58 6.69 -1.66
N LEU A 50 0.70 6.57 -2.01
CA LEU A 50 1.24 5.30 -2.47
C LEU A 50 0.93 4.18 -1.48
N GLN A 51 1.29 4.40 -0.22
CA GLN A 51 1.06 3.42 0.83
C GLN A 51 -0.44 3.19 1.03
N GLN A 52 -1.23 4.21 0.69
CA GLN A 52 -2.68 4.12 0.84
C GLN A 52 -3.29 3.20 -0.21
N LEU A 53 -2.62 3.10 -1.36
CA LEU A 53 -3.09 2.26 -2.45
C LEU A 53 -2.86 0.79 -2.14
N LEU A 54 -1.62 0.44 -1.82
CA LEU A 54 -1.27 -0.93 -1.49
C LEU A 54 -1.63 -1.26 -0.05
N ASP A 55 -2.14 -0.27 0.68
CA ASP A 55 -2.53 -0.45 2.07
C ASP A 55 -3.34 -1.74 2.24
N GLY A 56 -3.00 -2.52 3.26
CA GLY A 56 -3.69 -3.76 3.51
C GLY A 56 -2.76 -4.96 3.57
N SER A 57 -1.52 -4.76 3.11
CA SER A 57 -0.53 -5.82 3.10
C SER A 57 0.57 -5.55 4.13
N GLY A 58 1.30 -4.46 3.93
CA GLY A 58 2.36 -4.11 4.85
C GLY A 58 3.73 -4.38 4.27
N LEU A 59 4.30 -3.39 3.60
CA LEU A 59 5.62 -3.54 2.99
C LEU A 59 6.44 -2.26 3.16
N GLN A 60 7.71 -2.31 2.77
CA GLN A 60 8.59 -1.17 2.88
C GLN A 60 8.91 -0.59 1.50
N VAL A 61 9.05 0.73 1.44
CA VAL A 61 9.36 1.40 0.18
C VAL A 61 10.55 2.34 0.33
N LYS A 62 11.57 2.13 -0.48
CA LYS A 62 12.77 2.95 -0.44
C LYS A 62 13.22 3.34 -1.85
N PRO A 63 13.71 4.58 -2.01
CA PRO A 63 14.19 5.09 -3.29
C PRO A 63 15.48 4.42 -3.74
N LEU A 64 15.77 4.52 -5.03
CA LEU A 64 16.98 3.92 -5.59
C LEU A 64 17.82 4.97 -6.32
N GLY A 65 17.24 5.54 -7.37
CA GLY A 65 17.95 6.56 -8.14
C GLY A 65 17.08 7.77 -8.44
N ASN A 66 16.78 7.96 -9.72
CA ASN A 66 15.94 9.08 -10.14
C ASN A 66 14.51 8.93 -9.65
N ASN A 67 14.26 9.39 -8.42
CA ASN A 67 12.94 9.30 -7.83
C ASN A 67 12.32 7.92 -8.07
N SER A 68 13.18 6.91 -8.13
CA SER A 68 12.73 5.54 -8.34
C SER A 68 12.55 4.79 -7.03
N TRP A 69 11.31 4.43 -6.70
CA TRP A 69 11.02 3.72 -5.48
C TRP A 69 10.70 2.25 -5.75
N THR A 70 11.02 1.39 -4.79
CA THR A 70 10.77 -0.04 -4.94
C THR A 70 10.13 -0.62 -3.67
N LEU A 71 9.36 -1.68 -3.84
CA LEU A 71 8.70 -2.33 -2.71
C LEU A 71 9.45 -3.59 -2.29
N GLU A 72 9.46 -3.87 -0.99
CA GLU A 72 10.14 -5.04 -0.46
C GLU A 72 9.34 -5.67 0.67
N PRO A 73 9.58 -6.97 0.90
CA PRO A 73 8.89 -7.72 1.96
C PRO A 73 9.30 -7.29 3.35
N ALA A 74 8.33 -6.86 4.15
CA ALA A 74 8.60 -6.42 5.52
C ALA A 74 7.93 -7.33 6.53
N PRO A 75 8.41 -7.29 7.78
CA PRO A 75 7.87 -8.09 8.87
C PRO A 75 6.47 -7.65 9.30
N ALA A 76 5.80 -8.49 10.08
CA ALA A 76 4.46 -8.18 10.55
C ALA A 76 4.50 -7.21 11.73
N PRO A 77 3.37 -6.55 11.99
CA PRO A 77 3.25 -5.59 13.09
C PRO A 77 3.29 -6.26 14.47
N LYS A 78 3.44 -5.46 15.51
CA LYS A 78 3.49 -5.98 16.87
C LYS A 78 2.26 -6.83 17.18
N GLU A 79 1.10 -6.16 17.25
CA GLU A 79 -0.15 -6.85 17.53
C GLU A 79 -1.26 -6.36 16.61
N ASP A 80 -0.98 -6.38 15.31
CA ASP A 80 -1.97 -5.94 14.32
C ASP A 80 -2.39 -4.51 14.58
N ALA A 81 -1.44 -3.66 14.97
CA ALA A 81 -1.72 -2.26 15.25
C ALA A 81 -1.28 -1.38 14.10
N LEU A 82 -0.20 -1.76 13.44
CA LEU A 82 0.33 -0.99 12.32
C LEU A 82 0.60 0.46 12.72
N THR A 83 1.55 0.64 13.62
CA THR A 83 1.91 1.97 14.09
C THR A 83 2.68 2.75 13.03
N VAL A 84 2.79 4.06 13.22
CA VAL A 84 3.49 4.91 12.27
C VAL A 84 4.48 5.83 12.99
N VAL A 85 5.37 6.46 12.22
CA VAL A 85 6.36 7.36 12.78
C VAL A 85 6.59 8.56 11.86
N GLY A 86 6.74 9.74 12.46
CA GLY A 86 6.97 10.94 11.68
C GLY A 86 6.91 12.20 12.52
N ASP A 87 5.70 12.61 12.88
CA ASP A 87 5.51 13.81 13.68
C ASP A 87 5.13 13.45 15.12
N TRP A 88 5.24 14.41 16.03
CA TRP A 88 4.90 14.18 17.42
C TRP A 88 3.78 15.12 17.87
N LEU A 89 2.84 15.38 16.97
CA LEU A 89 1.72 16.26 17.27
C LEU A 89 2.20 17.61 17.78
N GLY A 90 3.24 18.15 17.15
CA GLY A 90 3.78 19.42 17.55
C GLY A 90 3.25 20.57 16.72
N ASP A 91 3.61 20.57 15.43
CA ASP A 91 3.16 21.62 14.52
C ASP A 91 2.09 21.09 13.56
N ALA A 92 1.32 20.12 14.03
CA ALA A 92 0.27 19.53 13.21
C ALA A 92 -0.93 20.46 13.11
N ARG A 93 -1.49 20.58 11.91
CA ARG A 93 -2.65 21.43 11.68
C ARG A 93 -3.66 20.75 10.78
N GLU A 94 -4.94 20.96 11.06
CA GLU A 94 -6.00 20.35 10.28
C GLU A 94 -7.04 21.41 9.86
N ASN A 95 -7.63 21.22 8.69
CA ASN A 95 -8.63 22.15 8.18
C ASN A 95 -9.52 21.47 7.13
N ASP A 96 -10.79 21.84 7.13
CA ASP A 96 -11.74 21.28 6.18
C ASP A 96 -12.59 22.38 5.54
N LEU A 97 -12.87 22.22 4.25
CA LEU A 97 -13.68 23.20 3.52
C LEU A 97 -15.14 22.78 3.49
N GLU A 98 -15.99 23.56 4.17
CA GLU A 98 -17.41 23.26 4.22
C GLU A 98 -18.16 24.02 3.12
N HIS A 99 -18.21 23.45 1.93
CA HIS A 99 -18.89 24.08 0.80
C HIS A 99 -20.21 23.38 0.51
N HIS A 100 -21.08 24.05 -0.24
CA HIS A 100 -22.38 23.49 -0.60
C HIS A 100 -22.71 23.76 -2.06
N HIS A 101 -23.85 23.26 -2.51
CA HIS A 101 -24.28 23.45 -3.89
C HIS A 101 -25.77 23.12 -4.05
N HIS A 102 -26.33 23.50 -5.19
CA HIS A 102 -27.73 23.25 -5.47
C HIS A 102 -27.90 22.30 -6.66
N HIS A 103 -28.91 21.44 -6.58
CA HIS A 103 -29.18 20.48 -7.65
C HIS A 103 -30.67 20.38 -7.93
N HIS A 104 -31.02 19.71 -9.02
CA HIS A 104 -32.42 19.54 -9.40
C HIS A 104 -33.15 18.66 -8.40
N ALA A 1 -4.44 17.91 -2.91
CA ALA A 1 -3.83 16.72 -3.50
C ALA A 1 -4.84 15.58 -3.59
N GLN A 2 -6.12 15.92 -3.70
CA GLN A 2 -7.18 14.93 -3.79
C GLN A 2 -6.88 13.92 -4.90
N VAL A 3 -6.79 12.64 -4.52
CA VAL A 3 -6.51 11.57 -5.47
C VAL A 3 -7.47 10.41 -5.30
N ASN A 4 -8.27 10.14 -6.32
CA ASN A 4 -9.24 9.06 -6.28
C ASN A 4 -8.94 8.02 -7.35
N ILE A 5 -8.69 6.79 -6.93
CA ILE A 5 -8.39 5.70 -7.86
C ILE A 5 -9.30 4.50 -7.62
N ALA A 6 -9.80 3.91 -8.70
CA ALA A 6 -10.67 2.75 -8.60
C ALA A 6 -9.87 1.46 -8.56
N PRO A 7 -10.19 0.59 -7.59
CA PRO A 7 -9.51 -0.70 -7.41
C PRO A 7 -9.85 -1.68 -8.52
N GLY A 8 -9.54 -2.95 -8.29
CA GLY A 8 -9.81 -3.97 -9.29
C GLY A 8 -8.57 -4.39 -10.05
N SER A 9 -7.43 -3.83 -9.67
CA SER A 9 -6.16 -4.15 -10.32
C SER A 9 -5.02 -3.35 -9.71
N LEU A 10 -4.01 -4.06 -9.22
CA LEU A 10 -2.85 -3.42 -8.61
C LEU A 10 -2.07 -2.61 -9.64
N ASP A 11 -1.88 -3.18 -10.82
CA ASP A 11 -1.15 -2.52 -11.88
C ASP A 11 -1.81 -1.20 -12.26
N LYS A 12 -3.14 -1.23 -12.40
CA LYS A 12 -3.90 -0.03 -12.74
C LYS A 12 -3.69 1.07 -11.71
N ALA A 13 -3.99 0.76 -10.46
CA ALA A 13 -3.83 1.72 -9.37
C ALA A 13 -2.42 2.28 -9.32
N LEU A 14 -1.44 1.41 -9.59
CA LEU A 14 -0.04 1.81 -9.57
C LEU A 14 0.20 2.96 -10.54
N ASN A 15 -0.21 2.78 -11.79
CA ASN A 15 -0.03 3.81 -12.81
C ASN A 15 -0.91 5.03 -12.51
N GLN A 16 -2.07 4.78 -11.91
CA GLN A 16 -3.00 5.85 -11.57
C GLN A 16 -2.34 6.84 -10.61
N TYR A 17 -1.87 6.33 -9.48
CA TYR A 17 -1.23 7.18 -8.48
C TYR A 17 0.15 7.64 -8.95
N ALA A 18 0.84 6.76 -9.65
CA ALA A 18 2.18 7.08 -10.17
C ALA A 18 2.12 8.26 -11.13
N ALA A 19 1.10 8.29 -11.97
CA ALA A 19 0.94 9.37 -12.94
C ALA A 19 0.46 10.64 -12.26
N HIS A 20 -0.19 10.49 -11.11
CA HIS A 20 -0.70 11.63 -10.36
C HIS A 20 0.43 12.35 -9.63
N SER A 21 1.49 11.61 -9.32
CA SER A 21 2.63 12.17 -8.62
C SER A 21 3.67 12.69 -9.61
N GLY A 22 4.27 11.79 -10.37
CA GLY A 22 5.28 12.17 -11.33
C GLY A 22 6.62 11.52 -11.08
N PHE A 23 6.60 10.42 -10.34
CA PHE A 23 7.83 9.70 -10.01
C PHE A 23 7.78 8.28 -10.57
N THR A 24 8.92 7.59 -10.51
CA THR A 24 9.02 6.22 -11.01
C THR A 24 9.03 5.22 -9.87
N LEU A 25 8.48 4.04 -10.13
CA LEU A 25 8.43 2.98 -9.12
C LEU A 25 8.76 1.62 -9.73
N SER A 26 9.53 0.82 -9.01
CA SER A 26 9.92 -0.51 -9.49
C SER A 26 9.50 -1.58 -8.49
N VAL A 27 8.42 -2.29 -8.82
CA VAL A 27 7.91 -3.36 -7.96
C VAL A 27 7.65 -4.63 -8.75
N ASP A 28 8.02 -5.77 -8.17
CA ASP A 28 7.82 -7.06 -8.83
C ASP A 28 6.35 -7.26 -9.17
N ALA A 29 5.98 -6.99 -10.42
CA ALA A 29 4.61 -7.15 -10.87
C ALA A 29 4.28 -8.61 -11.13
N SER A 30 5.24 -9.49 -10.82
CA SER A 30 5.05 -10.92 -11.03
C SER A 30 3.70 -11.38 -10.47
N LEU A 31 3.41 -10.97 -9.24
CA LEU A 31 2.16 -11.35 -8.58
C LEU A 31 1.04 -10.41 -8.99
N THR A 32 1.41 -9.21 -9.41
CA THR A 32 0.43 -8.20 -9.83
C THR A 32 -0.45 -8.73 -10.95
N ARG A 33 0.07 -9.67 -11.73
CA ARG A 33 -0.67 -10.26 -12.84
C ARG A 33 -2.05 -10.71 -12.38
N GLY A 34 -2.14 -11.14 -11.12
CA GLY A 34 -3.41 -11.60 -10.60
C GLY A 34 -3.77 -10.91 -9.28
N LYS A 35 -2.81 -10.17 -8.73
CA LYS A 35 -3.03 -9.47 -7.48
C LYS A 35 -3.75 -8.14 -7.71
N GLN A 36 -4.29 -7.57 -6.64
CA GLN A 36 -5.01 -6.30 -6.74
C GLN A 36 -4.54 -5.32 -5.66
N SER A 37 -5.11 -4.13 -5.66
CA SER A 37 -4.74 -3.10 -4.68
C SER A 37 -5.96 -2.26 -4.31
N ASN A 38 -5.90 -1.64 -3.14
CA ASN A 38 -7.00 -0.80 -2.66
C ASN A 38 -6.90 0.60 -3.27
N GLY A 39 -7.96 1.01 -3.95
CA GLY A 39 -7.98 2.32 -4.57
C GLY A 39 -7.74 3.43 -3.57
N LEU A 40 -7.58 4.65 -4.07
CA LEU A 40 -7.34 5.81 -3.21
C LEU A 40 -8.55 6.72 -3.16
N HIS A 41 -8.66 7.50 -2.10
CA HIS A 41 -9.78 8.43 -1.94
C HIS A 41 -9.45 9.50 -0.88
N GLY A 42 -9.10 10.69 -1.36
CA GLY A 42 -8.77 11.77 -0.46
C GLY A 42 -7.45 12.43 -0.81
N ASP A 43 -7.08 13.45 -0.04
CA ASP A 43 -5.84 14.18 -0.28
C ASP A 43 -4.65 13.42 0.32
N TYR A 44 -3.83 12.85 -0.55
CA TYR A 44 -2.66 12.09 -0.11
C TYR A 44 -1.47 12.33 -1.04
N ASP A 45 -0.35 12.76 -0.47
CA ASP A 45 0.85 13.03 -1.23
C ASP A 45 1.31 11.78 -1.98
N VAL A 46 2.47 11.88 -2.64
CA VAL A 46 3.01 10.76 -3.39
C VAL A 46 3.26 9.56 -2.49
N GLU A 47 3.88 9.81 -1.34
CA GLU A 47 4.18 8.75 -0.39
C GLU A 47 2.91 8.30 0.35
N SER A 48 2.19 9.26 0.90
CA SER A 48 0.96 8.98 1.63
C SER A 48 -0.01 8.17 0.77
N GLY A 49 -0.26 8.65 -0.44
CA GLY A 49 -1.16 7.97 -1.35
C GLY A 49 -0.65 6.60 -1.75
N LEU A 50 0.64 6.51 -2.03
CA LEU A 50 1.25 5.25 -2.42
C LEU A 50 1.03 4.17 -1.36
N GLN A 51 1.39 4.50 -0.13
CA GLN A 51 1.23 3.56 0.99
C GLN A 51 -0.23 3.23 1.21
N GLN A 52 -1.12 4.13 0.79
CA GLN A 52 -2.56 3.93 0.94
C GLN A 52 -3.07 2.91 -0.07
N LEU A 53 -2.38 2.79 -1.19
CA LEU A 53 -2.77 1.85 -2.23
C LEU A 53 -2.44 0.41 -1.82
N LEU A 54 -1.19 0.16 -1.49
CA LEU A 54 -0.76 -1.16 -1.06
C LEU A 54 -1.12 -1.41 0.40
N ASP A 55 -1.64 -0.39 1.06
CA ASP A 55 -2.04 -0.51 2.46
C ASP A 55 -2.89 -1.75 2.69
N GLY A 56 -2.38 -2.67 3.49
CA GLY A 56 -3.11 -3.91 3.76
C GLY A 56 -2.18 -5.10 3.96
N SER A 57 -1.05 -5.09 3.26
CA SER A 57 -0.09 -6.17 3.35
C SER A 57 1.05 -5.81 4.30
N GLY A 58 1.46 -4.54 4.28
CA GLY A 58 2.53 -4.09 5.14
C GLY A 58 3.90 -4.36 4.55
N LEU A 59 4.43 -3.36 3.83
CA LEU A 59 5.74 -3.50 3.21
C LEU A 59 6.56 -2.22 3.39
N GLN A 60 7.82 -2.27 2.96
CA GLN A 60 8.70 -1.12 3.07
C GLN A 60 8.99 -0.52 1.70
N VAL A 61 9.14 0.81 1.66
CA VAL A 61 9.41 1.50 0.41
C VAL A 61 10.65 2.38 0.53
N LYS A 62 11.66 2.09 -0.28
CA LYS A 62 12.90 2.86 -0.26
C LYS A 62 13.31 3.25 -1.68
N PRO A 63 13.84 4.48 -1.83
CA PRO A 63 14.29 4.99 -3.12
C PRO A 63 15.55 4.29 -3.63
N LEU A 64 15.80 4.41 -4.92
CA LEU A 64 16.97 3.78 -5.53
C LEU A 64 17.84 4.82 -6.24
N GLY A 65 17.26 5.46 -7.26
CA GLY A 65 18.00 6.46 -8.01
C GLY A 65 17.18 7.74 -8.22
N ASN A 66 16.83 8.00 -9.48
CA ASN A 66 16.05 9.18 -9.82
C ASN A 66 14.61 9.03 -9.37
N ASN A 67 14.32 9.49 -8.16
CA ASN A 67 12.97 9.40 -7.62
C ASN A 67 12.36 8.03 -7.88
N SER A 68 13.21 7.01 -7.90
CA SER A 68 12.76 5.64 -8.15
C SER A 68 12.58 4.89 -6.83
N TRP A 69 11.34 4.56 -6.51
CA TRP A 69 11.03 3.84 -5.28
C TRP A 69 10.71 2.38 -5.58
N THR A 70 10.95 1.51 -4.60
CA THR A 70 10.69 0.09 -4.76
C THR A 70 10.03 -0.49 -3.51
N LEU A 71 9.21 -1.52 -3.70
CA LEU A 71 8.52 -2.16 -2.59
C LEU A 71 9.16 -3.50 -2.24
N GLU A 72 9.41 -3.71 -0.96
CA GLU A 72 10.03 -4.94 -0.49
C GLU A 72 9.28 -5.51 0.72
N PRO A 73 9.41 -6.82 0.94
CA PRO A 73 8.76 -7.50 2.05
C PRO A 73 9.36 -7.12 3.40
N ALA A 74 8.52 -6.61 4.29
CA ALA A 74 8.97 -6.21 5.62
C ALA A 74 8.30 -7.05 6.71
N PRO A 75 8.92 -7.08 7.90
CA PRO A 75 8.40 -7.84 9.04
C PRO A 75 7.12 -7.24 9.61
N ALA A 76 6.44 -8.00 10.46
CA ALA A 76 5.20 -7.54 11.07
C ALA A 76 5.39 -6.18 11.73
N PRO A 77 4.27 -5.48 11.97
CA PRO A 77 4.28 -4.16 12.60
C PRO A 77 4.66 -4.22 14.07
N LYS A 78 4.96 -3.06 14.65
CA LYS A 78 5.34 -2.99 16.06
C LYS A 78 4.32 -2.17 16.86
N GLU A 79 3.09 -2.14 16.37
CA GLU A 79 2.02 -1.41 17.05
C GLU A 79 0.67 -1.69 16.39
N ASP A 80 -0.41 -1.44 17.14
CA ASP A 80 -1.75 -1.67 16.64
C ASP A 80 -2.31 -0.41 15.98
N ALA A 81 -1.67 0.02 14.90
CA ALA A 81 -2.10 1.22 14.18
C ALA A 81 -2.31 0.92 12.69
N LEU A 82 -3.54 0.60 12.33
CA LEU A 82 -3.87 0.29 10.94
C LEU A 82 -5.32 0.64 10.64
N THR A 83 -5.54 1.24 9.47
CA THR A 83 -6.88 1.63 9.06
C THR A 83 -7.27 0.98 7.73
N VAL A 84 -8.56 0.98 7.42
CA VAL A 84 -9.05 0.40 6.18
C VAL A 84 -10.06 1.32 5.50
N VAL A 85 -10.03 1.34 4.17
CA VAL A 85 -10.94 2.17 3.40
C VAL A 85 -11.74 1.34 2.40
N GLY A 86 -12.57 2.01 1.62
CA GLY A 86 -13.38 1.31 0.63
C GLY A 86 -13.67 2.16 -0.60
N ASP A 87 -13.92 1.50 -1.72
CA ASP A 87 -14.21 2.21 -2.96
C ASP A 87 -14.94 1.30 -3.95
N TRP A 88 -15.74 1.90 -4.82
CA TRP A 88 -16.48 1.13 -5.82
C TRP A 88 -15.56 0.60 -6.91
N LEU A 89 -15.90 -0.57 -7.45
CA LEU A 89 -15.10 -1.18 -8.50
C LEU A 89 -14.87 -0.20 -9.65
N GLY A 90 -15.94 0.20 -10.31
CA GLY A 90 -15.83 1.13 -11.42
C GLY A 90 -15.66 0.43 -12.74
N ASP A 91 -16.19 1.03 -13.80
CA ASP A 91 -16.10 0.46 -15.14
C ASP A 91 -15.38 1.41 -16.09
N ALA A 92 -14.06 1.41 -16.05
CA ALA A 92 -13.26 2.28 -16.90
C ALA A 92 -12.28 1.46 -17.74
N ARG A 93 -12.14 1.83 -19.00
CA ARG A 93 -11.23 1.13 -19.91
C ARG A 93 -10.56 2.11 -20.87
N GLU A 94 -9.31 1.82 -21.22
CA GLU A 94 -8.56 2.68 -22.13
C GLU A 94 -7.24 2.02 -22.54
N ASN A 95 -6.99 1.98 -23.84
CA ASN A 95 -5.75 1.39 -24.35
C ASN A 95 -5.63 1.61 -25.85
N ASP A 96 -4.43 1.99 -26.29
CA ASP A 96 -4.18 2.24 -27.70
C ASP A 96 -2.68 2.13 -28.01
N LEU A 97 -2.33 1.13 -28.82
CA LEU A 97 -0.93 0.91 -29.19
C LEU A 97 -0.83 -0.07 -30.35
N GLU A 98 -0.33 0.42 -31.48
CA GLU A 98 -0.17 -0.42 -32.67
C GLU A 98 0.77 0.24 -33.68
N HIS A 99 1.92 -0.38 -33.89
CA HIS A 99 2.90 0.15 -34.83
C HIS A 99 3.75 -0.97 -35.43
N HIS A 100 4.20 -0.78 -36.67
CA HIS A 100 5.02 -1.78 -37.35
C HIS A 100 6.48 -1.65 -36.95
N HIS A 101 7.14 -0.61 -37.48
CA HIS A 101 8.55 -0.37 -37.18
C HIS A 101 8.92 1.09 -37.44
N HIS A 102 10.15 1.44 -37.14
CA HIS A 102 10.63 2.81 -37.34
C HIS A 102 11.10 3.02 -38.78
N HIS A 103 10.98 4.25 -39.26
CA HIS A 103 11.38 4.58 -40.62
C HIS A 103 12.68 5.39 -40.62
N HIS A 104 13.77 4.77 -41.06
CA HIS A 104 15.06 5.44 -41.12
C HIS A 104 15.04 6.59 -42.11
N ALA A 1 -3.70 17.24 -2.36
CA ALA A 1 -3.91 16.72 -3.71
C ALA A 1 -4.89 15.55 -3.70
N GLN A 2 -6.17 15.86 -3.81
CA GLN A 2 -7.22 14.84 -3.82
C GLN A 2 -7.00 13.86 -4.96
N VAL A 3 -6.91 12.58 -4.64
CA VAL A 3 -6.71 11.54 -5.64
C VAL A 3 -7.72 10.41 -5.47
N ASN A 4 -8.50 10.15 -6.52
CA ASN A 4 -9.50 9.10 -6.48
C ASN A 4 -9.21 8.04 -7.54
N ILE A 5 -8.95 6.82 -7.10
CA ILE A 5 -8.66 5.72 -8.00
C ILE A 5 -9.54 4.51 -7.70
N ALA A 6 -10.05 3.88 -8.76
CA ALA A 6 -10.90 2.71 -8.60
C ALA A 6 -10.08 1.42 -8.54
N PRO A 7 -10.38 0.58 -7.55
CA PRO A 7 -9.67 -0.69 -7.36
C PRO A 7 -9.99 -1.71 -8.45
N GLY A 8 -9.65 -2.96 -8.21
CA GLY A 8 -9.91 -4.01 -9.19
C GLY A 8 -8.65 -4.39 -9.96
N SER A 9 -7.52 -3.82 -9.57
CA SER A 9 -6.26 -4.10 -10.24
C SER A 9 -5.12 -3.30 -9.61
N LEU A 10 -4.10 -4.02 -9.11
CA LEU A 10 -2.96 -3.39 -8.48
C LEU A 10 -2.13 -2.62 -9.51
N ASP A 11 -2.03 -3.17 -10.72
CA ASP A 11 -1.28 -2.53 -11.79
C ASP A 11 -1.95 -1.25 -12.24
N LYS A 12 -3.28 -1.28 -12.35
CA LYS A 12 -4.04 -0.12 -12.78
C LYS A 12 -3.85 1.05 -11.82
N ALA A 13 -4.16 0.81 -10.55
CA ALA A 13 -4.02 1.84 -9.52
C ALA A 13 -2.59 2.35 -9.45
N LEU A 14 -1.63 1.45 -9.63
CA LEU A 14 -0.22 1.81 -9.60
C LEU A 14 0.09 2.94 -10.57
N ASN A 15 -0.39 2.79 -11.81
CA ASN A 15 -0.17 3.81 -12.84
C ASN A 15 -1.02 5.05 -12.56
N GLN A 16 -2.19 4.84 -11.98
CA GLN A 16 -3.09 5.94 -11.67
C GLN A 16 -2.43 6.93 -10.70
N TYR A 17 -1.98 6.41 -9.55
CA TYR A 17 -1.33 7.24 -8.54
C TYR A 17 0.05 7.69 -9.01
N ALA A 18 0.74 6.80 -9.71
CA ALA A 18 2.07 7.11 -10.22
C ALA A 18 2.03 8.27 -11.20
N ALA A 19 0.92 8.39 -11.93
CA ALA A 19 0.77 9.46 -12.91
C ALA A 19 0.40 10.78 -12.22
N HIS A 20 -0.26 10.68 -11.07
CA HIS A 20 -0.65 11.86 -10.31
C HIS A 20 0.53 12.46 -9.56
N SER A 21 1.51 11.61 -9.26
CA SER A 21 2.70 12.06 -8.54
C SER A 21 3.76 12.57 -9.51
N GLY A 22 4.22 11.69 -10.40
CA GLY A 22 5.22 12.07 -11.37
C GLY A 22 6.57 11.43 -11.09
N PHE A 23 6.54 10.29 -10.40
CA PHE A 23 7.77 9.58 -10.07
C PHE A 23 7.75 8.15 -10.61
N THR A 24 8.88 7.47 -10.52
CA THR A 24 8.98 6.10 -11.01
C THR A 24 9.00 5.10 -9.85
N LEU A 25 8.46 3.91 -10.09
CA LEU A 25 8.41 2.88 -9.08
C LEU A 25 8.76 1.51 -9.67
N SER A 26 9.62 0.77 -8.98
CA SER A 26 10.02 -0.57 -9.44
C SER A 26 9.58 -1.64 -8.46
N VAL A 27 8.52 -2.36 -8.81
CA VAL A 27 8.00 -3.42 -7.95
C VAL A 27 7.76 -4.70 -8.75
N ASP A 28 8.11 -5.84 -8.17
CA ASP A 28 7.93 -7.13 -8.82
C ASP A 28 6.52 -7.28 -9.34
N ALA A 29 6.33 -7.11 -10.64
CA ALA A 29 5.02 -7.24 -11.26
C ALA A 29 4.59 -8.70 -11.33
N SER A 30 5.50 -9.60 -10.98
CA SER A 30 5.21 -11.03 -11.02
C SER A 30 3.91 -11.34 -10.27
N LEU A 31 3.79 -10.79 -9.06
CA LEU A 31 2.60 -11.01 -8.24
C LEU A 31 1.50 -10.03 -8.63
N THR A 32 1.89 -8.83 -9.04
CA THR A 32 0.93 -7.80 -9.43
C THR A 32 0.01 -8.31 -10.53
N ARG A 33 0.49 -9.25 -11.33
CA ARG A 33 -0.29 -9.82 -12.41
C ARG A 33 -1.50 -10.58 -11.88
N GLY A 34 -1.48 -10.85 -10.58
CA GLY A 34 -2.59 -11.57 -9.96
C GLY A 34 -2.98 -10.99 -8.62
N LYS A 35 -2.54 -9.76 -8.37
CA LYS A 35 -2.86 -9.08 -7.11
C LYS A 35 -3.56 -7.75 -7.38
N GLN A 36 -4.39 -7.33 -6.43
CA GLN A 36 -5.12 -6.07 -6.56
C GLN A 36 -4.63 -5.05 -5.54
N SER A 37 -5.20 -3.85 -5.58
CA SER A 37 -4.82 -2.78 -4.67
C SER A 37 -6.03 -1.93 -4.30
N ASN A 38 -6.04 -1.43 -3.06
CA ASN A 38 -7.14 -0.61 -2.58
C ASN A 38 -7.07 0.79 -3.18
N GLY A 39 -8.09 1.15 -3.96
CA GLY A 39 -8.13 2.46 -4.58
C GLY A 39 -7.89 3.57 -3.59
N LEU A 40 -7.56 4.76 -4.10
CA LEU A 40 -7.31 5.91 -3.25
C LEU A 40 -8.52 6.84 -3.21
N HIS A 41 -8.62 7.64 -2.16
CA HIS A 41 -9.73 8.57 -2.00
C HIS A 41 -9.39 9.66 -0.99
N GLY A 42 -9.04 10.84 -1.49
CA GLY A 42 -8.69 11.94 -0.62
C GLY A 42 -7.37 12.60 -0.99
N ASP A 43 -7.00 13.64 -0.26
CA ASP A 43 -5.75 14.35 -0.53
C ASP A 43 -4.57 13.62 0.10
N TYR A 44 -3.81 12.92 -0.74
CA TYR A 44 -2.65 12.17 -0.27
C TYR A 44 -1.46 12.37 -1.20
N ASP A 45 -0.32 12.72 -0.62
CA ASP A 45 0.89 12.96 -1.39
C ASP A 45 1.34 11.68 -2.10
N VAL A 46 2.49 11.74 -2.75
CA VAL A 46 3.03 10.59 -3.47
C VAL A 46 3.24 9.41 -2.54
N GLU A 47 3.86 9.67 -1.39
CA GLU A 47 4.11 8.62 -0.41
C GLU A 47 2.83 8.21 0.30
N SER A 48 2.12 9.19 0.85
CA SER A 48 0.87 8.94 1.55
C SER A 48 -0.09 8.14 0.69
N GLY A 49 -0.33 8.63 -0.53
CA GLY A 49 -1.23 7.95 -1.44
C GLY A 49 -0.73 6.57 -1.84
N LEU A 50 0.57 6.48 -2.11
CA LEU A 50 1.17 5.21 -2.51
C LEU A 50 0.96 4.15 -1.44
N GLN A 51 1.32 4.46 -0.21
CA GLN A 51 1.16 3.53 0.90
C GLN A 51 -0.31 3.20 1.14
N GLN A 52 -1.18 4.11 0.71
CA GLN A 52 -2.62 3.92 0.88
C GLN A 52 -3.15 2.91 -0.13
N LEU A 53 -2.47 2.81 -1.27
CA LEU A 53 -2.87 1.87 -2.32
C LEU A 53 -2.57 0.43 -1.92
N LEU A 54 -1.31 0.17 -1.59
CA LEU A 54 -0.89 -1.17 -1.18
C LEU A 54 -1.24 -1.43 0.28
N ASP A 55 -1.75 -0.40 0.95
CA ASP A 55 -2.12 -0.52 2.36
C ASP A 55 -3.00 -1.76 2.58
N GLY A 56 -2.61 -2.59 3.54
CA GLY A 56 -3.37 -3.78 3.84
C GLY A 56 -2.48 -4.95 4.23
N SER A 57 -1.27 -4.97 3.69
CA SER A 57 -0.32 -6.04 3.99
C SER A 57 0.84 -5.53 4.84
N GLY A 58 1.28 -4.31 4.55
CA GLY A 58 2.38 -3.72 5.29
C GLY A 58 3.74 -4.06 4.70
N LEU A 59 4.25 -3.16 3.86
CA LEU A 59 5.55 -3.37 3.23
C LEU A 59 6.44 -2.15 3.41
N GLN A 60 7.70 -2.28 2.99
CA GLN A 60 8.67 -1.19 3.11
C GLN A 60 8.98 -0.60 1.75
N VAL A 61 9.10 0.72 1.69
CA VAL A 61 9.40 1.41 0.45
C VAL A 61 10.63 2.31 0.60
N LYS A 62 11.60 2.11 -0.28
CA LYS A 62 12.83 2.89 -0.24
C LYS A 62 13.26 3.29 -1.65
N PRO A 63 13.80 4.51 -1.78
CA PRO A 63 14.26 5.04 -3.08
C PRO A 63 15.52 4.33 -3.57
N LEU A 64 15.79 4.45 -4.86
CA LEU A 64 16.96 3.82 -5.45
C LEU A 64 17.85 4.85 -6.14
N GLY A 65 17.31 5.49 -7.19
CA GLY A 65 18.06 6.50 -7.91
C GLY A 65 17.24 7.72 -8.23
N ASN A 66 16.96 7.93 -9.51
CA ASN A 66 16.18 9.09 -9.94
C ASN A 66 14.74 8.99 -9.44
N ASN A 67 14.49 9.52 -8.25
CA ASN A 67 13.16 9.49 -7.66
C ASN A 67 12.48 8.15 -7.92
N SER A 68 13.26 7.08 -7.86
CA SER A 68 12.73 5.73 -8.10
C SER A 68 12.57 4.98 -6.80
N TRP A 69 11.33 4.61 -6.48
CA TRP A 69 11.04 3.87 -5.25
C TRP A 69 10.74 2.41 -5.55
N THR A 70 10.98 1.54 -4.58
CA THR A 70 10.73 0.12 -4.73
C THR A 70 10.05 -0.46 -3.51
N LEU A 71 9.22 -1.48 -3.72
CA LEU A 71 8.50 -2.13 -2.63
C LEU A 71 9.17 -3.45 -2.25
N GLU A 72 9.55 -3.56 -0.98
CA GLU A 72 10.19 -4.78 -0.49
C GLU A 72 9.41 -5.39 0.67
N PRO A 73 9.27 -6.72 0.65
CA PRO A 73 8.54 -7.45 1.69
C PRO A 73 9.27 -7.44 3.04
N ALA A 74 8.53 -7.18 4.10
CA ALA A 74 9.11 -7.15 5.44
C ALA A 74 8.66 -8.35 6.26
N PRO A 75 9.41 -8.65 7.34
CA PRO A 75 9.12 -9.78 8.22
C PRO A 75 7.86 -9.55 9.05
N ALA A 76 7.34 -10.63 9.62
CA ALA A 76 6.13 -10.54 10.44
C ALA A 76 6.26 -9.47 11.51
N PRO A 77 5.12 -9.01 12.04
CA PRO A 77 5.08 -7.97 13.07
C PRO A 77 5.63 -8.47 14.41
N LYS A 78 5.87 -7.54 15.33
CA LYS A 78 6.39 -7.87 16.65
C LYS A 78 5.35 -7.61 17.73
N GLU A 79 4.48 -8.58 17.96
CA GLU A 79 3.43 -8.45 18.97
C GLU A 79 2.47 -7.33 18.60
N ASP A 80 2.02 -7.31 17.36
CA ASP A 80 1.10 -6.29 16.89
C ASP A 80 0.15 -6.85 15.83
N ALA A 81 -1.15 -6.78 16.13
CA ALA A 81 -2.17 -7.28 15.21
C ALA A 81 -3.20 -6.21 14.88
N LEU A 82 -3.04 -5.56 13.74
CA LEU A 82 -3.95 -4.51 13.32
C LEU A 82 -4.33 -4.67 11.85
N THR A 83 -4.96 -5.80 11.52
CA THR A 83 -5.37 -6.07 10.15
C THR A 83 -6.77 -6.65 10.10
N VAL A 84 -7.40 -6.58 8.93
CA VAL A 84 -8.76 -7.10 8.76
C VAL A 84 -8.76 -8.28 7.79
N VAL A 85 -9.56 -9.29 8.12
CA VAL A 85 -9.67 -10.48 7.29
C VAL A 85 -10.82 -10.36 6.29
N GLY A 86 -10.59 -10.85 5.07
CA GLY A 86 -11.62 -10.78 4.05
C GLY A 86 -11.07 -10.32 2.70
N ASP A 87 -10.86 -11.27 1.80
CA ASP A 87 -10.33 -10.96 0.48
C ASP A 87 -11.21 -11.56 -0.61
N TRP A 88 -10.98 -11.16 -1.85
CA TRP A 88 -11.74 -11.65 -2.98
C TRP A 88 -11.10 -12.90 -3.57
N LEU A 89 -11.59 -13.33 -4.73
CA LEU A 89 -11.07 -14.52 -5.39
C LEU A 89 -9.75 -14.20 -6.10
N GLY A 90 -9.69 -13.05 -6.76
CA GLY A 90 -8.48 -12.65 -7.46
C GLY A 90 -7.97 -13.74 -8.38
N ASP A 91 -8.66 -13.93 -9.51
CA ASP A 91 -8.26 -14.95 -10.48
C ASP A 91 -8.25 -14.38 -11.89
N ALA A 92 -7.06 -14.17 -12.43
CA ALA A 92 -6.92 -13.63 -13.78
C ALA A 92 -5.90 -14.43 -14.59
N ARG A 93 -5.78 -14.09 -15.87
CA ARG A 93 -4.84 -14.78 -16.76
C ARG A 93 -3.86 -13.78 -17.38
N GLU A 94 -2.64 -14.24 -17.62
CA GLU A 94 -1.62 -13.39 -18.21
C GLU A 94 -0.47 -14.23 -18.76
N ASN A 95 0.24 -13.68 -19.75
CA ASN A 95 1.36 -14.39 -20.37
C ASN A 95 2.69 -13.90 -19.79
N ASP A 96 3.57 -14.85 -19.50
CA ASP A 96 4.88 -14.53 -18.94
C ASP A 96 5.98 -15.34 -19.63
N LEU A 97 7.23 -14.99 -19.34
CA LEU A 97 8.37 -15.67 -19.94
C LEU A 97 9.24 -16.30 -18.85
N GLU A 98 10.16 -17.16 -19.28
CA GLU A 98 11.06 -17.84 -18.34
C GLU A 98 12.49 -17.35 -18.51
N HIS A 99 13.33 -17.61 -17.52
CA HIS A 99 14.72 -17.20 -17.56
C HIS A 99 15.64 -18.39 -17.80
N HIS A 100 16.78 -18.14 -18.44
CA HIS A 100 17.74 -19.20 -18.73
C HIS A 100 19.15 -18.78 -18.33
N HIS A 101 20.02 -19.77 -18.15
CA HIS A 101 21.41 -19.49 -17.76
C HIS A 101 22.25 -20.77 -17.85
N HIS A 102 23.54 -20.59 -18.05
CA HIS A 102 24.46 -21.73 -18.14
C HIS A 102 25.88 -21.31 -17.76
N HIS A 103 26.79 -22.29 -17.74
CA HIS A 103 28.17 -22.03 -17.39
C HIS A 103 29.05 -23.25 -17.66
N HIS A 104 30.34 -23.12 -17.38
CA HIS A 104 31.28 -24.22 -17.59
C HIS A 104 31.04 -25.34 -16.57
N ALA A 1 -4.76 18.08 -3.19
CA ALA A 1 -4.13 16.89 -3.71
C ALA A 1 -5.10 15.71 -3.73
N GLN A 2 -6.38 16.01 -3.86
CA GLN A 2 -7.42 14.98 -3.89
C GLN A 2 -7.16 13.99 -5.02
N VAL A 3 -7.08 12.71 -4.66
CA VAL A 3 -6.85 11.66 -5.65
C VAL A 3 -7.77 10.46 -5.40
N ASN A 4 -8.62 10.18 -6.37
CA ASN A 4 -9.56 9.06 -6.28
C ASN A 4 -9.29 8.03 -7.36
N ILE A 5 -8.91 6.83 -6.96
CA ILE A 5 -8.64 5.75 -7.91
C ILE A 5 -9.52 4.53 -7.64
N ALA A 6 -10.04 3.93 -8.70
CA ALA A 6 -10.90 2.77 -8.57
C ALA A 6 -10.07 1.48 -8.57
N PRO A 7 -10.35 0.61 -7.58
CA PRO A 7 -9.64 -0.67 -7.44
C PRO A 7 -9.99 -1.65 -8.55
N GLY A 8 -9.66 -2.92 -8.34
CA GLY A 8 -9.95 -3.95 -9.33
C GLY A 8 -8.72 -4.35 -10.12
N SER A 9 -7.56 -3.90 -9.66
CA SER A 9 -6.31 -4.22 -10.34
C SER A 9 -5.12 -3.58 -9.62
N LEU A 10 -4.26 -4.41 -9.04
CA LEU A 10 -3.09 -3.92 -8.33
C LEU A 10 -2.26 -3.00 -9.21
N ASP A 11 -1.81 -3.52 -10.34
CA ASP A 11 -1.00 -2.74 -11.27
C ASP A 11 -1.73 -1.46 -11.69
N LYS A 12 -3.04 -1.57 -11.84
CA LYS A 12 -3.85 -0.42 -12.23
C LYS A 12 -3.78 0.69 -11.18
N ALA A 13 -4.11 0.35 -9.95
CA ALA A 13 -4.08 1.33 -8.86
C ALA A 13 -2.68 1.96 -8.74
N LEU A 14 -1.66 1.16 -9.04
CA LEU A 14 -0.27 1.64 -8.96
C LEU A 14 -0.01 2.72 -10.01
N ASN A 15 -0.30 2.40 -11.26
CA ASN A 15 -0.09 3.33 -12.36
C ASN A 15 -0.95 4.58 -12.18
N GLN A 16 -2.13 4.40 -11.58
CA GLN A 16 -3.04 5.51 -11.34
C GLN A 16 -2.38 6.59 -10.49
N TYR A 17 -1.91 6.20 -9.31
CA TYR A 17 -1.26 7.13 -8.40
C TYR A 17 0.14 7.50 -8.89
N ALA A 18 0.80 6.52 -9.53
CA ALA A 18 2.15 6.74 -10.04
C ALA A 18 2.18 7.92 -11.02
N ALA A 19 1.19 7.98 -11.89
CA ALA A 19 1.10 9.06 -12.88
C ALA A 19 0.58 10.35 -12.23
N HIS A 20 -0.15 10.20 -11.14
CA HIS A 20 -0.70 11.34 -10.43
C HIS A 20 0.38 12.08 -9.64
N SER A 21 1.43 11.35 -9.26
CA SER A 21 2.53 11.93 -8.51
C SER A 21 3.58 12.53 -9.45
N GLY A 22 4.21 11.68 -10.24
CA GLY A 22 5.23 12.14 -11.17
C GLY A 22 6.57 11.49 -10.93
N PHE A 23 6.57 10.34 -10.27
CA PHE A 23 7.80 9.61 -9.98
C PHE A 23 7.77 8.22 -10.60
N THR A 24 8.92 7.54 -10.57
CA THR A 24 9.03 6.20 -11.12
C THR A 24 9.09 5.15 -10.01
N LEU A 25 8.57 3.96 -10.30
CA LEU A 25 8.56 2.88 -9.33
C LEU A 25 8.89 1.54 -9.99
N SER A 26 9.73 0.75 -9.33
CA SER A 26 10.13 -0.54 -9.86
C SER A 26 9.72 -1.67 -8.91
N VAL A 27 8.64 -2.37 -9.27
CA VAL A 27 8.15 -3.48 -8.46
C VAL A 27 7.88 -4.71 -9.31
N ASP A 28 8.24 -5.88 -8.78
CA ASP A 28 8.04 -7.13 -9.50
C ASP A 28 6.61 -7.25 -9.99
N ALA A 29 6.42 -7.10 -11.30
CA ALA A 29 5.09 -7.20 -11.89
C ALA A 29 4.57 -8.63 -11.85
N SER A 30 5.48 -9.58 -11.65
CA SER A 30 5.12 -10.99 -11.60
C SER A 30 3.97 -11.21 -10.61
N LEU A 31 4.12 -10.65 -9.41
CA LEU A 31 3.10 -10.79 -8.37
C LEU A 31 1.99 -9.76 -8.55
N THR A 32 2.36 -8.56 -8.97
CA THR A 32 1.40 -7.49 -9.19
C THR A 32 0.31 -7.92 -10.16
N ARG A 33 0.72 -8.53 -11.27
CA ARG A 33 -0.23 -8.99 -12.28
C ARG A 33 -1.28 -9.92 -11.67
N GLY A 34 -2.54 -9.67 -11.99
CA GLY A 34 -3.62 -10.49 -11.47
C GLY A 34 -4.11 -10.00 -10.11
N LYS A 35 -3.18 -9.88 -9.16
CA LYS A 35 -3.52 -9.42 -7.82
C LYS A 35 -4.25 -8.07 -7.88
N GLN A 36 -4.99 -7.77 -6.81
CA GLN A 36 -5.74 -6.52 -6.74
C GLN A 36 -5.25 -5.66 -5.58
N SER A 37 -5.84 -4.47 -5.43
CA SER A 37 -5.46 -3.56 -4.37
C SER A 37 -6.52 -2.48 -4.17
N ASN A 38 -6.59 -1.94 -2.96
CA ASN A 38 -7.56 -0.90 -2.65
C ASN A 38 -7.14 0.44 -3.24
N GLY A 39 -8.01 1.03 -4.05
CA GLY A 39 -7.70 2.31 -4.68
C GLY A 39 -7.48 3.41 -3.65
N LEU A 40 -7.45 4.65 -4.13
CA LEU A 40 -7.25 5.80 -3.24
C LEU A 40 -8.51 6.64 -3.15
N HIS A 41 -8.61 7.45 -2.11
CA HIS A 41 -9.77 8.31 -1.90
C HIS A 41 -9.45 9.43 -0.92
N GLY A 42 -9.19 10.63 -1.46
CA GLY A 42 -8.87 11.76 -0.62
C GLY A 42 -7.57 12.43 -1.01
N ASP A 43 -7.17 13.44 -0.26
CA ASP A 43 -5.93 14.17 -0.54
C ASP A 43 -4.74 13.48 0.11
N TYR A 44 -3.81 13.00 -0.72
CA TYR A 44 -2.62 12.32 -0.22
C TYR A 44 -1.44 12.54 -1.15
N ASP A 45 -0.31 12.95 -0.57
CA ASP A 45 0.90 13.21 -1.34
C ASP A 45 1.34 11.95 -2.10
N VAL A 46 2.44 12.07 -2.83
CA VAL A 46 2.97 10.95 -3.60
C VAL A 46 3.23 9.73 -2.70
N GLU A 47 3.91 9.98 -1.58
CA GLU A 47 4.22 8.91 -0.64
C GLU A 47 2.99 8.50 0.14
N SER A 48 2.30 9.48 0.72
CA SER A 48 1.10 9.22 1.51
C SER A 48 0.10 8.39 0.71
N GLY A 49 -0.20 8.83 -0.51
CA GLY A 49 -1.14 8.12 -1.35
C GLY A 49 -0.62 6.75 -1.76
N LEU A 50 0.69 6.66 -2.00
CA LEU A 50 1.31 5.40 -2.41
C LEU A 50 1.01 4.30 -1.41
N GLN A 51 1.32 4.56 -0.13
CA GLN A 51 1.08 3.59 0.93
C GLN A 51 -0.41 3.36 1.12
N GLN A 52 -1.21 4.36 0.77
CA GLN A 52 -2.66 4.26 0.92
C GLN A 52 -3.25 3.31 -0.11
N LEU A 53 -2.58 3.19 -1.25
CA LEU A 53 -3.04 2.31 -2.32
C LEU A 53 -2.77 0.85 -1.97
N LEU A 54 -1.53 0.54 -1.64
CA LEU A 54 -1.14 -0.83 -1.28
C LEU A 54 -1.51 -1.13 0.16
N ASP A 55 -2.04 -0.13 0.86
CA ASP A 55 -2.44 -0.30 2.26
C ASP A 55 -3.22 -1.58 2.45
N GLY A 56 -2.88 -2.33 3.50
CA GLY A 56 -3.57 -3.58 3.77
C GLY A 56 -2.62 -4.75 3.92
N SER A 57 -1.36 -4.54 3.53
CA SER A 57 -0.35 -5.58 3.61
C SER A 57 0.76 -5.19 4.57
N GLY A 58 1.01 -3.88 4.67
CA GLY A 58 2.05 -3.39 5.57
C GLY A 58 3.44 -3.73 5.07
N LEU A 59 3.92 -2.98 4.09
CA LEU A 59 5.25 -3.20 3.53
C LEU A 59 6.14 -1.98 3.72
N GLN A 60 7.40 -2.10 3.31
CA GLN A 60 8.35 -1.00 3.43
C GLN A 60 8.91 -0.62 2.07
N VAL A 61 8.77 0.66 1.71
CA VAL A 61 9.26 1.16 0.44
C VAL A 61 10.57 1.93 0.61
N LYS A 62 11.46 1.80 -0.36
CA LYS A 62 12.75 2.49 -0.31
C LYS A 62 13.22 2.85 -1.72
N PRO A 63 13.76 4.06 -1.87
CA PRO A 63 14.27 4.56 -3.15
C PRO A 63 15.53 3.84 -3.59
N LEU A 64 15.85 3.94 -4.88
CA LEU A 64 17.04 3.29 -5.42
C LEU A 64 18.03 4.33 -5.95
N GLY A 65 17.56 5.15 -6.89
CA GLY A 65 18.43 6.18 -7.46
C GLY A 65 17.82 7.57 -7.32
N ASN A 66 17.51 8.19 -8.45
CA ASN A 66 16.94 9.54 -8.46
C ASN A 66 15.61 9.55 -7.73
N ASN A 67 14.55 9.19 -8.44
CA ASN A 67 13.21 9.16 -7.85
C ASN A 67 12.54 7.81 -8.07
N SER A 68 13.36 6.76 -8.16
CA SER A 68 12.85 5.41 -8.38
C SER A 68 12.68 4.67 -7.04
N TRP A 69 11.44 4.30 -6.75
CA TRP A 69 11.14 3.60 -5.51
C TRP A 69 10.72 2.16 -5.79
N THR A 70 10.95 1.27 -4.83
CA THR A 70 10.60 -0.13 -4.97
C THR A 70 9.92 -0.67 -3.71
N LEU A 71 9.07 -1.67 -3.89
CA LEU A 71 8.35 -2.27 -2.76
C LEU A 71 9.02 -3.57 -2.33
N GLU A 72 9.40 -3.65 -1.06
CA GLU A 72 10.05 -4.84 -0.52
C GLU A 72 9.38 -5.26 0.80
N PRO A 73 9.18 -6.57 0.95
CA PRO A 73 8.55 -7.14 2.15
C PRO A 73 9.46 -7.04 3.37
N ALA A 74 8.98 -6.39 4.43
CA ALA A 74 9.75 -6.22 5.64
C ALA A 74 9.76 -7.51 6.46
N PRO A 75 10.86 -7.74 7.20
CA PRO A 75 11.02 -8.94 8.02
C PRO A 75 10.09 -8.93 9.24
N ALA A 76 9.96 -10.08 9.88
CA ALA A 76 9.10 -10.21 11.05
C ALA A 76 9.43 -9.15 12.09
N PRO A 77 8.48 -8.90 13.00
CA PRO A 77 8.64 -7.90 14.06
C PRO A 77 9.67 -8.32 15.11
N LYS A 78 10.07 -7.39 15.95
CA LYS A 78 11.05 -7.66 16.99
C LYS A 78 10.37 -7.78 18.36
N GLU A 79 9.05 -7.92 18.35
CA GLU A 79 8.28 -8.04 19.58
C GLU A 79 6.82 -8.37 19.28
N ASP A 80 6.09 -8.78 20.31
CA ASP A 80 4.68 -9.12 20.17
C ASP A 80 3.82 -7.87 20.10
N ALA A 81 3.07 -7.73 19.01
CA ALA A 81 2.20 -6.57 18.82
C ALA A 81 0.83 -6.99 18.30
N LEU A 82 -0.05 -6.01 18.10
CA LEU A 82 -1.39 -6.28 17.61
C LEU A 82 -1.48 -6.04 16.10
N THR A 83 -1.55 -7.14 15.34
CA THR A 83 -1.63 -7.05 13.88
C THR A 83 -2.80 -7.87 13.35
N VAL A 84 -3.24 -7.54 12.14
CA VAL A 84 -4.35 -8.25 11.52
C VAL A 84 -3.87 -9.09 10.34
N VAL A 85 -4.72 -10.00 9.88
CA VAL A 85 -4.39 -10.87 8.76
C VAL A 85 -5.13 -10.44 7.50
N GLY A 86 -6.25 -9.74 7.68
CA GLY A 86 -7.04 -9.30 6.55
C GLY A 86 -8.19 -10.23 6.23
N ASP A 87 -9.11 -9.77 5.39
CA ASP A 87 -10.26 -10.58 4.99
C ASP A 87 -10.47 -10.52 3.49
N TRP A 88 -11.54 -11.16 3.02
CA TRP A 88 -11.86 -11.18 1.60
C TRP A 88 -13.30 -11.60 1.37
N LEU A 89 -13.79 -11.39 0.15
CA LEU A 89 -15.16 -11.75 -0.20
C LEU A 89 -15.37 -11.69 -1.71
N GLY A 90 -16.05 -12.70 -2.25
CA GLY A 90 -16.31 -12.74 -3.67
C GLY A 90 -17.15 -13.94 -4.07
N ASP A 91 -18.44 -13.86 -3.81
CA ASP A 91 -19.37 -14.95 -4.13
C ASP A 91 -20.55 -14.43 -4.96
N ALA A 92 -20.51 -14.71 -6.26
CA ALA A 92 -21.58 -14.27 -7.15
C ALA A 92 -22.06 -15.41 -8.04
N ARG A 93 -23.36 -15.68 -8.02
CA ARG A 93 -23.94 -16.74 -8.83
C ARG A 93 -25.33 -16.36 -9.32
N GLU A 94 -25.81 -17.08 -10.33
CA GLU A 94 -27.13 -16.81 -10.89
C GLU A 94 -27.81 -18.11 -11.33
N ASN A 95 -29.13 -18.08 -11.39
CA ASN A 95 -29.90 -19.26 -11.79
C ASN A 95 -31.19 -18.85 -12.51
N ASP A 96 -31.95 -19.84 -12.96
CA ASP A 96 -33.21 -19.58 -13.65
C ASP A 96 -34.27 -20.61 -13.25
N LEU A 97 -35.47 -20.43 -13.78
CA LEU A 97 -36.58 -21.34 -13.48
C LEU A 97 -37.37 -21.66 -14.73
N GLU A 98 -38.42 -22.47 -14.57
CA GLU A 98 -39.26 -22.86 -15.70
C GLU A 98 -40.68 -23.18 -15.22
N HIS A 99 -41.66 -22.90 -16.07
CA HIS A 99 -43.06 -23.16 -15.75
C HIS A 99 -43.58 -24.38 -16.51
N HIS A 100 -44.82 -24.75 -16.25
CA HIS A 100 -45.44 -25.88 -16.91
C HIS A 100 -46.96 -25.73 -16.97
N HIS A 101 -47.62 -26.66 -17.64
CA HIS A 101 -49.07 -26.63 -17.77
C HIS A 101 -49.60 -27.98 -18.25
N HIS A 102 -50.70 -28.42 -17.65
CA HIS A 102 -51.31 -29.69 -18.01
C HIS A 102 -52.83 -29.65 -17.81
N HIS A 103 -53.57 -30.14 -18.79
CA HIS A 103 -55.03 -30.17 -18.71
C HIS A 103 -55.60 -31.35 -19.49
N HIS A 104 -56.74 -31.85 -19.05
CA HIS A 104 -57.40 -32.97 -19.70
C HIS A 104 -58.77 -32.58 -20.22
N ALA A 1 -3.29 16.82 -1.86
CA ALA A 1 -3.55 16.50 -3.26
C ALA A 1 -4.62 15.43 -3.40
N GLN A 2 -5.88 15.86 -3.48
CA GLN A 2 -6.99 14.94 -3.61
C GLN A 2 -6.76 13.96 -4.75
N VAL A 3 -6.75 12.66 -4.42
CA VAL A 3 -6.55 11.62 -5.43
C VAL A 3 -7.60 10.52 -5.30
N ASN A 4 -8.36 10.33 -6.37
CA ASN A 4 -9.40 9.30 -6.39
C ASN A 4 -9.13 8.26 -7.46
N ILE A 5 -8.89 7.03 -7.04
CA ILE A 5 -8.62 5.94 -7.96
C ILE A 5 -9.54 4.74 -7.71
N ALA A 6 -10.06 4.17 -8.78
CA ALA A 6 -10.95 3.02 -8.67
C ALA A 6 -10.16 1.71 -8.65
N PRO A 7 -10.49 0.85 -7.67
CA PRO A 7 -9.83 -0.46 -7.52
C PRO A 7 -10.18 -1.43 -8.64
N GLY A 8 -9.88 -2.71 -8.44
CA GLY A 8 -10.17 -3.71 -9.44
C GLY A 8 -8.94 -4.13 -10.22
N SER A 9 -7.79 -3.59 -9.83
CA SER A 9 -6.53 -3.91 -10.51
C SER A 9 -5.38 -3.14 -9.88
N LEU A 10 -4.37 -3.88 -9.42
CA LEU A 10 -3.20 -3.27 -8.80
C LEU A 10 -2.39 -2.47 -9.82
N ASP A 11 -2.20 -3.05 -11.00
CA ASP A 11 -1.45 -2.38 -12.07
C ASP A 11 -2.12 -1.07 -12.47
N LYS A 12 -3.45 -1.08 -12.53
CA LYS A 12 -4.22 0.10 -12.90
C LYS A 12 -4.00 1.23 -11.89
N ALA A 13 -4.26 0.95 -10.63
CA ALA A 13 -4.09 1.94 -9.57
C ALA A 13 -2.65 2.43 -9.51
N LEU A 14 -1.71 1.52 -9.73
CA LEU A 14 -0.29 1.87 -9.71
C LEU A 14 0.01 3.02 -10.66
N ASN A 15 -0.47 2.90 -11.90
CA ASN A 15 -0.26 3.94 -12.90
C ASN A 15 -1.10 5.18 -12.59
N GLN A 16 -2.26 4.96 -12.00
CA GLN A 16 -3.16 6.06 -11.65
C GLN A 16 -2.49 7.02 -10.66
N TYR A 17 -2.04 6.47 -9.55
CA TYR A 17 -1.37 7.27 -8.52
C TYR A 17 0.01 7.73 -8.99
N ALA A 18 0.70 6.86 -9.72
CA ALA A 18 2.02 7.17 -10.22
C ALA A 18 1.97 8.36 -11.19
N ALA A 19 0.87 8.48 -11.90
CA ALA A 19 0.70 9.58 -12.86
C ALA A 19 0.35 10.88 -12.14
N HIS A 20 -0.30 10.76 -10.99
CA HIS A 20 -0.70 11.93 -10.21
C HIS A 20 0.49 12.51 -9.46
N SER A 21 1.48 11.66 -9.18
CA SER A 21 2.67 12.09 -8.47
C SER A 21 3.73 12.63 -9.44
N GLY A 22 4.17 11.76 -10.34
CA GLY A 22 5.17 12.16 -11.32
C GLY A 22 6.51 11.48 -11.09
N PHE A 23 6.48 10.35 -10.40
CA PHE A 23 7.70 9.59 -10.12
C PHE A 23 7.62 8.18 -10.69
N THR A 24 8.74 7.48 -10.66
CA THR A 24 8.80 6.12 -11.18
C THR A 24 8.84 5.10 -10.06
N LEU A 25 8.34 3.90 -10.33
CA LEU A 25 8.31 2.83 -9.34
C LEU A 25 8.70 1.49 -9.96
N SER A 26 9.58 0.76 -9.29
CA SER A 26 10.03 -0.53 -9.78
C SER A 26 9.70 -1.64 -8.79
N VAL A 27 8.67 -2.42 -9.07
CA VAL A 27 8.26 -3.51 -8.20
C VAL A 27 8.04 -4.79 -8.98
N ASP A 28 8.49 -5.91 -8.43
CA ASP A 28 8.35 -7.20 -9.08
C ASP A 28 6.88 -7.49 -9.39
N ALA A 29 6.48 -7.26 -10.64
CA ALA A 29 5.11 -7.50 -11.06
C ALA A 29 4.82 -8.98 -11.19
N SER A 30 5.87 -9.80 -11.07
CA SER A 30 5.73 -11.24 -11.18
C SER A 30 4.62 -11.76 -10.25
N LEU A 31 4.66 -11.31 -8.99
CA LEU A 31 3.67 -11.72 -8.01
C LEU A 31 2.40 -10.87 -8.13
N THR A 32 2.58 -9.60 -8.44
CA THR A 32 1.46 -8.67 -8.58
C THR A 32 0.45 -9.19 -9.61
N ARG A 33 0.97 -9.82 -10.65
CA ARG A 33 0.12 -10.37 -11.71
C ARG A 33 -0.91 -11.33 -11.14
N GLY A 34 -2.14 -10.84 -10.96
CA GLY A 34 -3.20 -11.67 -10.43
C GLY A 34 -3.77 -11.12 -9.13
N LYS A 35 -3.25 -9.97 -8.71
CA LYS A 35 -3.71 -9.33 -7.47
C LYS A 35 -4.20 -7.91 -7.75
N GLN A 36 -5.03 -7.39 -6.85
CA GLN A 36 -5.57 -6.04 -6.99
C GLN A 36 -5.07 -5.14 -5.86
N SER A 37 -5.47 -3.87 -5.92
CA SER A 37 -5.07 -2.90 -4.91
C SER A 37 -6.24 -2.00 -4.51
N ASN A 38 -6.21 -1.51 -3.27
CA ASN A 38 -7.27 -0.64 -2.78
C ASN A 38 -7.13 0.76 -3.34
N GLY A 39 -8.15 1.20 -4.09
CA GLY A 39 -8.11 2.53 -4.67
C GLY A 39 -7.84 3.61 -3.64
N LEU A 40 -7.63 4.84 -4.11
CA LEU A 40 -7.35 5.96 -3.24
C LEU A 40 -8.54 6.92 -3.18
N HIS A 41 -8.62 7.69 -2.11
CA HIS A 41 -9.71 8.65 -1.93
C HIS A 41 -9.35 9.68 -0.87
N GLY A 42 -8.97 10.87 -1.32
CA GLY A 42 -8.60 11.93 -0.40
C GLY A 42 -7.28 12.58 -0.76
N ASP A 43 -6.89 13.60 0.01
CA ASP A 43 -5.65 14.31 -0.24
C ASP A 43 -4.46 13.53 0.33
N TYR A 44 -3.74 12.84 -0.54
CA TYR A 44 -2.58 12.06 -0.14
C TYR A 44 -1.41 12.29 -1.08
N ASP A 45 -0.25 12.61 -0.51
CA ASP A 45 0.95 12.85 -1.30
C ASP A 45 1.38 11.58 -2.03
N VAL A 46 2.53 11.65 -2.70
CA VAL A 46 3.05 10.52 -3.45
C VAL A 46 3.26 9.31 -2.53
N GLU A 47 3.88 9.55 -1.39
CA GLU A 47 4.15 8.49 -0.43
C GLU A 47 2.87 8.07 0.30
N SER A 48 2.17 9.05 0.85
CA SER A 48 0.93 8.79 1.58
C SER A 48 -0.06 8.02 0.71
N GLY A 49 -0.30 8.52 -0.50
CA GLY A 49 -1.21 7.87 -1.40
C GLY A 49 -0.73 6.49 -1.83
N LEU A 50 0.57 6.38 -2.10
CA LEU A 50 1.16 5.12 -2.53
C LEU A 50 0.94 4.04 -1.48
N GLN A 51 1.31 4.34 -0.24
CA GLN A 51 1.16 3.39 0.86
C GLN A 51 -0.32 3.07 1.09
N GLN A 52 -1.19 4.00 0.69
CA GLN A 52 -2.62 3.80 0.86
C GLN A 52 -3.16 2.81 -0.18
N LEU A 53 -2.49 2.72 -1.31
CA LEU A 53 -2.90 1.82 -2.38
C LEU A 53 -2.61 0.37 -2.01
N LEU A 54 -1.35 0.08 -1.69
CA LEU A 54 -0.94 -1.26 -1.31
C LEU A 54 -1.28 -1.55 0.14
N ASP A 55 -1.81 -0.54 0.84
CA ASP A 55 -2.19 -0.68 2.24
C ASP A 55 -3.00 -1.95 2.45
N GLY A 56 -2.67 -2.69 3.49
CA GLY A 56 -3.37 -3.92 3.79
C GLY A 56 -2.45 -5.04 4.26
N SER A 57 -1.23 -5.02 3.75
CA SER A 57 -0.24 -6.04 4.11
C SER A 57 0.87 -5.45 4.96
N GLY A 58 1.25 -4.21 4.65
CA GLY A 58 2.31 -3.55 5.39
C GLY A 58 3.69 -3.89 4.88
N LEU A 59 4.22 -3.06 4.00
CA LEU A 59 5.55 -3.28 3.42
C LEU A 59 6.41 -2.03 3.53
N GLN A 60 7.68 -2.16 3.19
CA GLN A 60 8.61 -1.03 3.24
C GLN A 60 8.98 -0.56 1.85
N VAL A 61 9.03 0.76 1.65
CA VAL A 61 9.38 1.33 0.37
C VAL A 61 10.60 2.25 0.48
N LYS A 62 11.54 2.07 -0.42
CA LYS A 62 12.76 2.89 -0.43
C LYS A 62 13.19 3.21 -1.86
N PRO A 63 13.68 4.45 -2.05
CA PRO A 63 14.13 4.91 -3.37
C PRO A 63 15.43 4.22 -3.81
N LEU A 64 15.70 4.28 -5.11
CA LEU A 64 16.90 3.66 -5.66
C LEU A 64 17.85 4.71 -6.24
N GLY A 65 17.33 5.50 -7.17
CA GLY A 65 18.13 6.54 -7.79
C GLY A 65 17.49 7.91 -7.67
N ASN A 66 17.11 8.49 -8.79
CA ASN A 66 16.49 9.80 -8.81
C ASN A 66 15.16 9.79 -8.04
N ASN A 67 14.10 9.36 -8.71
CA ASN A 67 12.78 9.29 -8.09
C ASN A 67 12.17 7.91 -8.25
N SER A 68 13.02 6.89 -8.34
CA SER A 68 12.56 5.52 -8.51
C SER A 68 12.44 4.82 -7.16
N TRP A 69 11.22 4.38 -6.83
CA TRP A 69 10.96 3.71 -5.57
C TRP A 69 10.61 2.24 -5.81
N THR A 70 10.89 1.40 -4.81
CA THR A 70 10.60 -0.03 -4.92
C THR A 70 9.98 -0.56 -3.63
N LEU A 71 9.23 -1.64 -3.75
CA LEU A 71 8.57 -2.25 -2.60
C LEU A 71 9.34 -3.47 -2.10
N GLU A 72 9.67 -3.47 -0.82
CA GLU A 72 10.41 -4.59 -0.22
C GLU A 72 9.62 -5.23 0.91
N PRO A 73 9.63 -6.56 0.96
CA PRO A 73 8.91 -7.31 2.00
C PRO A 73 9.55 -7.17 3.37
N ALA A 74 8.76 -6.71 4.34
CA ALA A 74 9.25 -6.51 5.70
C ALA A 74 8.76 -7.63 6.62
N PRO A 75 9.44 -7.80 7.76
CA PRO A 75 9.10 -8.82 8.75
C PRO A 75 7.79 -8.52 9.47
N ALA A 76 7.01 -9.56 9.72
CA ALA A 76 5.73 -9.39 10.41
C ALA A 76 5.92 -8.74 11.77
N PRO A 77 4.83 -8.18 12.32
CA PRO A 77 4.85 -7.52 13.63
C PRO A 77 5.03 -8.50 14.77
N LYS A 78 5.32 -7.98 15.96
CA LYS A 78 5.52 -8.81 17.15
C LYS A 78 4.24 -9.56 17.50
N GLU A 79 4.20 -10.84 17.16
CA GLU A 79 3.03 -11.68 17.46
C GLU A 79 2.64 -11.57 18.93
N ASP A 80 1.40 -11.17 19.17
CA ASP A 80 0.89 -11.03 20.53
C ASP A 80 -0.63 -10.98 20.55
N ALA A 81 -1.24 -12.00 21.16
CA ALA A 81 -2.69 -12.07 21.24
C ALA A 81 -3.24 -11.02 22.20
N LEU A 82 -2.41 -10.60 23.14
CA LEU A 82 -2.81 -9.58 24.12
C LEU A 82 -4.01 -10.07 24.93
N THR A 83 -3.86 -11.24 25.56
CA THR A 83 -4.92 -11.81 26.37
C THR A 83 -4.65 -11.61 27.86
N VAL A 84 -4.49 -10.36 28.27
CA VAL A 84 -4.21 -10.03 29.66
C VAL A 84 -4.86 -8.72 30.05
N VAL A 85 -5.88 -8.80 30.92
CA VAL A 85 -6.59 -7.61 31.37
C VAL A 85 -7.07 -6.76 30.19
N GLY A 86 -7.89 -7.37 29.34
CA GLY A 86 -8.41 -6.66 28.18
C GLY A 86 -9.62 -5.81 28.52
N ASP A 87 -10.71 -6.02 27.80
CA ASP A 87 -11.93 -5.27 28.03
C ASP A 87 -12.69 -5.81 29.24
N TRP A 88 -12.63 -7.12 29.44
CA TRP A 88 -13.30 -7.76 30.56
C TRP A 88 -14.80 -7.48 30.52
N LEU A 89 -15.55 -8.44 29.98
CA LEU A 89 -16.99 -8.30 29.88
C LEU A 89 -17.69 -8.89 31.10
N GLY A 90 -17.04 -9.88 31.72
CA GLY A 90 -17.60 -10.50 32.90
C GLY A 90 -18.37 -11.77 32.57
N ASP A 91 -18.04 -12.86 33.26
CA ASP A 91 -18.71 -14.14 33.03
C ASP A 91 -20.04 -14.19 33.78
N ALA A 92 -20.94 -13.28 33.43
CA ALA A 92 -22.26 -13.23 34.07
C ALA A 92 -23.37 -13.30 33.03
N ARG A 93 -24.46 -13.96 33.39
CA ARG A 93 -25.60 -14.10 32.48
C ARG A 93 -26.91 -13.75 33.20
N GLU A 94 -27.68 -12.84 32.60
CA GLU A 94 -28.95 -12.43 33.19
C GLU A 94 -30.10 -13.23 32.60
N ASN A 95 -30.76 -14.02 33.45
CA ASN A 95 -31.88 -14.84 33.02
C ASN A 95 -33.11 -13.98 32.75
N ASP A 96 -33.58 -13.99 31.51
CA ASP A 96 -34.75 -13.22 31.12
C ASP A 96 -35.32 -13.72 29.79
N LEU A 97 -36.63 -13.86 29.73
CA LEU A 97 -37.30 -14.32 28.52
C LEU A 97 -37.53 -13.17 27.55
N GLU A 98 -36.60 -13.02 26.60
CA GLU A 98 -36.69 -11.97 25.60
C GLU A 98 -36.40 -12.50 24.21
N HIS A 99 -36.94 -13.68 23.90
CA HIS A 99 -36.73 -14.30 22.61
C HIS A 99 -38.07 -14.59 21.93
N HIS A 100 -38.54 -13.62 21.14
CA HIS A 100 -39.81 -13.77 20.43
C HIS A 100 -39.59 -13.69 18.92
N HIS A 101 -39.89 -14.79 18.24
CA HIS A 101 -39.74 -14.86 16.79
C HIS A 101 -40.83 -15.71 16.16
N HIS A 102 -41.04 -15.54 14.86
CA HIS A 102 -42.05 -16.29 14.14
C HIS A 102 -41.61 -16.59 12.71
N HIS A 103 -41.31 -17.85 12.44
CA HIS A 103 -40.88 -18.27 11.11
C HIS A 103 -41.48 -19.62 10.74
N HIS A 104 -41.91 -19.74 9.49
CA HIS A 104 -42.52 -20.97 9.00
C HIS A 104 -41.46 -21.87 8.35
N ALA A 1 -3.87 17.32 -2.05
CA ALA A 1 -4.14 16.84 -3.40
C ALA A 1 -5.08 15.65 -3.39
N GLN A 2 -6.38 15.93 -3.54
CA GLN A 2 -7.39 14.89 -3.55
C GLN A 2 -7.21 13.97 -4.76
N VAL A 3 -7.13 12.67 -4.49
CA VAL A 3 -6.96 11.68 -5.55
C VAL A 3 -7.86 10.47 -5.32
N ASN A 4 -8.76 10.22 -6.27
CA ASN A 4 -9.67 9.09 -6.16
C ASN A 4 -9.46 8.12 -7.32
N ILE A 5 -8.86 6.96 -7.01
CA ILE A 5 -8.61 5.94 -8.02
C ILE A 5 -9.43 4.69 -7.77
N ALA A 6 -9.96 4.11 -8.83
CA ALA A 6 -10.77 2.89 -8.72
C ALA A 6 -9.89 1.65 -8.78
N PRO A 7 -10.10 0.73 -7.82
CA PRO A 7 -9.35 -0.52 -7.74
C PRO A 7 -9.69 -1.48 -8.86
N GLY A 8 -9.31 -2.74 -8.71
CA GLY A 8 -9.60 -3.74 -9.72
C GLY A 8 -8.38 -4.09 -10.56
N SER A 9 -7.22 -3.59 -10.13
CA SER A 9 -5.98 -3.84 -10.86
C SER A 9 -4.80 -3.13 -10.19
N LEU A 10 -3.99 -3.89 -9.48
CA LEU A 10 -2.83 -3.33 -8.79
C LEU A 10 -1.97 -2.52 -9.74
N ASP A 11 -1.65 -3.10 -10.90
CA ASP A 11 -0.83 -2.43 -11.90
C ASP A 11 -1.46 -1.10 -12.31
N LYS A 12 -2.77 -1.09 -12.47
CA LYS A 12 -3.49 0.12 -12.86
C LYS A 12 -3.46 1.15 -11.73
N ALA A 13 -3.91 0.75 -10.55
CA ALA A 13 -3.93 1.64 -9.40
C ALA A 13 -2.57 2.28 -9.18
N LEU A 14 -1.50 1.53 -9.49
CA LEU A 14 -0.14 2.03 -9.33
C LEU A 14 0.14 3.18 -10.30
N ASN A 15 -0.15 2.94 -11.57
CA ASN A 15 0.07 3.96 -12.60
C ASN A 15 -0.82 5.18 -12.37
N GLN A 16 -2.02 4.93 -11.83
CA GLN A 16 -2.97 6.01 -11.56
C GLN A 16 -2.36 7.03 -10.61
N TYR A 17 -1.92 6.57 -9.45
CA TYR A 17 -1.34 7.45 -8.44
C TYR A 17 0.07 7.89 -8.86
N ALA A 18 0.79 6.98 -9.52
CA ALA A 18 2.14 7.28 -9.99
C ALA A 18 2.15 8.46 -10.95
N ALA A 19 1.08 8.60 -11.73
CA ALA A 19 0.96 9.69 -12.68
C ALA A 19 0.60 11.00 -11.98
N HIS A 20 -0.13 10.90 -10.87
CA HIS A 20 -0.54 12.07 -10.11
C HIS A 20 0.62 12.62 -9.28
N SER A 21 1.55 11.73 -8.93
CA SER A 21 2.71 12.13 -8.13
C SER A 21 3.80 12.72 -9.01
N GLY A 22 4.26 11.94 -9.98
CA GLY A 22 5.30 12.40 -10.88
C GLY A 22 6.63 11.73 -10.63
N PHE A 23 6.58 10.49 -10.14
CA PHE A 23 7.79 9.73 -9.86
C PHE A 23 7.71 8.33 -10.47
N THR A 24 8.84 7.61 -10.43
CA THR A 24 8.89 6.27 -10.97
C THR A 24 8.94 5.23 -9.85
N LEU A 25 8.41 4.04 -10.14
CA LEU A 25 8.39 2.96 -9.16
C LEU A 25 8.74 1.63 -9.81
N SER A 26 9.57 0.83 -9.14
CA SER A 26 9.99 -0.46 -9.66
C SER A 26 9.62 -1.57 -8.68
N VAL A 27 8.55 -2.30 -8.99
CA VAL A 27 8.10 -3.39 -8.14
C VAL A 27 7.83 -4.65 -8.96
N ASP A 28 8.25 -5.80 -8.43
CA ASP A 28 8.05 -7.08 -9.11
C ASP A 28 6.57 -7.43 -9.18
N ALA A 29 5.95 -7.10 -10.32
CA ALA A 29 4.54 -7.39 -10.51
C ALA A 29 4.31 -8.87 -10.78
N SER A 30 5.40 -9.62 -10.88
CA SER A 30 5.31 -11.06 -11.13
C SER A 30 4.36 -11.73 -10.14
N LEU A 31 4.53 -11.43 -8.87
CA LEU A 31 3.70 -11.99 -7.82
C LEU A 31 2.39 -11.20 -7.67
N THR A 32 2.34 -10.04 -8.32
CA THR A 32 1.16 -9.19 -8.27
C THR A 32 0.03 -9.75 -9.13
N ARG A 33 0.39 -10.24 -10.31
CA ARG A 33 -0.59 -10.80 -11.24
C ARG A 33 -1.45 -11.85 -10.53
N GLY A 34 -2.73 -11.54 -10.37
CA GLY A 34 -3.64 -12.47 -9.72
C GLY A 34 -4.83 -11.78 -9.09
N LYS A 35 -4.56 -10.79 -8.24
CA LYS A 35 -5.62 -10.05 -7.58
C LYS A 35 -5.49 -8.56 -7.84
N GLN A 36 -6.45 -7.78 -7.35
CA GLN A 36 -6.43 -6.33 -7.53
C GLN A 36 -6.03 -5.62 -6.25
N SER A 37 -5.71 -4.33 -6.37
CA SER A 37 -5.31 -3.55 -5.20
C SER A 37 -6.34 -2.45 -4.92
N ASN A 38 -6.37 -1.98 -3.67
CA ASN A 38 -7.29 -0.93 -3.27
C ASN A 38 -6.84 0.42 -3.79
N GLY A 39 -7.74 1.13 -4.46
CA GLY A 39 -7.41 2.44 -5.00
C GLY A 39 -7.24 3.48 -3.91
N LEU A 40 -7.19 4.75 -4.31
CA LEU A 40 -7.03 5.85 -3.37
C LEU A 40 -8.32 6.66 -3.24
N HIS A 41 -8.43 7.39 -2.14
CA HIS A 41 -9.62 8.22 -1.91
C HIS A 41 -9.32 9.30 -0.87
N GLY A 42 -9.09 10.52 -1.34
CA GLY A 42 -8.81 11.62 -0.43
C GLY A 42 -7.52 12.34 -0.78
N ASP A 43 -7.10 13.25 0.08
CA ASP A 43 -5.87 14.01 -0.15
C ASP A 43 -4.68 13.31 0.47
N TYR A 44 -3.73 12.90 -0.38
CA TYR A 44 -2.54 12.22 0.09
C TYR A 44 -1.37 12.46 -0.85
N ASP A 45 -0.24 12.88 -0.28
CA ASP A 45 0.96 13.16 -1.06
C ASP A 45 1.40 11.91 -1.83
N VAL A 46 2.56 12.02 -2.50
CA VAL A 46 3.09 10.90 -3.26
C VAL A 46 3.39 9.71 -2.36
N GLU A 47 4.02 9.96 -1.22
CA GLU A 47 4.35 8.91 -0.28
C GLU A 47 3.12 8.43 0.46
N SER A 48 2.39 9.36 1.06
CA SER A 48 1.19 9.04 1.81
C SER A 48 0.20 8.27 0.93
N GLY A 49 -0.09 8.82 -0.24
CA GLY A 49 -1.01 8.17 -1.16
C GLY A 49 -0.53 6.82 -1.62
N LEU A 50 0.76 6.74 -1.98
CA LEU A 50 1.35 5.50 -2.44
C LEU A 50 1.08 4.36 -1.47
N GLN A 51 1.42 4.58 -0.20
CA GLN A 51 1.20 3.57 0.84
C GLN A 51 -0.29 3.30 1.02
N GLN A 52 -1.12 4.27 0.67
CA GLN A 52 -2.56 4.13 0.80
C GLN A 52 -3.12 3.24 -0.30
N LEU A 53 -2.43 3.20 -1.44
CA LEU A 53 -2.86 2.38 -2.57
C LEU A 53 -2.63 0.91 -2.29
N LEU A 54 -1.39 0.55 -1.97
CA LEU A 54 -1.04 -0.83 -1.68
C LEU A 54 -1.41 -1.20 -0.24
N ASP A 55 -1.88 -0.21 0.51
CA ASP A 55 -2.27 -0.44 1.90
C ASP A 55 -3.18 -1.66 2.03
N GLY A 56 -2.71 -2.66 2.75
CA GLY A 56 -3.49 -3.87 2.93
C GLY A 56 -2.63 -5.08 3.27
N SER A 57 -1.34 -4.98 2.95
CA SER A 57 -0.41 -6.07 3.21
C SER A 57 0.65 -5.65 4.22
N GLY A 58 1.16 -4.42 4.06
CA GLY A 58 2.18 -3.92 4.96
C GLY A 58 3.58 -4.22 4.48
N LEU A 59 4.18 -3.28 3.77
CA LEU A 59 5.54 -3.46 3.25
C LEU A 59 6.35 -2.18 3.41
N GLN A 60 7.64 -2.26 3.08
CA GLN A 60 8.53 -1.11 3.19
C GLN A 60 8.91 -0.59 1.81
N VAL A 61 9.15 0.72 1.71
CA VAL A 61 9.52 1.34 0.45
C VAL A 61 10.80 2.16 0.60
N LYS A 62 11.66 2.08 -0.41
CA LYS A 62 12.91 2.83 -0.40
C LYS A 62 13.33 3.23 -1.81
N PRO A 63 13.84 4.47 -1.94
CA PRO A 63 14.28 5.00 -3.24
C PRO A 63 15.54 4.31 -3.75
N LEU A 64 15.78 4.43 -5.05
CA LEU A 64 16.95 3.82 -5.67
C LEU A 64 17.79 4.86 -6.40
N GLY A 65 17.20 5.49 -7.41
CA GLY A 65 17.90 6.50 -8.17
C GLY A 65 17.08 7.76 -8.36
N ASN A 66 16.72 8.05 -9.61
CA ASN A 66 15.93 9.23 -9.92
C ASN A 66 14.49 9.06 -9.45
N ASN A 67 14.22 9.50 -8.23
CA ASN A 67 12.87 9.40 -7.67
C ASN A 67 12.27 8.03 -7.93
N SER A 68 13.13 7.01 -7.98
CA SER A 68 12.69 5.65 -8.23
C SER A 68 12.53 4.88 -6.92
N TRP A 69 11.29 4.55 -6.58
CA TRP A 69 11.01 3.82 -5.36
C TRP A 69 10.68 2.36 -5.66
N THR A 70 10.95 1.48 -4.69
CA THR A 70 10.69 0.06 -4.85
C THR A 70 10.01 -0.52 -3.62
N LEU A 71 9.23 -1.58 -3.81
CA LEU A 71 8.54 -2.24 -2.70
C LEU A 71 9.14 -3.60 -2.42
N GLU A 72 9.26 -3.93 -1.13
CA GLU A 72 9.82 -5.21 -0.72
C GLU A 72 9.25 -5.64 0.64
N PRO A 73 9.30 -6.96 0.90
CA PRO A 73 8.80 -7.52 2.16
C PRO A 73 9.67 -7.14 3.35
N ALA A 74 9.04 -6.58 4.38
CA ALA A 74 9.76 -6.18 5.58
C ALA A 74 9.58 -7.20 6.69
N PRO A 75 10.49 -7.16 7.69
CA PRO A 75 10.45 -8.08 8.82
C PRO A 75 9.28 -7.81 9.76
N ALA A 76 8.50 -8.85 10.04
CA ALA A 76 7.34 -8.72 10.93
C ALA A 76 7.74 -8.09 12.27
N PRO A 77 6.75 -7.55 12.99
CA PRO A 77 6.97 -6.91 14.28
C PRO A 77 7.34 -7.91 15.37
N LYS A 78 7.81 -7.40 16.50
CA LYS A 78 8.20 -8.26 17.62
C LYS A 78 6.97 -8.66 18.44
N GLU A 79 5.80 -8.22 18.02
CA GLU A 79 4.56 -8.53 18.72
C GLU A 79 4.11 -9.95 18.41
N ASP A 80 3.29 -10.52 19.29
CA ASP A 80 2.79 -11.87 19.11
C ASP A 80 1.28 -11.85 18.84
N ALA A 81 0.92 -12.01 17.57
CA ALA A 81 -0.49 -12.01 17.17
C ALA A 81 -0.75 -13.09 16.12
N LEU A 82 -1.98 -13.15 15.64
CA LEU A 82 -2.38 -14.13 14.63
C LEU A 82 -1.86 -13.72 13.26
N THR A 83 -0.60 -14.05 12.98
CA THR A 83 0.01 -13.71 11.70
C THR A 83 0.74 -14.92 11.11
N VAL A 84 1.16 -14.80 9.86
CA VAL A 84 1.86 -15.89 9.18
C VAL A 84 3.30 -15.48 8.87
N VAL A 85 4.17 -16.48 8.75
CA VAL A 85 5.58 -16.22 8.44
C VAL A 85 5.81 -16.12 6.94
N GLY A 86 4.90 -16.70 6.16
CA GLY A 86 5.01 -16.64 4.71
C GLY A 86 6.25 -17.35 4.21
N ASP A 87 6.92 -16.74 3.23
CA ASP A 87 8.13 -17.33 2.65
C ASP A 87 9.36 -16.53 3.07
N TRP A 88 10.35 -17.22 3.62
CA TRP A 88 11.58 -16.57 4.06
C TRP A 88 12.80 -17.35 3.59
N LEU A 89 13.97 -16.72 3.65
CA LEU A 89 15.22 -17.35 3.23
C LEU A 89 16.40 -16.80 4.03
N GLY A 90 17.60 -17.21 3.64
CA GLY A 90 18.79 -16.75 4.32
C GLY A 90 19.84 -16.23 3.36
N ASP A 91 20.16 -14.95 3.46
CA ASP A 91 21.16 -14.33 2.59
C ASP A 91 22.32 -13.77 3.41
N ALA A 92 22.84 -14.58 4.31
CA ALA A 92 23.95 -14.17 5.17
C ALA A 92 25.23 -14.92 4.81
N ARG A 93 26.37 -14.25 4.93
CA ARG A 93 27.66 -14.86 4.61
C ARG A 93 28.63 -14.70 5.78
N GLU A 94 29.26 -15.80 6.17
CA GLU A 94 30.22 -15.78 7.27
C GLU A 94 31.39 -14.86 6.95
N ASN A 95 32.38 -14.84 7.85
CA ASN A 95 33.56 -13.99 7.67
C ASN A 95 33.16 -12.53 7.52
N ASP A 96 32.13 -12.12 8.25
CA ASP A 96 31.66 -10.74 8.21
C ASP A 96 32.11 -9.97 9.44
N LEU A 97 33.37 -10.17 9.84
CA LEU A 97 33.93 -9.50 11.00
C LEU A 97 34.72 -8.26 10.59
N GLU A 98 34.00 -7.21 10.21
CA GLU A 98 34.62 -5.96 9.80
C GLU A 98 33.80 -4.76 10.24
N HIS A 99 34.49 -3.68 10.60
CA HIS A 99 33.83 -2.46 11.04
C HIS A 99 32.91 -2.74 12.23
N HIS A 100 33.47 -3.36 13.27
CA HIS A 100 32.71 -3.69 14.46
C HIS A 100 33.24 -2.91 15.67
N HIS A 101 33.60 -1.65 15.45
CA HIS A 101 34.11 -0.80 16.52
C HIS A 101 33.04 -0.52 17.56
N HIS A 102 31.78 -0.52 17.12
CA HIS A 102 30.65 -0.26 18.01
C HIS A 102 29.57 -1.32 17.85
N HIS A 103 29.07 -1.46 16.63
CA HIS A 103 28.03 -2.45 16.34
C HIS A 103 28.05 -2.84 14.87
N HIS A 104 27.21 -3.81 14.50
CA HIS A 104 27.13 -4.27 13.12
C HIS A 104 25.95 -3.64 12.40
N ALA A 1 -4.04 17.70 -3.08
CA ALA A 1 -3.52 16.48 -3.69
C ALA A 1 -4.57 15.38 -3.68
N GLN A 2 -5.83 15.76 -3.90
CA GLN A 2 -6.93 14.80 -3.91
C GLN A 2 -6.80 13.85 -5.10
N VAL A 3 -6.81 12.55 -4.81
CA VAL A 3 -6.69 11.54 -5.85
C VAL A 3 -7.67 10.39 -5.61
N ASN A 4 -8.52 10.11 -6.60
CA ASN A 4 -9.49 9.04 -6.49
C ASN A 4 -9.26 7.99 -7.57
N ILE A 5 -8.74 6.84 -7.16
CA ILE A 5 -8.48 5.75 -8.09
C ILE A 5 -9.30 4.52 -7.75
N ALA A 6 -9.92 3.92 -8.77
CA ALA A 6 -10.76 2.74 -8.58
C ALA A 6 -9.90 1.47 -8.60
N PRO A 7 -10.14 0.58 -7.62
CA PRO A 7 -9.41 -0.68 -7.50
C PRO A 7 -9.77 -1.66 -8.62
N GLY A 8 -9.44 -2.93 -8.41
CA GLY A 8 -9.74 -3.95 -9.40
C GLY A 8 -8.51 -4.35 -10.21
N SER A 9 -7.35 -3.83 -9.81
CA SER A 9 -6.11 -4.14 -10.50
C SER A 9 -4.93 -3.40 -9.87
N LEU A 10 -4.03 -4.16 -9.25
CA LEU A 10 -2.87 -3.57 -8.60
C LEU A 10 -1.97 -2.86 -9.62
N ASP A 11 -1.80 -3.47 -10.78
CA ASP A 11 -0.98 -2.89 -11.84
C ASP A 11 -1.48 -1.50 -12.22
N LYS A 12 -2.78 -1.41 -12.50
CA LYS A 12 -3.39 -0.14 -12.87
C LYS A 12 -3.38 0.84 -11.70
N ALA A 13 -3.75 0.35 -10.52
CA ALA A 13 -3.79 1.17 -9.33
C ALA A 13 -2.44 1.86 -9.09
N LEU A 14 -1.37 1.20 -9.53
CA LEU A 14 -0.02 1.75 -9.36
C LEU A 14 0.21 2.91 -10.33
N ASN A 15 0.02 2.65 -11.62
CA ASN A 15 0.21 3.67 -12.64
C ASN A 15 -0.73 4.85 -12.41
N GLN A 16 -1.91 4.57 -11.87
CA GLN A 16 -2.89 5.60 -11.60
C GLN A 16 -2.34 6.65 -10.63
N TYR A 17 -1.90 6.19 -9.47
CA TYR A 17 -1.34 7.09 -8.45
C TYR A 17 0.06 7.57 -8.85
N ALA A 18 0.79 6.71 -9.54
CA ALA A 18 2.14 7.04 -9.98
C ALA A 18 2.12 8.25 -10.91
N ALA A 19 1.12 8.32 -11.78
CA ALA A 19 1.00 9.43 -12.71
C ALA A 19 0.45 10.68 -12.01
N HIS A 20 -0.26 10.47 -10.91
CA HIS A 20 -0.83 11.57 -10.15
C HIS A 20 0.25 12.30 -9.35
N SER A 21 1.32 11.58 -9.01
CA SER A 21 2.41 12.15 -8.24
C SER A 21 3.47 12.74 -9.17
N GLY A 22 4.05 11.90 -10.00
CA GLY A 22 5.08 12.36 -10.93
C GLY A 22 6.42 11.71 -10.67
N PHE A 23 6.40 10.52 -10.07
CA PHE A 23 7.63 9.80 -9.76
C PHE A 23 7.60 8.40 -10.35
N THR A 24 8.74 7.71 -10.31
CA THR A 24 8.84 6.36 -10.84
C THR A 24 8.88 5.33 -9.71
N LEU A 25 8.34 4.14 -9.97
CA LEU A 25 8.32 3.07 -8.99
C LEU A 25 8.65 1.73 -9.64
N SER A 26 9.50 0.95 -8.97
CA SER A 26 9.90 -0.35 -9.48
C SER A 26 9.49 -1.46 -8.52
N VAL A 27 8.41 -2.17 -8.85
CA VAL A 27 7.92 -3.25 -8.02
C VAL A 27 7.64 -4.50 -8.85
N ASP A 28 8.02 -5.66 -8.31
CA ASP A 28 7.82 -6.93 -9.00
C ASP A 28 6.33 -7.18 -9.23
N ALA A 29 5.89 -7.06 -10.48
CA ALA A 29 4.50 -7.28 -10.83
C ALA A 29 4.17 -8.77 -10.87
N SER A 30 5.16 -9.59 -10.53
CA SER A 30 4.98 -11.04 -10.54
C SER A 30 3.72 -11.43 -9.78
N LEU A 31 3.56 -10.86 -8.59
CA LEU A 31 2.39 -11.15 -7.75
C LEU A 31 1.23 -10.24 -8.11
N THR A 32 1.50 -9.21 -8.90
CA THR A 32 0.49 -8.26 -9.32
C THR A 32 -0.50 -8.90 -10.27
N ARG A 33 0.01 -9.71 -11.20
CA ARG A 33 -0.84 -10.39 -12.18
C ARG A 33 -1.97 -11.14 -11.48
N GLY A 34 -3.20 -10.72 -11.74
CA GLY A 34 -4.36 -11.36 -11.13
C GLY A 34 -4.74 -10.72 -9.82
N LYS A 35 -3.76 -10.44 -8.98
CA LYS A 35 -4.00 -9.82 -7.68
C LYS A 35 -4.54 -8.39 -7.85
N GLN A 36 -5.15 -7.88 -6.79
CA GLN A 36 -5.70 -6.53 -6.82
C GLN A 36 -5.17 -5.70 -5.66
N SER A 37 -5.58 -4.43 -5.60
CA SER A 37 -5.14 -3.53 -4.54
C SER A 37 -6.18 -2.43 -4.30
N ASN A 38 -6.26 -1.97 -3.05
CA ASN A 38 -7.20 -0.92 -2.69
C ASN A 38 -6.80 0.41 -3.32
N GLY A 39 -7.71 0.98 -4.11
CA GLY A 39 -7.43 2.25 -4.76
C GLY A 39 -7.24 3.38 -3.77
N LEU A 40 -7.07 4.59 -4.28
CA LEU A 40 -6.86 5.76 -3.43
C LEU A 40 -8.14 6.61 -3.36
N HIS A 41 -8.31 7.33 -2.26
CA HIS A 41 -9.47 8.18 -2.08
C HIS A 41 -9.20 9.26 -1.03
N GLY A 42 -8.89 10.46 -1.48
CA GLY A 42 -8.61 11.55 -0.57
C GLY A 42 -7.28 12.23 -0.86
N ASP A 43 -7.04 13.37 -0.22
CA ASP A 43 -5.80 14.11 -0.41
C ASP A 43 -4.63 13.39 0.26
N TYR A 44 -3.67 12.97 -0.55
CA TYR A 44 -2.50 12.27 -0.04
C TYR A 44 -1.29 12.51 -0.94
N ASP A 45 -0.17 12.92 -0.32
CA ASP A 45 1.05 13.19 -1.07
C ASP A 45 1.50 11.95 -1.84
N VAL A 46 2.64 12.06 -2.50
CA VAL A 46 3.18 10.95 -3.28
C VAL A 46 3.44 9.73 -2.40
N GLU A 47 4.07 9.96 -1.26
CA GLU A 47 4.38 8.88 -0.33
C GLU A 47 3.11 8.41 0.41
N SER A 48 2.41 9.36 1.00
CA SER A 48 1.19 9.05 1.74
C SER A 48 0.20 8.29 0.85
N GLY A 49 -0.07 8.83 -0.33
CA GLY A 49 -0.99 8.19 -1.25
C GLY A 49 -0.52 6.81 -1.67
N LEU A 50 0.76 6.69 -1.97
CA LEU A 50 1.33 5.41 -2.40
C LEU A 50 1.03 4.32 -1.38
N GLN A 51 1.35 4.58 -0.12
CA GLN A 51 1.12 3.61 0.94
C GLN A 51 -0.37 3.33 1.10
N GLN A 52 -1.19 4.29 0.69
CA GLN A 52 -2.64 4.16 0.79
C GLN A 52 -3.16 3.17 -0.26
N LEU A 53 -2.44 3.06 -1.36
CA LEU A 53 -2.84 2.16 -2.44
C LEU A 53 -2.54 0.71 -2.06
N LEU A 54 -1.30 0.44 -1.69
CA LEU A 54 -0.88 -0.90 -1.31
C LEU A 54 -1.32 -1.22 0.13
N ASP A 55 -1.90 -0.23 0.79
CA ASP A 55 -2.36 -0.40 2.16
C ASP A 55 -3.14 -1.70 2.31
N GLY A 56 -2.85 -2.45 3.37
CA GLY A 56 -3.53 -3.71 3.61
C GLY A 56 -2.59 -4.89 3.56
N SER A 57 -1.37 -4.67 3.10
CA SER A 57 -0.37 -5.72 3.00
C SER A 57 0.77 -5.49 3.99
N GLY A 58 1.27 -4.26 4.02
CA GLY A 58 2.36 -3.92 4.92
C GLY A 58 3.71 -4.23 4.33
N LEU A 59 4.35 -3.22 3.73
CA LEU A 59 5.66 -3.38 3.12
C LEU A 59 6.51 -2.13 3.31
N GLN A 60 7.77 -2.21 2.89
CA GLN A 60 8.69 -1.09 3.01
C GLN A 60 8.99 -0.48 1.64
N VAL A 61 9.15 0.84 1.60
CA VAL A 61 9.43 1.54 0.36
C VAL A 61 10.68 2.40 0.50
N LYS A 62 11.69 2.11 -0.31
CA LYS A 62 12.94 2.86 -0.28
C LYS A 62 13.35 3.30 -1.69
N PRO A 63 13.88 4.52 -1.80
CA PRO A 63 14.31 5.09 -3.08
C PRO A 63 15.56 4.39 -3.62
N LEU A 64 15.80 4.55 -4.91
CA LEU A 64 16.96 3.93 -5.55
C LEU A 64 17.82 4.98 -6.24
N GLY A 65 17.26 5.64 -7.25
CA GLY A 65 17.99 6.67 -7.98
C GLY A 65 17.15 7.91 -8.23
N ASN A 66 16.84 8.16 -9.49
CA ASN A 66 16.04 9.32 -9.86
C ASN A 66 14.61 9.20 -9.32
N ASN A 67 14.41 9.71 -8.11
CA ASN A 67 13.10 9.65 -7.47
C ASN A 67 12.41 8.33 -7.76
N SER A 68 13.18 7.25 -7.77
CA SER A 68 12.64 5.92 -8.03
C SER A 68 12.52 5.12 -6.74
N TRP A 69 11.30 4.74 -6.39
CA TRP A 69 11.05 3.96 -5.18
C TRP A 69 10.73 2.51 -5.52
N THR A 70 11.00 1.61 -4.57
CA THR A 70 10.75 0.20 -4.78
C THR A 70 10.09 -0.42 -3.55
N LEU A 71 9.27 -1.44 -3.77
CA LEU A 71 8.58 -2.12 -2.67
C LEU A 71 9.23 -3.48 -2.37
N GLU A 72 9.28 -3.83 -1.09
CA GLU A 72 9.87 -5.09 -0.68
C GLU A 72 9.20 -5.62 0.58
N PRO A 73 9.30 -6.94 0.80
CA PRO A 73 8.72 -7.60 1.98
C PRO A 73 9.43 -7.23 3.27
N ALA A 74 8.65 -6.82 4.26
CA ALA A 74 9.21 -6.43 5.56
C ALA A 74 9.22 -7.61 6.52
N PRO A 75 10.07 -7.51 7.56
CA PRO A 75 10.19 -8.56 8.58
C PRO A 75 8.95 -8.67 9.47
N ALA A 76 8.76 -9.85 10.05
CA ALA A 76 7.62 -10.08 10.93
C ALA A 76 6.30 -9.94 10.17
N PRO A 77 5.23 -10.51 10.72
CA PRO A 77 3.90 -10.46 10.11
C PRO A 77 3.29 -9.07 10.14
N LYS A 78 2.21 -8.88 9.40
CA LYS A 78 1.54 -7.59 9.34
C LYS A 78 0.29 -7.59 10.23
N GLU A 79 -0.08 -8.76 10.72
CA GLU A 79 -1.25 -8.91 11.58
C GLU A 79 -2.52 -8.54 10.82
N ASP A 80 -2.72 -9.16 9.67
CA ASP A 80 -3.89 -8.90 8.85
C ASP A 80 -4.11 -10.02 7.83
N ALA A 81 -5.02 -9.80 6.90
CA ALA A 81 -5.32 -10.78 5.87
C ALA A 81 -4.06 -11.21 5.14
N LEU A 82 -3.39 -10.24 4.51
CA LEU A 82 -2.16 -10.52 3.78
C LEU A 82 -0.94 -10.44 4.69
N THR A 83 -0.20 -11.53 4.77
CA THR A 83 0.99 -11.58 5.61
C THR A 83 2.15 -12.25 4.88
N VAL A 84 3.36 -12.05 5.40
CA VAL A 84 4.56 -12.64 4.79
C VAL A 84 5.47 -13.22 5.85
N VAL A 85 6.22 -14.26 5.47
CA VAL A 85 7.14 -14.91 6.40
C VAL A 85 8.59 -14.59 6.05
N GLY A 86 9.53 -15.21 6.77
CA GLY A 86 10.94 -14.97 6.52
C GLY A 86 11.61 -14.26 7.67
N ASP A 87 12.81 -14.71 8.03
CA ASP A 87 13.56 -14.10 9.11
C ASP A 87 15.00 -13.80 8.69
N TRP A 88 15.28 -12.53 8.45
CA TRP A 88 16.62 -12.11 8.03
C TRP A 88 17.42 -11.57 9.22
N LEU A 89 18.56 -10.96 8.93
CA LEU A 89 19.42 -10.41 9.97
C LEU A 89 18.87 -9.06 10.45
N GLY A 90 18.42 -8.23 9.51
CA GLY A 90 17.88 -6.93 9.86
C GLY A 90 18.81 -6.14 10.76
N ASP A 91 18.48 -6.08 12.05
CA ASP A 91 19.29 -5.35 13.01
C ASP A 91 19.08 -5.90 14.43
N ALA A 92 20.19 -6.11 15.14
CA ALA A 92 20.13 -6.62 16.51
C ALA A 92 21.18 -5.97 17.39
N ARG A 93 21.10 -6.22 18.69
CA ARG A 93 22.04 -5.65 19.65
C ARG A 93 22.12 -4.14 19.49
N GLU A 94 20.96 -3.48 19.46
CA GLU A 94 20.91 -2.04 19.32
C GLU A 94 19.62 -1.48 19.91
N ASN A 95 19.76 -0.50 20.81
CA ASN A 95 18.61 0.12 21.45
C ASN A 95 18.49 1.59 21.07
N ASP A 96 17.28 2.12 21.16
CA ASP A 96 17.03 3.52 20.82
C ASP A 96 16.54 4.29 22.05
N LEU A 97 16.61 5.62 21.96
CA LEU A 97 16.17 6.48 23.05
C LEU A 97 14.66 6.49 23.16
N GLU A 98 14.15 7.13 24.21
CA GLU A 98 12.71 7.23 24.42
C GLU A 98 12.30 8.65 24.79
N HIS A 99 11.03 8.96 24.61
CA HIS A 99 10.50 10.29 24.92
C HIS A 99 9.01 10.23 25.25
N HIS A 100 8.43 11.39 25.52
CA HIS A 100 7.01 11.47 25.85
C HIS A 100 6.50 12.91 25.75
N HIS A 101 5.28 13.08 25.27
CA HIS A 101 4.68 14.40 25.12
C HIS A 101 3.17 14.30 25.06
N HIS A 102 2.51 15.46 25.11
CA HIS A 102 1.05 15.51 25.06
C HIS A 102 0.58 16.83 24.45
N HIS A 103 -0.32 16.74 23.47
CA HIS A 103 -0.86 17.92 22.81
C HIS A 103 -2.34 17.74 22.49
N HIS A 104 -3.06 18.85 22.38
CA HIS A 104 -4.49 18.82 22.08
C HIS A 104 -4.79 19.66 20.84
N ALA A 1 -3.28 16.63 -2.09
CA ALA A 1 -3.76 16.46 -3.45
C ALA A 1 -4.83 15.38 -3.54
N GLN A 2 -6.08 15.82 -3.61
CA GLN A 2 -7.21 14.89 -3.69
C GLN A 2 -7.05 13.94 -4.88
N VAL A 3 -7.01 12.65 -4.60
CA VAL A 3 -6.87 11.64 -5.64
C VAL A 3 -7.81 10.47 -5.41
N ASN A 4 -8.67 10.20 -6.39
CA ASN A 4 -9.62 9.10 -6.30
C ASN A 4 -9.38 8.07 -7.40
N ILE A 5 -8.87 6.90 -7.00
CA ILE A 5 -8.58 5.83 -7.95
C ILE A 5 -9.40 4.59 -7.63
N ALA A 6 -9.97 3.98 -8.67
CA ALA A 6 -10.77 2.76 -8.49
C ALA A 6 -9.90 1.51 -8.53
N PRO A 7 -10.12 0.61 -7.58
CA PRO A 7 -9.36 -0.65 -7.49
C PRO A 7 -9.70 -1.61 -8.63
N GLY A 8 -9.33 -2.87 -8.45
CA GLY A 8 -9.60 -3.88 -9.47
C GLY A 8 -8.38 -4.22 -10.29
N SER A 9 -7.21 -3.76 -9.83
CA SER A 9 -5.97 -4.02 -10.54
C SER A 9 -4.79 -3.38 -9.81
N LEU A 10 -3.97 -4.23 -9.18
CA LEU A 10 -2.80 -3.75 -8.44
C LEU A 10 -1.84 -2.99 -9.36
N ASP A 11 -1.72 -3.48 -10.59
CA ASP A 11 -0.84 -2.85 -11.57
C ASP A 11 -1.37 -1.48 -11.98
N LYS A 12 -2.63 -1.43 -12.37
CA LYS A 12 -3.27 -0.19 -12.79
C LYS A 12 -3.31 0.81 -11.64
N ALA A 13 -3.78 0.36 -10.49
CA ALA A 13 -3.86 1.21 -9.30
C ALA A 13 -2.53 1.91 -9.03
N LEU A 14 -1.44 1.17 -9.20
CA LEU A 14 -0.10 1.72 -8.96
C LEU A 14 0.24 2.78 -10.01
N ASN A 15 -0.25 2.58 -11.23
CA ASN A 15 0.00 3.52 -12.31
C ASN A 15 -0.88 4.77 -12.17
N GLN A 16 -2.08 4.58 -11.65
CA GLN A 16 -3.01 5.69 -11.44
C GLN A 16 -2.41 6.75 -10.53
N TYR A 17 -2.01 6.34 -9.34
CA TYR A 17 -1.41 7.25 -8.37
C TYR A 17 -0.03 7.71 -8.82
N ALA A 18 0.71 6.80 -9.45
CA ALA A 18 2.05 7.10 -9.94
C ALA A 18 2.02 8.26 -10.94
N ALA A 19 0.97 8.31 -11.75
CA ALA A 19 0.82 9.38 -12.73
C ALA A 19 0.47 10.70 -12.06
N HIS A 20 -0.26 10.63 -10.95
CA HIS A 20 -0.66 11.82 -10.23
C HIS A 20 0.50 12.38 -9.41
N SER A 21 1.43 11.51 -9.04
CA SER A 21 2.59 11.91 -8.25
C SER A 21 3.66 12.52 -9.14
N GLY A 22 4.12 11.75 -10.12
CA GLY A 22 5.14 12.23 -11.03
C GLY A 22 6.49 11.57 -10.78
N PHE A 23 6.46 10.34 -10.30
CA PHE A 23 7.69 9.61 -10.01
C PHE A 23 7.63 8.20 -10.58
N THR A 24 8.77 7.51 -10.55
CA THR A 24 8.85 6.14 -11.06
C THR A 24 8.90 5.12 -9.93
N LEU A 25 8.37 3.94 -10.18
CA LEU A 25 8.36 2.87 -9.17
C LEU A 25 8.70 1.53 -9.81
N SER A 26 9.56 0.78 -9.14
CA SER A 26 9.97 -0.54 -9.63
C SER A 26 9.59 -1.64 -8.64
N VAL A 27 8.53 -2.37 -8.97
CA VAL A 27 8.06 -3.45 -8.12
C VAL A 27 7.84 -4.73 -8.92
N ASP A 28 8.25 -5.86 -8.35
CA ASP A 28 8.08 -7.15 -9.01
C ASP A 28 6.64 -7.36 -9.44
N ALA A 29 6.38 -7.18 -10.74
CA ALA A 29 5.04 -7.35 -11.28
C ALA A 29 4.67 -8.82 -11.37
N SER A 30 5.63 -9.69 -11.09
CA SER A 30 5.41 -11.13 -11.15
C SER A 30 4.17 -11.52 -10.34
N LEU A 31 4.08 -11.00 -9.12
CA LEU A 31 2.94 -11.29 -8.25
C LEU A 31 1.76 -10.39 -8.58
N THR A 32 2.06 -9.18 -9.05
CA THR A 32 1.01 -8.23 -9.41
C THR A 32 0.05 -8.82 -10.43
N ARG A 33 0.57 -9.71 -11.27
CA ARG A 33 -0.24 -10.35 -12.30
C ARG A 33 -1.44 -11.07 -11.68
N GLY A 34 -2.61 -10.46 -11.78
CA GLY A 34 -3.82 -11.05 -11.22
C GLY A 34 -4.16 -10.49 -9.85
N LYS A 35 -3.16 -9.95 -9.17
CA LYS A 35 -3.35 -9.38 -7.84
C LYS A 35 -4.03 -8.02 -7.93
N GLN A 36 -4.78 -7.66 -6.89
CA GLN A 36 -5.48 -6.38 -6.85
C GLN A 36 -5.00 -5.54 -5.68
N SER A 37 -5.54 -4.33 -5.56
CA SER A 37 -5.16 -3.42 -4.49
C SER A 37 -6.21 -2.33 -4.31
N ASN A 38 -6.38 -1.89 -3.06
CA ASN A 38 -7.36 -0.86 -2.75
C ASN A 38 -6.92 0.50 -3.30
N GLY A 39 -7.76 1.08 -4.16
CA GLY A 39 -7.44 2.36 -4.74
C GLY A 39 -7.26 3.45 -3.70
N LEU A 40 -7.17 4.69 -4.16
CA LEU A 40 -7.00 5.83 -3.26
C LEU A 40 -8.28 6.65 -3.16
N HIS A 41 -8.41 7.41 -2.08
CA HIS A 41 -9.59 8.25 -1.88
C HIS A 41 -9.30 9.35 -0.85
N GLY A 42 -9.06 10.56 -1.34
CA GLY A 42 -8.76 11.67 -0.46
C GLY A 42 -7.49 12.40 -0.83
N ASP A 43 -7.05 13.30 0.03
CA ASP A 43 -5.83 14.07 -0.20
C ASP A 43 -4.62 13.38 0.41
N TYR A 44 -3.69 12.95 -0.43
CA TYR A 44 -2.49 12.26 0.03
C TYR A 44 -1.33 12.49 -0.94
N ASP A 45 -0.19 12.92 -0.39
CA ASP A 45 1.00 13.17 -1.21
C ASP A 45 1.43 11.91 -1.94
N VAL A 46 2.57 11.99 -2.63
CA VAL A 46 3.09 10.85 -3.37
C VAL A 46 3.39 9.67 -2.45
N GLU A 47 4.05 9.97 -1.33
CA GLU A 47 4.40 8.94 -0.36
C GLU A 47 3.16 8.48 0.41
N SER A 48 2.45 9.44 1.01
CA SER A 48 1.26 9.14 1.77
C SER A 48 0.25 8.35 0.94
N GLY A 49 -0.06 8.87 -0.24
CA GLY A 49 -1.00 8.20 -1.12
C GLY A 49 -0.53 6.83 -1.55
N LEU A 50 0.75 6.73 -1.90
CA LEU A 50 1.33 5.46 -2.34
C LEU A 50 1.04 4.36 -1.31
N GLN A 51 1.40 4.61 -0.07
CA GLN A 51 1.19 3.65 1.01
C GLN A 51 -0.30 3.38 1.21
N GLN A 52 -1.12 4.35 0.83
CA GLN A 52 -2.57 4.22 0.97
C GLN A 52 -3.14 3.30 -0.10
N LEU A 53 -2.45 3.22 -1.23
CA LEU A 53 -2.89 2.38 -2.34
C LEU A 53 -2.68 0.90 -2.00
N LEU A 54 -1.44 0.55 -1.68
CA LEU A 54 -1.10 -0.83 -1.34
C LEU A 54 -1.46 -1.14 0.11
N ASP A 55 -1.91 -0.13 0.83
CA ASP A 55 -2.29 -0.30 2.23
C ASP A 55 -3.20 -1.51 2.41
N GLY A 56 -2.71 -2.49 3.16
CA GLY A 56 -3.48 -3.70 3.39
C GLY A 56 -2.61 -4.89 3.74
N SER A 57 -1.33 -4.80 3.39
CA SER A 57 -0.39 -5.89 3.66
C SER A 57 0.74 -5.41 4.57
N GLY A 58 1.22 -4.20 4.31
CA GLY A 58 2.30 -3.64 5.12
C GLY A 58 3.67 -3.99 4.57
N LEU A 59 4.23 -3.07 3.79
CA LEU A 59 5.55 -3.28 3.19
C LEU A 59 6.42 -2.03 3.34
N GLN A 60 7.68 -2.15 2.94
CA GLN A 60 8.61 -1.02 3.03
C GLN A 60 8.93 -0.48 1.65
N VAL A 61 9.13 0.84 1.56
CA VAL A 61 9.45 1.48 0.30
C VAL A 61 10.69 2.36 0.43
N LYS A 62 11.66 2.14 -0.46
CA LYS A 62 12.89 2.91 -0.45
C LYS A 62 13.30 3.29 -1.86
N PRO A 63 13.81 4.52 -2.02
CA PRO A 63 14.26 5.04 -3.32
C PRO A 63 15.53 4.35 -3.82
N LEU A 64 15.77 4.45 -5.11
CA LEU A 64 16.96 3.84 -5.72
C LEU A 64 17.79 4.87 -6.47
N GLY A 65 17.18 5.48 -7.48
CA GLY A 65 17.88 6.49 -8.27
C GLY A 65 17.04 7.73 -8.49
N ASN A 66 16.67 7.98 -9.74
CA ASN A 66 15.87 9.14 -10.08
C ASN A 66 14.42 8.98 -9.61
N ASN A 67 14.14 9.44 -8.40
CA ASN A 67 12.82 9.34 -7.82
C ASN A 67 12.22 7.96 -8.07
N SER A 68 13.08 6.95 -8.10
CA SER A 68 12.64 5.58 -8.32
C SER A 68 12.51 4.83 -7.00
N TRP A 69 11.27 4.49 -6.65
CA TRP A 69 11.01 3.77 -5.40
C TRP A 69 10.68 2.31 -5.69
N THR A 70 10.97 1.45 -4.71
CA THR A 70 10.70 0.02 -4.85
C THR A 70 10.05 -0.55 -3.60
N LEU A 71 9.23 -1.57 -3.78
CA LEU A 71 8.54 -2.21 -2.65
C LEU A 71 9.23 -3.52 -2.27
N GLU A 72 9.24 -3.81 -0.97
CA GLU A 72 9.85 -5.04 -0.47
C GLU A 72 9.07 -5.60 0.71
N PRO A 73 9.22 -6.91 0.96
CA PRO A 73 8.53 -7.60 2.05
C PRO A 73 9.07 -7.18 3.41
N ALA A 74 8.18 -6.68 4.26
CA ALA A 74 8.56 -6.25 5.60
C ALA A 74 8.17 -7.29 6.65
N PRO A 75 8.81 -7.22 7.83
CA PRO A 75 8.53 -8.14 8.93
C PRO A 75 7.17 -7.92 9.55
N ALA A 76 6.51 -9.01 9.96
CA ALA A 76 5.20 -8.93 10.58
C ALA A 76 4.75 -10.30 11.09
N PRO A 77 3.78 -10.30 12.01
CA PRO A 77 3.24 -11.52 12.60
C PRO A 77 2.43 -12.33 11.60
N LYS A 78 2.12 -13.57 11.97
CA LYS A 78 1.34 -14.46 11.10
C LYS A 78 -0.04 -13.88 10.85
N GLU A 79 -0.92 -13.98 11.85
CA GLU A 79 -2.27 -13.46 11.73
C GLU A 79 -2.93 -13.33 13.10
N ASP A 80 -3.58 -12.19 13.33
CA ASP A 80 -4.24 -11.93 14.61
C ASP A 80 -5.20 -13.07 14.96
N ALA A 81 -6.12 -13.37 14.05
CA ALA A 81 -7.09 -14.43 14.27
C ALA A 81 -6.41 -15.80 14.28
N LEU A 82 -7.21 -16.85 14.39
CA LEU A 82 -6.69 -18.21 14.41
C LEU A 82 -7.18 -19.01 13.20
N THR A 83 -6.89 -18.49 12.01
CA THR A 83 -7.30 -19.15 10.78
C THR A 83 -6.14 -19.26 9.80
N VAL A 84 -6.31 -20.10 8.78
CA VAL A 84 -5.27 -20.29 7.77
C VAL A 84 -5.66 -19.64 6.45
N VAL A 85 -5.39 -18.34 6.33
CA VAL A 85 -5.71 -17.60 5.12
C VAL A 85 -4.45 -17.28 4.33
N GLY A 86 -3.32 -17.26 5.02
CA GLY A 86 -2.06 -16.96 4.36
C GLY A 86 -0.89 -17.72 4.96
N ASP A 87 0.31 -17.43 4.49
CA ASP A 87 1.51 -18.10 4.98
C ASP A 87 2.76 -17.28 4.65
N TRP A 88 3.75 -17.35 5.54
CA TRP A 88 5.00 -16.62 5.34
C TRP A 88 6.20 -17.52 5.59
N LEU A 89 7.10 -17.60 4.61
CA LEU A 89 8.29 -18.43 4.72
C LEU A 89 9.52 -17.57 5.02
N GLY A 90 9.83 -17.43 6.30
CA GLY A 90 10.98 -16.64 6.69
C GLY A 90 12.28 -17.42 6.62
N ASP A 91 12.73 -17.93 7.76
CA ASP A 91 13.97 -18.70 7.83
C ASP A 91 15.16 -17.86 7.36
N ALA A 92 15.10 -16.56 7.66
CA ALA A 92 16.17 -15.65 7.27
C ALA A 92 17.05 -15.31 8.46
N ARG A 93 17.57 -16.33 9.13
CA ARG A 93 18.42 -16.13 10.30
C ARG A 93 19.71 -16.95 10.17
N GLU A 94 20.74 -16.53 10.90
CA GLU A 94 22.03 -17.22 10.86
C GLU A 94 21.90 -18.64 11.42
N ASN A 95 22.07 -19.63 10.55
CA ASN A 95 21.96 -21.02 10.95
C ASN A 95 23.35 -21.62 11.18
N ASP A 96 24.34 -21.07 10.51
CA ASP A 96 25.73 -21.55 10.64
C ASP A 96 26.53 -20.65 11.57
N LEU A 97 27.22 -21.26 12.53
CA LEU A 97 28.03 -20.51 13.47
C LEU A 97 29.18 -21.35 14.00
N GLU A 98 30.34 -20.73 14.17
CA GLU A 98 31.53 -21.43 14.66
C GLU A 98 31.72 -21.18 16.16
N HIS A 99 32.13 -22.22 16.87
CA HIS A 99 32.35 -22.11 18.32
C HIS A 99 33.46 -21.10 18.61
N HIS A 100 33.07 -19.92 19.07
CA HIS A 100 34.04 -18.88 19.40
C HIS A 100 33.40 -17.81 20.29
N HIS A 101 34.23 -16.90 20.81
CA HIS A 101 33.75 -15.84 21.66
C HIS A 101 33.77 -14.49 20.93
N HIS A 102 32.71 -13.72 21.11
CA HIS A 102 32.61 -12.41 20.47
C HIS A 102 32.92 -11.29 21.45
N HIS A 103 32.35 -11.39 22.65
CA HIS A 103 32.57 -10.39 23.68
C HIS A 103 33.39 -10.96 24.83
N HIS A 104 33.95 -10.09 25.66
CA HIS A 104 34.76 -10.50 26.80
C HIS A 104 33.95 -11.41 27.73
N ALA A 1 -3.08 16.68 -1.92
CA ALA A 1 -3.52 16.49 -3.31
C ALA A 1 -4.61 15.44 -3.40
N GLN A 2 -5.85 15.88 -3.59
CA GLN A 2 -6.99 14.97 -3.69
C GLN A 2 -6.80 14.01 -4.86
N VAL A 3 -6.81 12.72 -4.57
CA VAL A 3 -6.64 11.69 -5.59
C VAL A 3 -7.62 10.54 -5.38
N ASN A 4 -8.47 10.30 -6.39
CA ASN A 4 -9.46 9.23 -6.31
C ASN A 4 -9.21 8.19 -7.40
N ILE A 5 -8.80 7.00 -6.99
CA ILE A 5 -8.53 5.93 -7.94
C ILE A 5 -9.41 4.72 -7.66
N ALA A 6 -9.98 4.14 -8.71
CA ALA A 6 -10.84 2.97 -8.58
C ALA A 6 -10.03 1.68 -8.60
N PRO A 7 -10.30 0.80 -7.63
CA PRO A 7 -9.61 -0.49 -7.52
C PRO A 7 -9.99 -1.45 -8.64
N GLY A 8 -9.66 -2.74 -8.44
CA GLY A 8 -9.99 -3.73 -9.43
C GLY A 8 -8.79 -4.14 -10.26
N SER A 9 -7.60 -3.72 -9.83
CA SER A 9 -6.37 -4.03 -10.54
C SER A 9 -5.16 -3.41 -9.84
N LEU A 10 -4.31 -4.25 -9.27
CA LEU A 10 -3.12 -3.78 -8.57
C LEU A 10 -2.31 -2.84 -9.45
N ASP A 11 -1.90 -3.32 -10.61
CA ASP A 11 -1.12 -2.51 -11.55
C ASP A 11 -1.86 -1.24 -11.91
N LYS A 12 -3.17 -1.34 -12.07
CA LYS A 12 -4.00 -0.19 -12.42
C LYS A 12 -3.90 0.89 -11.35
N ALA A 13 -4.21 0.52 -10.11
CA ALA A 13 -4.15 1.46 -8.99
C ALA A 13 -2.75 2.04 -8.84
N LEU A 14 -1.75 1.24 -9.16
CA LEU A 14 -0.36 1.68 -9.07
C LEU A 14 -0.06 2.77 -10.09
N ASN A 15 -0.34 2.49 -11.35
CA ASN A 15 -0.11 3.45 -12.43
C ASN A 15 -0.93 4.71 -12.23
N GLN A 16 -2.11 4.55 -11.64
CA GLN A 16 -3.00 5.68 -11.39
C GLN A 16 -2.32 6.71 -10.49
N TYR A 17 -1.88 6.27 -9.33
CA TYR A 17 -1.21 7.16 -8.37
C TYR A 17 0.20 7.50 -8.84
N ALA A 18 0.84 6.54 -9.50
CA ALA A 18 2.19 6.74 -10.00
C ALA A 18 2.26 7.94 -10.93
N ALA A 19 1.27 8.06 -11.82
CA ALA A 19 1.22 9.17 -12.77
C ALA A 19 0.74 10.45 -12.09
N HIS A 20 0.00 10.28 -11.00
CA HIS A 20 -0.53 11.42 -10.26
C HIS A 20 0.59 12.15 -9.52
N SER A 21 1.65 11.41 -9.18
CA SER A 21 2.78 11.99 -8.45
C SER A 21 3.87 12.44 -9.43
N GLY A 22 4.06 11.67 -10.49
CA GLY A 22 5.07 12.00 -11.48
C GLY A 22 6.42 11.42 -11.14
N PHE A 23 6.43 10.35 -10.35
CA PHE A 23 7.66 9.70 -9.95
C PHE A 23 7.75 8.29 -10.51
N THR A 24 8.91 7.66 -10.38
CA THR A 24 9.12 6.31 -10.88
C THR A 24 9.09 5.30 -9.74
N LEU A 25 8.65 4.09 -10.04
CA LEU A 25 8.57 3.03 -9.03
C LEU A 25 9.04 1.69 -9.61
N SER A 26 9.68 0.89 -8.78
CA SER A 26 10.19 -0.41 -9.20
C SER A 26 9.65 -1.52 -8.31
N VAL A 27 8.64 -2.23 -8.81
CA VAL A 27 8.03 -3.33 -8.06
C VAL A 27 7.87 -4.57 -8.93
N ASP A 28 8.17 -5.73 -8.36
CA ASP A 28 8.05 -6.99 -9.09
C ASP A 28 6.58 -7.39 -9.25
N ALA A 29 6.02 -7.04 -10.41
CA ALA A 29 4.63 -7.37 -10.71
C ALA A 29 4.47 -8.83 -11.08
N SER A 30 5.58 -9.57 -11.05
CA SER A 30 5.56 -10.98 -11.39
C SER A 30 4.46 -11.72 -10.62
N LEU A 31 4.46 -11.55 -9.30
CA LEU A 31 3.46 -12.20 -8.46
C LEU A 31 2.18 -11.36 -8.39
N THR A 32 2.24 -10.15 -8.94
CA THR A 32 1.09 -9.25 -8.95
C THR A 32 0.05 -9.70 -9.97
N ARG A 33 0.51 -10.34 -11.03
CA ARG A 33 -0.38 -10.82 -12.08
C ARG A 33 -1.51 -11.68 -11.49
N GLY A 34 -2.71 -11.11 -11.46
CA GLY A 34 -3.84 -11.84 -10.92
C GLY A 34 -4.23 -11.35 -9.54
N LYS A 35 -3.69 -10.22 -9.13
CA LYS A 35 -3.98 -9.65 -7.81
C LYS A 35 -4.52 -8.22 -7.95
N GLN A 36 -5.30 -7.80 -6.97
CA GLN A 36 -5.88 -6.46 -6.98
C GLN A 36 -5.39 -5.65 -5.77
N SER A 37 -5.83 -4.40 -5.70
CA SER A 37 -5.44 -3.52 -4.60
C SER A 37 -6.49 -2.43 -4.37
N ASN A 38 -6.50 -1.88 -3.17
CA ASN A 38 -7.45 -0.83 -2.82
C ASN A 38 -7.01 0.51 -3.39
N GLY A 39 -7.89 1.15 -4.15
CA GLY A 39 -7.57 2.44 -4.74
C GLY A 39 -7.36 3.51 -3.70
N LEU A 40 -7.30 4.76 -4.15
CA LEU A 40 -7.08 5.89 -3.25
C LEU A 40 -8.34 6.77 -3.16
N HIS A 41 -8.44 7.53 -2.08
CA HIS A 41 -9.59 8.41 -1.89
C HIS A 41 -9.27 9.50 -0.87
N GLY A 42 -8.97 10.70 -1.36
CA GLY A 42 -8.65 11.80 -0.47
C GLY A 42 -7.33 12.47 -0.82
N ASP A 43 -6.88 13.37 0.03
CA ASP A 43 -5.63 14.08 -0.20
C ASP A 43 -4.46 13.33 0.43
N TYR A 44 -3.52 12.91 -0.41
CA TYR A 44 -2.35 12.17 0.05
C TYR A 44 -1.17 12.39 -0.87
N ASP A 45 -0.03 12.79 -0.31
CA ASP A 45 1.18 13.03 -1.09
C ASP A 45 1.60 11.77 -1.84
N VAL A 46 2.73 11.85 -2.52
CA VAL A 46 3.24 10.72 -3.29
C VAL A 46 3.49 9.51 -2.39
N GLU A 47 4.14 9.76 -1.25
CA GLU A 47 4.44 8.69 -0.30
C GLU A 47 3.18 8.25 0.44
N SER A 48 2.49 9.22 1.03
CA SER A 48 1.27 8.93 1.78
C SER A 48 0.27 8.17 0.91
N GLY A 49 0.00 8.70 -0.28
CA GLY A 49 -0.94 8.06 -1.18
C GLY A 49 -0.47 6.68 -1.61
N LEU A 50 0.80 6.56 -1.94
CA LEU A 50 1.37 5.29 -2.38
C LEU A 50 1.06 4.19 -1.38
N GLN A 51 1.39 4.42 -0.11
CA GLN A 51 1.14 3.45 0.94
C GLN A 51 -0.36 3.22 1.13
N GLN A 52 -1.15 4.23 0.77
CA GLN A 52 -2.60 4.15 0.91
C GLN A 52 -3.19 3.22 -0.15
N LEU A 53 -2.52 3.13 -1.29
CA LEU A 53 -2.98 2.28 -2.39
C LEU A 53 -2.74 0.80 -2.08
N LEU A 54 -1.51 0.47 -1.73
CA LEU A 54 -1.15 -0.91 -1.40
C LEU A 54 -1.54 -1.24 0.04
N ASP A 55 -2.06 -0.25 0.75
CA ASP A 55 -2.48 -0.44 2.14
C ASP A 55 -3.30 -1.71 2.28
N GLY A 56 -2.78 -2.67 3.05
CA GLY A 56 -3.48 -3.92 3.26
C GLY A 56 -2.53 -5.11 3.35
N SER A 57 -1.28 -4.89 2.98
CA SER A 57 -0.27 -5.94 3.02
C SER A 57 0.88 -5.57 3.95
N GLY A 58 1.31 -4.32 3.87
CA GLY A 58 2.40 -3.86 4.72
C GLY A 58 3.76 -4.14 4.11
N LEU A 59 4.35 -3.13 3.49
CA LEU A 59 5.66 -3.28 2.86
C LEU A 59 6.51 -2.03 3.09
N GLN A 60 7.77 -2.10 2.66
CA GLN A 60 8.69 -0.97 2.82
C GLN A 60 8.98 -0.33 1.47
N VAL A 61 9.16 1.00 1.49
CA VAL A 61 9.45 1.74 0.27
C VAL A 61 10.71 2.59 0.43
N LYS A 62 11.70 2.32 -0.41
CA LYS A 62 12.96 3.05 -0.37
C LYS A 62 13.38 3.49 -1.77
N PRO A 63 13.93 4.71 -1.86
CA PRO A 63 14.39 5.27 -3.14
C PRO A 63 15.62 4.57 -3.68
N LEU A 64 15.88 4.73 -4.97
CA LEU A 64 17.04 4.11 -5.61
C LEU A 64 17.88 5.14 -6.35
N GLY A 65 17.25 5.81 -7.32
CA GLY A 65 17.95 6.82 -8.09
C GLY A 65 17.12 8.07 -8.31
N ASN A 66 16.73 8.31 -9.56
CA ASN A 66 15.92 9.48 -9.90
C ASN A 66 14.51 9.35 -9.33
N ASN A 67 14.36 9.77 -8.08
CA ASN A 67 13.06 9.70 -7.41
C ASN A 67 12.39 8.35 -7.66
N SER A 68 13.19 7.32 -7.81
CA SER A 68 12.68 5.97 -8.06
C SER A 68 12.60 5.17 -6.77
N TRP A 69 11.38 4.81 -6.38
CA TRP A 69 11.16 4.04 -5.16
C TRP A 69 10.88 2.58 -5.48
N THR A 70 11.18 1.70 -4.53
CA THR A 70 10.96 0.27 -4.72
C THR A 70 10.19 -0.32 -3.54
N LEU A 71 9.29 -1.25 -3.84
CA LEU A 71 8.48 -1.90 -2.81
C LEU A 71 9.00 -3.29 -2.51
N GLU A 72 9.31 -3.55 -1.25
CA GLU A 72 9.81 -4.85 -0.82
C GLU A 72 9.06 -5.36 0.40
N PRO A 73 9.12 -6.69 0.62
CA PRO A 73 8.45 -7.32 1.76
C PRO A 73 9.10 -6.97 3.09
N ALA A 74 8.31 -6.42 3.99
CA ALA A 74 8.81 -6.03 5.31
C ALA A 74 8.19 -6.90 6.41
N PRO A 75 8.84 -6.92 7.57
CA PRO A 75 8.38 -7.71 8.73
C PRO A 75 7.11 -7.14 9.34
N ALA A 76 6.46 -7.92 10.20
CA ALA A 76 5.23 -7.49 10.86
C ALA A 76 5.42 -6.14 11.53
N PRO A 77 4.30 -5.45 11.81
CA PRO A 77 4.32 -4.13 12.45
C PRO A 77 4.75 -4.20 13.91
N LYS A 78 5.04 -3.05 14.49
CA LYS A 78 5.46 -2.98 15.89
C LYS A 78 4.66 -1.93 16.65
N GLU A 79 3.48 -1.60 16.12
CA GLU A 79 2.61 -0.61 16.76
C GLU A 79 1.98 -1.18 18.03
N ASP A 80 1.31 -0.32 18.78
CA ASP A 80 0.66 -0.74 20.03
C ASP A 80 -0.18 0.40 20.60
N ALA A 81 -1.46 0.11 20.83
CA ALA A 81 -2.37 1.11 21.38
C ALA A 81 -2.53 2.29 20.42
N LEU A 82 -2.39 2.03 19.13
CA LEU A 82 -2.52 3.07 18.12
C LEU A 82 -3.36 2.58 16.94
N THR A 83 -4.52 3.19 16.75
CA THR A 83 -5.42 2.82 15.67
C THR A 83 -5.50 3.92 14.62
N VAL A 84 -6.08 3.60 13.47
CA VAL A 84 -6.22 4.56 12.38
C VAL A 84 -7.69 4.79 12.04
N VAL A 85 -7.93 5.65 11.04
CA VAL A 85 -9.29 5.94 10.61
C VAL A 85 -9.73 5.01 9.49
N GLY A 86 -8.76 4.45 8.78
CA GLY A 86 -9.05 3.55 7.69
C GLY A 86 -9.35 4.28 6.39
N ASP A 87 -10.19 3.68 5.55
CA ASP A 87 -10.55 4.28 4.28
C ASP A 87 -11.92 3.79 3.82
N TRP A 88 -12.55 4.55 2.93
CA TRP A 88 -13.87 4.19 2.41
C TRP A 88 -13.81 3.94 0.91
N LEU A 89 -14.90 3.43 0.36
CA LEU A 89 -14.98 3.15 -1.07
C LEU A 89 -16.40 2.81 -1.49
N GLY A 90 -16.79 3.23 -2.69
CA GLY A 90 -18.13 2.96 -3.18
C GLY A 90 -18.21 3.03 -4.70
N ASP A 91 -17.09 2.78 -5.36
CA ASP A 91 -17.03 2.82 -6.82
C ASP A 91 -15.83 2.03 -7.34
N ALA A 92 -16.10 1.08 -8.23
CA ALA A 92 -15.03 0.27 -8.81
C ALA A 92 -15.26 0.05 -10.30
N ARG A 93 -14.31 -0.62 -10.95
CA ARG A 93 -14.41 -0.89 -12.38
C ARG A 93 -13.89 -2.29 -12.70
N GLU A 94 -14.69 -3.06 -13.43
CA GLU A 94 -14.30 -4.41 -13.80
C GLU A 94 -13.43 -4.41 -15.05
N ASN A 95 -12.13 -4.55 -14.86
CA ASN A 95 -11.18 -4.56 -15.97
C ASN A 95 -10.40 -5.87 -16.01
N ASP A 96 -11.03 -6.91 -16.55
CA ASP A 96 -10.39 -8.22 -16.65
C ASP A 96 -10.14 -8.59 -18.11
N LEU A 97 -9.07 -9.33 -18.35
CA LEU A 97 -8.71 -9.75 -19.70
C LEU A 97 -8.14 -11.17 -19.70
N GLU A 98 -8.05 -11.76 -20.88
CA GLU A 98 -7.52 -13.11 -21.02
C GLU A 98 -6.20 -13.12 -21.79
N HIS A 99 -6.16 -12.37 -22.89
CA HIS A 99 -4.95 -12.29 -23.72
C HIS A 99 -4.53 -13.67 -24.19
N HIS A 100 -5.50 -14.52 -24.49
CA HIS A 100 -5.22 -15.88 -24.95
C HIS A 100 -5.22 -15.94 -26.46
N HIS A 101 -4.38 -15.10 -27.09
CA HIS A 101 -4.29 -15.06 -28.55
C HIS A 101 -3.89 -16.42 -29.11
N HIS A 102 -4.05 -16.59 -30.41
CA HIS A 102 -3.71 -17.84 -31.06
C HIS A 102 -2.20 -17.92 -31.33
N HIS A 103 -1.66 -19.13 -31.25
CA HIS A 103 -0.23 -19.34 -31.48
C HIS A 103 0.10 -19.19 -32.96
N HIS A 104 1.40 -19.05 -33.25
CA HIS A 104 1.85 -18.91 -34.63
C HIS A 104 1.94 -20.25 -35.33
N ALA A 1 -4.13 17.70 -2.96
CA ALA A 1 -3.63 16.47 -3.56
C ALA A 1 -4.73 15.42 -3.66
N GLN A 2 -5.97 15.88 -3.76
CA GLN A 2 -7.12 14.98 -3.86
C GLN A 2 -6.96 14.03 -5.04
N VAL A 3 -6.96 12.73 -4.74
CA VAL A 3 -6.82 11.72 -5.78
C VAL A 3 -7.80 10.56 -5.55
N ASN A 4 -8.65 10.32 -6.55
CA ASN A 4 -9.63 9.24 -6.47
C ASN A 4 -9.39 8.19 -7.54
N ILE A 5 -8.94 7.02 -7.14
CA ILE A 5 -8.67 5.93 -8.07
C ILE A 5 -9.51 4.71 -7.74
N ALA A 6 -10.07 4.08 -8.77
CA ALA A 6 -10.89 2.89 -8.59
C ALA A 6 -10.04 1.63 -8.61
N PRO A 7 -10.28 0.73 -7.64
CA PRO A 7 -9.55 -0.53 -7.53
C PRO A 7 -9.90 -1.51 -8.64
N GLY A 8 -9.55 -2.77 -8.45
CA GLY A 8 -9.82 -3.79 -9.45
C GLY A 8 -8.60 -4.15 -10.27
N SER A 9 -7.43 -3.68 -9.83
CA SER A 9 -6.19 -3.96 -10.53
C SER A 9 -5.02 -3.25 -9.85
N LEU A 10 -4.17 -4.04 -9.20
CA LEU A 10 -3.01 -3.49 -8.50
C LEU A 10 -2.12 -2.70 -9.46
N ASP A 11 -1.79 -3.32 -10.59
CA ASP A 11 -0.94 -2.68 -11.59
C ASP A 11 -1.55 -1.34 -12.03
N LYS A 12 -2.87 -1.33 -12.19
CA LYS A 12 -3.57 -0.12 -12.61
C LYS A 12 -3.54 0.94 -11.51
N ALA A 13 -4.02 0.58 -10.32
CA ALA A 13 -4.04 1.49 -9.19
C ALA A 13 -2.68 2.12 -8.97
N LEU A 14 -1.62 1.40 -9.37
CA LEU A 14 -0.26 1.90 -9.21
C LEU A 14 0.03 3.03 -10.17
N ASN A 15 -0.17 2.78 -11.46
CA ASN A 15 0.06 3.78 -12.49
C ASN A 15 -0.84 5.00 -12.27
N GLN A 16 -2.03 4.77 -11.73
CA GLN A 16 -2.98 5.84 -11.47
C GLN A 16 -2.38 6.87 -10.52
N TYR A 17 -1.95 6.42 -9.35
CA TYR A 17 -1.36 7.30 -8.36
C TYR A 17 0.05 7.73 -8.77
N ALA A 18 0.78 6.82 -9.39
CA ALA A 18 2.13 7.10 -9.85
C ALA A 18 2.15 8.24 -10.87
N ALA A 19 1.08 8.33 -11.66
CA ALA A 19 0.97 9.36 -12.68
C ALA A 19 0.56 10.70 -12.06
N HIS A 20 -0.16 10.63 -10.95
CA HIS A 20 -0.61 11.84 -10.25
C HIS A 20 0.53 12.47 -9.45
N SER A 21 1.50 11.64 -9.06
CA SER A 21 2.64 12.11 -8.29
C SER A 21 3.72 12.68 -9.21
N GLY A 22 4.28 11.82 -10.05
CA GLY A 22 5.32 12.26 -10.96
C GLY A 22 6.65 11.58 -10.71
N PHE A 23 6.60 10.41 -10.08
CA PHE A 23 7.81 9.66 -9.77
C PHE A 23 7.77 8.28 -10.41
N THR A 24 8.90 7.57 -10.36
CA THR A 24 9.01 6.25 -10.93
C THR A 24 9.01 5.18 -9.85
N LEU A 25 8.50 4.00 -10.18
CA LEU A 25 8.45 2.88 -9.23
C LEU A 25 8.81 1.56 -9.92
N SER A 26 9.60 0.75 -9.23
CA SER A 26 10.02 -0.54 -9.76
C SER A 26 9.64 -1.68 -8.82
N VAL A 27 8.57 -2.40 -9.15
CA VAL A 27 8.11 -3.51 -8.34
C VAL A 27 7.84 -4.75 -9.20
N ASP A 28 8.24 -5.91 -8.68
CA ASP A 28 8.05 -7.16 -9.40
C ASP A 28 6.59 -7.36 -9.77
N ALA A 29 6.25 -7.08 -11.03
CA ALA A 29 4.88 -7.22 -11.50
C ALA A 29 4.51 -8.70 -11.66
N SER A 30 5.52 -9.55 -11.68
CA SER A 30 5.30 -11.00 -11.84
C SER A 30 4.29 -11.50 -10.82
N LEU A 31 4.46 -11.10 -9.57
CA LEU A 31 3.56 -11.51 -8.50
C LEU A 31 2.31 -10.62 -8.46
N THR A 32 2.51 -9.34 -8.70
CA THR A 32 1.41 -8.37 -8.70
C THR A 32 0.31 -8.80 -9.67
N ARG A 33 0.70 -9.14 -10.89
CA ARG A 33 -0.26 -9.57 -11.90
C ARG A 33 -1.01 -10.81 -11.45
N GLY A 34 -2.19 -10.62 -10.88
CA GLY A 34 -2.99 -11.73 -10.41
C GLY A 34 -3.97 -11.33 -9.33
N LYS A 35 -3.64 -10.28 -8.58
CA LYS A 35 -4.50 -9.79 -7.50
C LYS A 35 -4.86 -8.33 -7.73
N GLN A 36 -5.70 -7.79 -6.84
CA GLN A 36 -6.13 -6.40 -6.94
C GLN A 36 -5.63 -5.60 -5.73
N SER A 37 -5.94 -4.31 -5.73
CA SER A 37 -5.52 -3.42 -4.65
C SER A 37 -6.55 -2.33 -4.41
N ASN A 38 -6.57 -1.81 -3.19
CA ASN A 38 -7.52 -0.75 -2.83
C ASN A 38 -7.08 0.59 -3.41
N GLY A 39 -7.95 1.20 -4.21
CA GLY A 39 -7.64 2.48 -4.82
C GLY A 39 -7.45 3.57 -3.79
N LEU A 40 -7.33 4.81 -4.26
CA LEU A 40 -7.13 5.95 -3.38
C LEU A 40 -8.40 6.80 -3.31
N HIS A 41 -8.52 7.59 -2.25
CA HIS A 41 -9.68 8.45 -2.05
C HIS A 41 -9.38 9.56 -1.05
N GLY A 42 -9.10 10.75 -1.56
CA GLY A 42 -8.80 11.88 -0.70
C GLY A 42 -7.47 12.54 -1.04
N ASP A 43 -7.04 13.46 -0.19
CA ASP A 43 -5.79 14.17 -0.41
C ASP A 43 -4.63 13.45 0.26
N TYR A 44 -3.67 13.00 -0.55
CA TYR A 44 -2.50 12.29 -0.03
C TYR A 44 -1.30 12.48 -0.94
N ASP A 45 -0.17 12.86 -0.34
CA ASP A 45 1.07 13.08 -1.09
C ASP A 45 1.49 11.82 -1.82
N VAL A 46 2.66 11.87 -2.46
CA VAL A 46 3.18 10.72 -3.20
C VAL A 46 3.39 9.52 -2.28
N GLU A 47 4.01 9.78 -1.12
CA GLU A 47 4.27 8.71 -0.16
C GLU A 47 2.99 8.30 0.55
N SER A 48 2.29 9.27 1.12
CA SER A 48 1.04 9.01 1.83
C SER A 48 0.06 8.26 0.95
N GLY A 49 -0.17 8.78 -0.25
CA GLY A 49 -1.09 8.15 -1.18
C GLY A 49 -0.62 6.77 -1.62
N LEU A 50 0.67 6.67 -1.93
CA LEU A 50 1.24 5.39 -2.37
C LEU A 50 0.91 4.28 -1.39
N GLN A 51 1.24 4.51 -0.12
CA GLN A 51 0.98 3.52 0.93
C GLN A 51 -0.52 3.30 1.09
N GLN A 52 -1.32 4.29 0.74
CA GLN A 52 -2.77 4.21 0.84
C GLN A 52 -3.34 3.28 -0.22
N LEU A 53 -2.64 3.19 -1.36
CA LEU A 53 -3.08 2.35 -2.45
C LEU A 53 -2.85 0.87 -2.14
N LEU A 54 -1.61 0.54 -1.78
CA LEU A 54 -1.26 -0.84 -1.45
C LEU A 54 -1.67 -1.18 -0.02
N ASP A 55 -2.20 -0.19 0.69
CA ASP A 55 -2.64 -0.38 2.07
C ASP A 55 -3.47 -1.65 2.20
N GLY A 56 -2.95 -2.61 2.97
CA GLY A 56 -3.66 -3.86 3.16
C GLY A 56 -2.72 -5.05 3.20
N SER A 57 -1.48 -4.85 2.80
CA SER A 57 -0.48 -5.91 2.79
C SER A 57 0.50 -5.74 3.94
N GLY A 58 1.03 -4.52 4.07
CA GLY A 58 1.99 -4.24 5.13
C GLY A 58 3.42 -4.45 4.68
N LEU A 59 3.94 -3.53 3.90
CA LEU A 59 5.31 -3.62 3.39
C LEU A 59 6.03 -2.28 3.52
N GLN A 60 7.31 -2.27 3.17
CA GLN A 60 8.11 -1.05 3.26
C GLN A 60 8.59 -0.62 1.87
N VAL A 61 8.74 0.68 1.67
CA VAL A 61 9.18 1.21 0.39
C VAL A 61 10.36 2.16 0.59
N LYS A 62 11.32 2.11 -0.35
CA LYS A 62 12.50 2.96 -0.28
C LYS A 62 13.01 3.29 -1.68
N PRO A 63 13.51 4.52 -1.85
CA PRO A 63 14.04 4.99 -3.14
C PRO A 63 15.34 4.29 -3.51
N LEU A 64 15.68 4.34 -4.80
CA LEU A 64 16.91 3.71 -5.29
C LEU A 64 17.75 4.72 -6.07
N GLY A 65 17.21 5.20 -7.18
CA GLY A 65 17.94 6.16 -7.99
C GLY A 65 17.16 7.45 -8.21
N ASN A 66 16.77 7.71 -9.45
CA ASN A 66 16.02 8.90 -9.79
C ASN A 66 14.55 8.75 -9.39
N ASN A 67 14.24 9.20 -8.18
CA ASN A 67 12.87 9.12 -7.67
C ASN A 67 12.27 7.75 -7.93
N SER A 68 13.14 6.73 -7.96
CA SER A 68 12.69 5.36 -8.21
C SER A 68 12.50 4.61 -6.88
N TRP A 69 11.26 4.27 -6.59
CA TRP A 69 10.93 3.56 -5.35
C TRP A 69 10.58 2.10 -5.65
N THR A 70 10.86 1.22 -4.70
CA THR A 70 10.57 -0.20 -4.85
C THR A 70 9.94 -0.78 -3.59
N LEU A 71 9.11 -1.80 -3.77
CA LEU A 71 8.44 -2.45 -2.64
C LEU A 71 9.13 -3.75 -2.27
N GLU A 72 9.19 -4.04 -0.98
CA GLU A 72 9.82 -5.27 -0.50
C GLU A 72 9.34 -5.60 0.92
N PRO A 73 9.46 -6.89 1.28
CA PRO A 73 9.06 -7.37 2.61
C PRO A 73 9.96 -6.86 3.72
N ALA A 74 9.36 -6.29 4.76
CA ALA A 74 10.11 -5.77 5.88
C ALA A 74 10.43 -6.86 6.89
N PRO A 75 11.54 -6.69 7.63
CA PRO A 75 11.99 -7.66 8.63
C PRO A 75 11.06 -7.68 9.85
N ALA A 76 11.03 -8.83 10.53
CA ALA A 76 10.20 -8.99 11.71
C ALA A 76 10.43 -7.85 12.71
N PRO A 77 9.47 -7.66 13.62
CA PRO A 77 9.55 -6.61 14.65
C PRO A 77 10.61 -6.91 15.69
N LYS A 78 10.93 -5.90 16.50
CA LYS A 78 11.94 -6.05 17.55
C LYS A 78 11.27 -6.30 18.91
N GLU A 79 11.02 -7.56 19.20
CA GLU A 79 10.39 -7.93 20.47
C GLU A 79 11.17 -7.36 21.65
N ASP A 80 10.54 -6.43 22.37
CA ASP A 80 11.18 -5.81 23.53
C ASP A 80 10.19 -5.68 24.68
N ALA A 81 10.72 -5.40 25.88
CA ALA A 81 9.89 -5.25 27.06
C ALA A 81 9.87 -3.81 27.54
N LEU A 82 8.78 -3.11 27.24
CA LEU A 82 8.64 -1.71 27.63
C LEU A 82 7.78 -1.59 28.89
N THR A 83 8.08 -0.60 29.72
CA THR A 83 7.33 -0.37 30.95
C THR A 83 5.86 -0.13 30.66
N VAL A 84 5.05 -0.11 31.71
CA VAL A 84 3.61 0.11 31.57
C VAL A 84 3.12 1.19 32.52
N VAL A 85 2.15 1.97 32.07
CA VAL A 85 1.60 3.04 32.89
C VAL A 85 0.23 2.66 33.44
N GLY A 86 -0.32 3.52 34.30
CA GLY A 86 -1.63 3.25 34.88
C GLY A 86 -2.16 4.42 35.68
N ASP A 87 -3.31 4.23 36.31
CA ASP A 87 -3.92 5.29 37.11
C ASP A 87 -4.62 4.70 38.33
N TRP A 88 -5.04 5.58 39.25
CA TRP A 88 -5.72 5.14 40.46
C TRP A 88 -6.72 6.19 40.93
N LEU A 89 -7.77 5.73 41.60
CA LEU A 89 -8.81 6.63 42.11
C LEU A 89 -9.18 6.29 43.54
N GLY A 90 -8.78 7.15 44.47
CA GLY A 90 -9.08 6.91 45.88
C GLY A 90 -10.32 7.65 46.33
N ASP A 91 -11.08 7.04 47.23
CA ASP A 91 -12.31 7.65 47.74
C ASP A 91 -12.07 8.28 49.12
N ALA A 92 -11.01 9.07 49.22
CA ALA A 92 -10.67 9.73 50.47
C ALA A 92 -11.41 11.06 50.62
N ARG A 93 -11.55 11.52 51.85
CA ARG A 93 -12.24 12.77 52.13
C ARG A 93 -13.66 12.75 51.56
N GLU A 94 -14.34 11.62 51.75
CA GLU A 94 -15.71 11.47 51.26
C GLU A 94 -16.70 12.07 52.24
N ASN A 95 -17.89 12.41 51.74
CA ASN A 95 -18.94 12.99 52.58
C ASN A 95 -19.25 12.08 53.76
N ASP A 96 -19.54 12.70 54.91
CA ASP A 96 -19.87 11.95 56.11
C ASP A 96 -21.32 12.17 56.52
N LEU A 97 -21.80 11.36 57.45
CA LEU A 97 -23.18 11.47 57.94
C LEU A 97 -23.22 12.18 59.28
N GLU A 98 -24.44 12.53 59.71
CA GLU A 98 -24.63 13.21 60.98
C GLU A 98 -25.40 12.35 61.96
N HIS A 99 -25.26 12.64 63.25
CA HIS A 99 -25.95 11.88 64.29
C HIS A 99 -27.24 12.60 64.71
N HIS A 100 -28.00 11.96 65.60
CA HIS A 100 -29.24 12.53 66.08
C HIS A 100 -29.05 13.17 67.45
N HIS A 101 -29.87 14.18 67.75
CA HIS A 101 -29.79 14.88 69.03
C HIS A 101 -30.79 14.32 70.02
N HIS A 102 -30.79 14.86 71.24
CA HIS A 102 -31.70 14.41 72.28
C HIS A 102 -32.41 15.59 72.93
N HIS A 103 -33.60 15.34 73.47
CA HIS A 103 -34.38 16.39 74.12
C HIS A 103 -34.21 16.32 75.63
N HIS A 104 -34.25 15.10 76.17
CA HIS A 104 -34.10 14.91 77.61
C HIS A 104 -32.75 15.44 78.10
N ALA A 1 -3.75 17.51 -2.27
CA ALA A 1 -3.25 16.31 -2.94
C ALA A 1 -4.35 15.26 -3.08
N GLN A 2 -5.59 15.72 -3.14
CA GLN A 2 -6.73 14.83 -3.28
C GLN A 2 -6.56 13.90 -4.48
N VAL A 3 -6.56 12.60 -4.22
CA VAL A 3 -6.39 11.61 -5.27
C VAL A 3 -7.45 10.51 -5.16
N ASN A 4 -8.28 10.38 -6.20
CA ASN A 4 -9.33 9.37 -6.22
C ASN A 4 -9.11 8.39 -7.36
N ILE A 5 -8.81 7.13 -7.01
CA ILE A 5 -8.58 6.09 -8.01
C ILE A 5 -9.51 4.91 -7.78
N ALA A 6 -10.09 4.40 -8.86
CA ALA A 6 -10.99 3.26 -8.79
C ALA A 6 -10.23 1.95 -8.88
N PRO A 7 -10.52 1.03 -7.94
CA PRO A 7 -9.87 -0.28 -7.89
C PRO A 7 -10.30 -1.19 -9.04
N GLY A 8 -10.02 -2.48 -8.91
CA GLY A 8 -10.39 -3.42 -9.94
C GLY A 8 -9.21 -3.83 -10.81
N SER A 9 -8.02 -3.34 -10.45
CA SER A 9 -6.82 -3.66 -11.20
C SER A 9 -5.61 -2.95 -10.61
N LEU A 10 -4.81 -3.68 -9.84
CA LEU A 10 -3.62 -3.12 -9.21
C LEU A 10 -2.74 -2.43 -10.24
N ASP A 11 -2.86 -2.85 -11.50
CA ASP A 11 -2.07 -2.25 -12.57
C ASP A 11 -2.53 -0.83 -12.88
N LYS A 12 -3.85 -0.66 -13.04
CA LYS A 12 -4.41 0.66 -13.32
C LYS A 12 -4.09 1.65 -12.19
N ALA A 13 -4.42 1.27 -10.97
CA ALA A 13 -4.17 2.12 -9.81
C ALA A 13 -2.71 2.56 -9.77
N LEU A 14 -1.81 1.61 -9.99
CA LEU A 14 -0.37 1.90 -9.98
C LEU A 14 -0.04 3.07 -10.90
N ASN A 15 -0.53 3.01 -12.13
CA ASN A 15 -0.29 4.07 -13.11
C ASN A 15 -1.09 5.32 -12.75
N GLN A 16 -2.27 5.13 -12.17
CA GLN A 16 -3.13 6.24 -11.78
C GLN A 16 -2.42 7.14 -10.77
N TYR A 17 -2.00 6.55 -9.66
CA TYR A 17 -1.32 7.29 -8.61
C TYR A 17 0.07 7.73 -9.07
N ALA A 18 0.74 6.88 -9.84
CA ALA A 18 2.07 7.17 -10.34
C ALA A 18 2.06 8.41 -11.23
N ALA A 19 1.01 8.53 -12.05
CA ALA A 19 0.87 9.67 -12.94
C ALA A 19 0.43 10.91 -12.19
N HIS A 20 -0.23 10.71 -11.06
CA HIS A 20 -0.70 11.83 -10.24
C HIS A 20 0.44 12.46 -9.47
N SER A 21 1.47 11.68 -9.19
CA SER A 21 2.63 12.16 -8.45
C SER A 21 3.69 12.71 -9.40
N GLY A 22 4.24 11.84 -10.24
CA GLY A 22 5.26 12.26 -11.18
C GLY A 22 6.59 11.59 -10.93
N PHE A 23 6.57 10.45 -10.24
CA PHE A 23 7.79 9.72 -9.93
C PHE A 23 7.74 8.32 -10.53
N THR A 24 8.88 7.63 -10.48
CA THR A 24 8.97 6.27 -11.02
C THR A 24 8.97 5.23 -9.90
N LEU A 25 8.45 4.05 -10.20
CA LEU A 25 8.38 2.97 -9.22
C LEU A 25 8.75 1.63 -9.86
N SER A 26 9.60 0.87 -9.17
CA SER A 26 10.03 -0.43 -9.67
C SER A 26 9.76 -1.52 -8.64
N VAL A 27 8.70 -2.30 -8.86
CA VAL A 27 8.35 -3.37 -7.96
C VAL A 27 8.07 -4.67 -8.72
N ASP A 28 8.56 -5.78 -8.18
CA ASP A 28 8.36 -7.08 -8.82
C ASP A 28 6.88 -7.39 -8.99
N ALA A 29 6.38 -7.14 -10.20
CA ALA A 29 4.97 -7.39 -10.50
C ALA A 29 4.69 -8.89 -10.60
N SER A 30 5.75 -9.69 -10.62
CA SER A 30 5.61 -11.13 -10.72
C SER A 30 4.72 -11.67 -9.60
N LEU A 31 4.99 -11.25 -8.37
CA LEU A 31 4.22 -11.69 -7.22
C LEU A 31 2.96 -10.85 -7.06
N THR A 32 3.09 -9.54 -7.26
CA THR A 32 1.97 -8.63 -7.14
C THR A 32 0.82 -9.03 -8.06
N ARG A 33 1.15 -9.33 -9.31
CA ARG A 33 0.16 -9.74 -10.29
C ARG A 33 -0.70 -10.88 -9.75
N GLY A 34 -2.01 -10.77 -9.94
CA GLY A 34 -2.91 -11.80 -9.47
C GLY A 34 -4.16 -11.23 -8.83
N LYS A 35 -3.99 -10.20 -8.01
CA LYS A 35 -5.11 -9.56 -7.33
C LYS A 35 -5.17 -8.08 -7.65
N GLN A 36 -6.21 -7.41 -7.18
CA GLN A 36 -6.38 -5.98 -7.42
C GLN A 36 -5.81 -5.16 -6.26
N SER A 37 -5.86 -3.84 -6.40
CA SER A 37 -5.36 -2.94 -5.36
C SER A 37 -6.45 -2.02 -4.86
N ASN A 38 -6.34 -1.60 -3.60
CA ASN A 38 -7.32 -0.70 -3.00
C ASN A 38 -7.17 0.72 -3.53
N GLY A 39 -8.15 1.18 -4.29
CA GLY A 39 -8.10 2.52 -4.84
C GLY A 39 -7.88 3.58 -3.78
N LEU A 40 -7.43 4.75 -4.20
CA LEU A 40 -7.18 5.86 -3.28
C LEU A 40 -8.38 6.80 -3.20
N HIS A 41 -8.50 7.51 -2.09
CA HIS A 41 -9.60 8.44 -1.90
C HIS A 41 -9.27 9.44 -0.79
N GLY A 42 -8.89 10.65 -1.18
CA GLY A 42 -8.56 11.68 -0.22
C GLY A 42 -7.23 12.36 -0.52
N ASP A 43 -6.84 13.30 0.32
CA ASP A 43 -5.59 14.03 0.14
C ASP A 43 -4.41 13.22 0.67
N TYR A 44 -3.66 12.61 -0.23
CA TYR A 44 -2.51 11.81 0.16
C TYR A 44 -1.32 12.08 -0.77
N ASP A 45 -0.17 12.38 -0.17
CA ASP A 45 1.04 12.66 -0.93
C ASP A 45 1.46 11.45 -1.75
N VAL A 46 2.60 11.56 -2.43
CA VAL A 46 3.11 10.47 -3.25
C VAL A 46 3.32 9.21 -2.43
N GLU A 47 3.95 9.36 -1.28
CA GLU A 47 4.22 8.23 -0.39
C GLU A 47 2.94 7.78 0.32
N SER A 48 2.26 8.73 0.95
CA SER A 48 1.03 8.43 1.67
C SER A 48 0.02 7.72 0.77
N GLY A 49 -0.23 8.30 -0.40
CA GLY A 49 -1.16 7.70 -1.34
C GLY A 49 -0.70 6.35 -1.84
N LEU A 50 0.59 6.24 -2.15
CA LEU A 50 1.16 4.99 -2.64
C LEU A 50 0.96 3.87 -1.62
N GLN A 51 1.27 4.16 -0.37
CA GLN A 51 1.13 3.17 0.70
C GLN A 51 -0.34 2.81 0.91
N GLN A 52 -1.24 3.72 0.53
CA GLN A 52 -2.67 3.49 0.68
C GLN A 52 -3.18 2.55 -0.39
N LEU A 53 -2.49 2.52 -1.53
CA LEU A 53 -2.88 1.65 -2.64
C LEU A 53 -2.56 0.19 -2.32
N LEU A 54 -1.29 -0.07 -2.01
CA LEU A 54 -0.85 -1.43 -1.69
C LEU A 54 -1.23 -1.80 -0.26
N ASP A 55 -1.78 -0.83 0.47
CA ASP A 55 -2.19 -1.05 1.85
C ASP A 55 -2.98 -2.35 1.98
N GLY A 56 -2.44 -3.31 2.73
CA GLY A 56 -3.12 -4.58 2.92
C GLY A 56 -2.17 -5.69 3.32
N SER A 57 -0.91 -5.56 2.90
CA SER A 57 0.10 -6.57 3.21
C SER A 57 1.13 -6.02 4.19
N GLY A 58 1.51 -4.76 4.00
CA GLY A 58 2.48 -4.14 4.88
C GLY A 58 3.90 -4.35 4.42
N LEU A 59 4.43 -3.40 3.66
CA LEU A 59 5.80 -3.49 3.15
C LEU A 59 6.51 -2.15 3.27
N GLN A 60 7.81 -2.15 2.95
CA GLN A 60 8.60 -0.93 3.04
C GLN A 60 8.95 -0.41 1.64
N VAL A 61 9.02 0.91 1.50
CA VAL A 61 9.34 1.53 0.22
C VAL A 61 10.49 2.50 0.36
N LYS A 62 11.55 2.28 -0.42
CA LYS A 62 12.72 3.15 -0.38
C LYS A 62 13.18 3.50 -1.80
N PRO A 63 13.66 4.74 -1.98
CA PRO A 63 14.13 5.23 -3.27
C PRO A 63 15.44 4.57 -3.69
N LEU A 64 15.74 4.65 -4.98
CA LEU A 64 16.97 4.04 -5.52
C LEU A 64 17.78 5.07 -6.31
N GLY A 65 17.19 5.54 -7.41
CA GLY A 65 17.87 6.53 -8.24
C GLY A 65 17.02 7.76 -8.49
N ASN A 66 16.63 7.95 -9.74
CA ASN A 66 15.81 9.11 -10.12
C ASN A 66 14.37 8.92 -9.65
N ASN A 67 14.09 9.39 -8.44
CA ASN A 67 12.75 9.27 -7.87
C ASN A 67 12.19 7.87 -8.08
N SER A 68 13.07 6.89 -8.11
CA SER A 68 12.67 5.50 -8.31
C SER A 68 12.52 4.78 -6.99
N TRP A 69 11.30 4.42 -6.64
CA TRP A 69 11.02 3.71 -5.39
C TRP A 69 10.70 2.25 -5.65
N THR A 70 11.04 1.39 -4.68
CA THR A 70 10.80 -0.04 -4.80
C THR A 70 10.21 -0.61 -3.51
N LEU A 71 9.48 -1.70 -3.64
CA LEU A 71 8.86 -2.34 -2.48
C LEU A 71 9.67 -3.57 -2.04
N GLU A 72 9.68 -3.82 -0.74
CA GLU A 72 10.41 -4.95 -0.19
C GLU A 72 9.68 -5.53 1.03
N PRO A 73 9.97 -6.80 1.34
CA PRO A 73 9.36 -7.51 2.46
C PRO A 73 9.83 -6.97 3.81
N ALA A 74 8.88 -6.53 4.63
CA ALA A 74 9.20 -5.99 5.94
C ALA A 74 8.88 -7.00 7.04
N PRO A 75 9.50 -6.80 8.23
CA PRO A 75 9.29 -7.69 9.37
C PRO A 75 7.89 -7.56 9.96
N ALA A 76 7.53 -8.52 10.81
CA ALA A 76 6.21 -8.50 11.45
C ALA A 76 6.26 -7.81 12.80
N PRO A 77 5.09 -7.38 13.29
CA PRO A 77 4.98 -6.69 14.58
C PRO A 77 5.24 -7.61 15.76
N LYS A 78 5.41 -7.03 16.94
CA LYS A 78 5.67 -7.81 18.16
C LYS A 78 4.37 -8.28 18.78
N GLU A 79 3.25 -7.99 18.11
CA GLU A 79 1.94 -8.39 18.61
C GLU A 79 1.02 -8.79 17.47
N ASP A 80 0.80 -10.09 17.33
CA ASP A 80 -0.06 -10.60 16.26
C ASP A 80 -0.85 -11.81 16.75
N ALA A 81 -2.11 -11.91 16.32
CA ALA A 81 -2.98 -13.01 16.70
C ALA A 81 -2.41 -14.34 16.24
N LEU A 82 -3.11 -15.42 16.55
CA LEU A 82 -2.68 -16.76 16.16
C LEU A 82 -2.66 -16.90 14.64
N THR A 83 -1.46 -16.88 14.05
CA THR A 83 -1.32 -17.01 12.62
C THR A 83 -0.30 -18.10 12.26
N VAL A 84 -0.30 -18.51 11.00
CA VAL A 84 0.63 -19.53 10.53
C VAL A 84 2.06 -19.02 10.52
N VAL A 85 2.96 -19.76 11.14
CA VAL A 85 4.37 -19.37 11.20
C VAL A 85 5.24 -20.34 10.40
N GLY A 86 4.95 -20.45 9.10
CA GLY A 86 5.71 -21.34 8.24
C GLY A 86 7.18 -20.99 8.21
N ASP A 87 7.98 -21.86 7.60
CA ASP A 87 9.42 -21.64 7.49
C ASP A 87 9.87 -21.66 6.03
N TRP A 88 11.01 -21.05 5.76
CA TRP A 88 11.55 -21.00 4.40
C TRP A 88 13.06 -21.21 4.41
N LEU A 89 13.62 -21.49 3.24
CA LEU A 89 15.06 -21.71 3.11
C LEU A 89 15.74 -20.51 2.46
N GLY A 90 15.14 -19.99 1.39
CA GLY A 90 15.70 -18.85 0.70
C GLY A 90 16.94 -19.20 -0.09
N ASP A 91 17.09 -18.61 -1.27
CA ASP A 91 18.24 -18.86 -2.12
C ASP A 91 19.14 -17.64 -2.18
N ALA A 92 19.85 -17.37 -1.09
CA ALA A 92 20.77 -16.23 -1.02
C ALA A 92 22.12 -16.65 -0.47
N ARG A 93 23.08 -16.84 -1.38
CA ARG A 93 24.43 -17.25 -0.98
C ARG A 93 25.28 -16.03 -0.62
N GLU A 94 25.82 -16.03 0.59
CA GLU A 94 26.65 -14.92 1.06
C GLU A 94 28.05 -15.01 0.46
N ASN A 95 28.15 -14.80 -0.85
CA ASN A 95 29.44 -14.85 -1.54
C ASN A 95 30.02 -13.46 -1.69
N ASP A 96 30.82 -13.04 -0.73
CA ASP A 96 31.45 -11.73 -0.75
C ASP A 96 32.67 -11.73 -1.67
N LEU A 97 32.53 -11.11 -2.83
CA LEU A 97 33.63 -11.04 -3.80
C LEU A 97 33.34 -10.00 -4.87
N GLU A 98 34.38 -9.30 -5.30
CA GLU A 98 34.23 -8.27 -6.33
C GLU A 98 35.38 -8.34 -7.33
N HIS A 99 35.04 -8.24 -8.62
CA HIS A 99 36.05 -8.29 -9.68
C HIS A 99 35.45 -7.85 -11.01
N HIS A 100 35.95 -6.74 -11.55
CA HIS A 100 35.47 -6.22 -12.82
C HIS A 100 36.61 -5.61 -13.62
N HIS A 101 36.73 -6.03 -14.88
CA HIS A 101 37.78 -5.53 -15.76
C HIS A 101 37.19 -4.67 -16.87
N HIS A 102 37.87 -3.56 -17.17
CA HIS A 102 37.41 -2.65 -18.22
C HIS A 102 38.55 -2.32 -19.18
N HIS A 103 38.44 -2.83 -20.40
CA HIS A 103 39.46 -2.58 -21.42
C HIS A 103 39.70 -1.08 -21.60
N HIS A 104 40.97 -0.69 -21.52
CA HIS A 104 41.33 0.71 -21.68
C HIS A 104 41.69 1.02 -23.12
N ALA A 1 -4.01 17.61 -2.44
CA ALA A 1 -3.48 16.42 -3.08
C ALA A 1 -4.57 15.35 -3.23
N GLN A 2 -5.82 15.78 -3.28
CA GLN A 2 -6.94 14.85 -3.41
C GLN A 2 -6.73 13.92 -4.60
N VAL A 3 -6.70 12.62 -4.33
CA VAL A 3 -6.51 11.62 -5.38
C VAL A 3 -7.56 10.52 -5.29
N ASN A 4 -8.35 10.38 -6.36
CA ASN A 4 -9.40 9.36 -6.40
C ASN A 4 -9.14 8.36 -7.52
N ILE A 5 -8.86 7.12 -7.15
CA ILE A 5 -8.60 6.07 -8.13
C ILE A 5 -9.53 4.88 -7.92
N ALA A 6 -10.08 4.37 -9.02
CA ALA A 6 -10.98 3.22 -8.95
C ALA A 6 -10.21 1.91 -8.99
N PRO A 7 -10.51 1.00 -8.06
CA PRO A 7 -9.85 -0.31 -7.98
C PRO A 7 -10.25 -1.23 -9.12
N GLY A 8 -9.96 -2.52 -8.98
CA GLY A 8 -10.29 -3.48 -10.01
C GLY A 8 -9.08 -3.88 -10.84
N SER A 9 -7.92 -3.36 -10.47
CA SER A 9 -6.69 -3.66 -11.20
C SER A 9 -5.51 -2.93 -10.58
N LEU A 10 -4.67 -3.68 -9.86
CA LEU A 10 -3.49 -3.10 -9.21
C LEU A 10 -2.66 -2.30 -10.22
N ASP A 11 -2.48 -2.86 -11.41
CA ASP A 11 -1.70 -2.20 -12.45
C ASP A 11 -2.31 -0.85 -12.80
N LYS A 12 -3.63 -0.81 -12.92
CA LYS A 12 -4.34 0.42 -13.25
C LYS A 12 -4.07 1.50 -12.20
N ALA A 13 -4.37 1.18 -10.94
CA ALA A 13 -4.16 2.12 -9.85
C ALA A 13 -2.69 2.56 -9.77
N LEU A 14 -1.79 1.62 -10.01
CA LEU A 14 -0.37 1.91 -9.97
C LEU A 14 -0.02 3.09 -10.87
N ASN A 15 -0.48 3.03 -12.12
CA ASN A 15 -0.23 4.09 -13.08
C ASN A 15 -1.02 5.34 -12.73
N GLN A 16 -2.21 5.15 -12.16
CA GLN A 16 -3.05 6.27 -11.78
C GLN A 16 -2.35 7.16 -10.77
N TYR A 17 -1.93 6.57 -9.66
CA TYR A 17 -1.25 7.32 -8.61
C TYR A 17 0.15 7.74 -9.06
N ALA A 18 0.81 6.86 -9.81
CA ALA A 18 2.16 7.14 -10.31
C ALA A 18 2.18 8.41 -11.14
N ALA A 19 1.17 8.57 -11.99
CA ALA A 19 1.07 9.76 -12.85
C ALA A 19 0.60 10.97 -12.06
N HIS A 20 -0.11 10.72 -10.97
CA HIS A 20 -0.62 11.79 -10.12
C HIS A 20 0.49 12.42 -9.30
N SER A 21 1.54 11.64 -9.03
CA SER A 21 2.67 12.13 -8.25
C SER A 21 3.75 12.71 -9.15
N GLY A 22 4.24 11.89 -10.07
CA GLY A 22 5.28 12.35 -10.99
C GLY A 22 6.61 11.69 -10.72
N PHE A 23 6.60 10.54 -10.08
CA PHE A 23 7.82 9.81 -9.75
C PHE A 23 7.82 8.42 -10.38
N THR A 24 8.96 7.75 -10.32
CA THR A 24 9.09 6.42 -10.88
C THR A 24 9.10 5.35 -9.79
N LEU A 25 8.56 4.18 -10.10
CA LEU A 25 8.50 3.08 -9.14
C LEU A 25 8.84 1.75 -9.82
N SER A 26 9.68 0.96 -9.17
CA SER A 26 10.08 -0.33 -9.70
C SER A 26 9.74 -1.45 -8.73
N VAL A 27 8.66 -2.18 -9.02
CA VAL A 27 8.22 -3.28 -8.18
C VAL A 27 7.92 -4.53 -9.00
N ASP A 28 8.35 -5.68 -8.50
CA ASP A 28 8.12 -6.95 -9.18
C ASP A 28 6.66 -7.35 -9.13
N ALA A 29 5.91 -7.00 -10.17
CA ALA A 29 4.48 -7.32 -10.24
C ALA A 29 4.28 -8.80 -10.55
N SER A 30 5.38 -9.50 -10.80
CA SER A 30 5.30 -10.93 -11.12
C SER A 30 4.49 -11.68 -10.08
N LEU A 31 4.81 -11.44 -8.81
CA LEU A 31 4.11 -12.11 -7.71
C LEU A 31 2.84 -11.35 -7.35
N THR A 32 2.68 -10.16 -7.91
CA THR A 32 1.50 -9.34 -7.66
C THR A 32 0.35 -9.74 -8.57
N ARG A 33 0.67 -10.13 -9.79
CA ARG A 33 -0.34 -10.53 -10.77
C ARG A 33 -1.27 -11.59 -10.18
N GLY A 34 -2.52 -11.20 -9.90
CA GLY A 34 -3.48 -12.11 -9.33
C GLY A 34 -4.65 -11.41 -8.70
N LYS A 35 -4.36 -10.36 -7.92
CA LYS A 35 -5.40 -9.59 -7.26
C LYS A 35 -5.33 -8.12 -7.64
N GLN A 36 -6.28 -7.34 -7.16
CA GLN A 36 -6.33 -5.91 -7.46
C GLN A 36 -5.82 -5.10 -6.27
N SER A 37 -5.78 -3.77 -6.44
CA SER A 37 -5.31 -2.88 -5.39
C SER A 37 -6.43 -1.97 -4.90
N ASN A 38 -6.35 -1.55 -3.65
CA ASN A 38 -7.35 -0.66 -3.07
C ASN A 38 -7.21 0.76 -3.60
N GLY A 39 -8.20 1.20 -4.36
CA GLY A 39 -8.17 2.54 -4.92
C GLY A 39 -7.95 3.60 -3.86
N LEU A 40 -7.53 4.79 -4.29
CA LEU A 40 -7.30 5.89 -3.36
C LEU A 40 -8.49 6.83 -3.31
N HIS A 41 -8.62 7.56 -2.20
CA HIS A 41 -9.72 8.50 -2.03
C HIS A 41 -9.41 9.51 -0.93
N GLY A 42 -9.02 10.71 -1.32
CA GLY A 42 -8.70 11.74 -0.35
C GLY A 42 -7.38 12.43 -0.65
N ASP A 43 -7.01 13.38 0.18
CA ASP A 43 -5.76 14.12 0.01
C ASP A 43 -4.58 13.31 0.55
N TYR A 44 -3.83 12.68 -0.35
CA TYR A 44 -2.69 11.89 0.04
C TYR A 44 -1.50 12.15 -0.89
N ASP A 45 -0.36 12.49 -0.29
CA ASP A 45 0.84 12.76 -1.07
C ASP A 45 1.28 11.53 -1.86
N VAL A 46 2.42 11.64 -2.53
CA VAL A 46 2.94 10.54 -3.33
C VAL A 46 3.17 9.30 -2.48
N GLU A 47 3.79 9.49 -1.32
CA GLU A 47 4.06 8.38 -0.41
C GLU A 47 2.80 7.93 0.30
N SER A 48 2.09 8.87 0.91
CA SER A 48 0.87 8.57 1.62
C SER A 48 -0.12 7.83 0.72
N GLY A 49 -0.38 8.39 -0.45
CA GLY A 49 -1.30 7.76 -1.39
C GLY A 49 -0.81 6.41 -1.86
N LEU A 50 0.49 6.32 -2.15
CA LEU A 50 1.06 5.06 -2.62
C LEU A 50 0.87 3.95 -1.59
N GLN A 51 1.15 4.26 -0.33
CA GLN A 51 1.00 3.29 0.74
C GLN A 51 -0.47 2.91 0.94
N GLN A 52 -1.37 3.80 0.53
CA GLN A 52 -2.80 3.57 0.66
C GLN A 52 -3.28 2.61 -0.41
N LEU A 53 -2.58 2.58 -1.54
CA LEU A 53 -2.95 1.70 -2.65
C LEU A 53 -2.62 0.25 -2.32
N LEU A 54 -1.35 0.00 -2.00
CA LEU A 54 -0.91 -1.35 -1.65
C LEU A 54 -1.29 -1.71 -0.23
N ASP A 55 -1.87 -0.75 0.49
CA ASP A 55 -2.29 -0.97 1.87
C ASP A 55 -3.08 -2.26 1.99
N GLY A 56 -2.76 -3.05 3.02
CA GLY A 56 -3.46 -4.30 3.24
C GLY A 56 -2.53 -5.41 3.72
N SER A 57 -1.28 -5.35 3.26
CA SER A 57 -0.29 -6.36 3.64
C SER A 57 0.72 -5.78 4.62
N GLY A 58 1.14 -4.55 4.37
CA GLY A 58 2.11 -3.91 5.23
C GLY A 58 3.54 -4.18 4.82
N LEU A 59 4.07 -3.34 3.92
CA LEU A 59 5.43 -3.50 3.44
C LEU A 59 6.22 -2.20 3.59
N GLN A 60 7.51 -2.26 3.29
CA GLN A 60 8.37 -1.08 3.39
C GLN A 60 8.91 -0.67 2.02
N VAL A 61 8.89 0.63 1.75
CA VAL A 61 9.37 1.16 0.48
C VAL A 61 10.62 2.00 0.67
N LYS A 62 11.55 1.91 -0.28
CA LYS A 62 12.79 2.66 -0.23
C LYS A 62 13.24 3.08 -1.62
N PRO A 63 13.77 4.30 -1.73
CA PRO A 63 14.25 4.85 -3.00
C PRO A 63 15.52 4.16 -3.49
N LEU A 64 15.81 4.30 -4.78
CA LEU A 64 17.00 3.69 -5.36
C LEU A 64 17.87 4.73 -6.04
N GLY A 65 17.34 5.36 -7.08
CA GLY A 65 18.10 6.38 -7.79
C GLY A 65 17.27 7.62 -8.07
N ASN A 66 16.97 7.87 -9.34
CA ASN A 66 16.19 9.02 -9.74
C ASN A 66 14.75 8.90 -9.25
N ASN A 67 14.52 9.34 -8.02
CA ASN A 67 13.19 9.28 -7.42
C ASN A 67 12.51 7.94 -7.71
N SER A 68 13.33 6.88 -7.78
CA SER A 68 12.83 5.55 -8.05
C SER A 68 12.62 4.77 -6.75
N TRP A 69 11.36 4.44 -6.46
CA TRP A 69 11.02 3.70 -5.25
C TRP A 69 10.69 2.25 -5.58
N THR A 70 10.96 1.36 -4.63
CA THR A 70 10.70 -0.06 -4.81
C THR A 70 10.04 -0.66 -3.57
N LEU A 71 9.23 -1.70 -3.78
CA LEU A 71 8.54 -2.36 -2.68
C LEU A 71 9.23 -3.66 -2.31
N GLU A 72 9.51 -3.84 -1.01
CA GLU A 72 10.17 -5.05 -0.54
C GLU A 72 9.69 -5.41 0.87
N PRO A 73 9.90 -6.68 1.25
CA PRO A 73 9.49 -7.17 2.57
C PRO A 73 10.34 -6.58 3.69
N ALA A 74 9.66 -6.03 4.70
CA ALA A 74 10.35 -5.44 5.84
C ALA A 74 10.86 -6.51 6.80
N PRO A 75 12.07 -6.31 7.33
CA PRO A 75 12.69 -7.24 8.28
C PRO A 75 11.98 -7.26 9.62
N ALA A 76 11.61 -8.46 10.07
CA ALA A 76 10.93 -8.62 11.35
C ALA A 76 11.85 -8.26 12.51
N PRO A 77 11.25 -7.96 13.68
CA PRO A 77 12.00 -7.60 14.88
C PRO A 77 12.77 -8.78 15.46
N LYS A 78 13.67 -8.49 16.40
CA LYS A 78 14.48 -9.52 17.03
C LYS A 78 14.25 -9.53 18.54
N GLU A 79 13.06 -9.11 18.96
CA GLU A 79 12.73 -9.07 20.38
C GLU A 79 11.25 -9.41 20.59
N ASP A 80 11.00 -10.45 21.38
CA ASP A 80 9.63 -10.87 21.67
C ASP A 80 8.87 -11.17 20.38
N ALA A 81 9.41 -12.08 19.58
CA ALA A 81 8.78 -12.46 18.32
C ALA A 81 9.09 -13.91 17.97
N LEU A 82 8.26 -14.48 17.10
CA LEU A 82 8.44 -15.87 16.67
C LEU A 82 9.75 -16.04 15.91
N THR A 83 10.67 -16.82 16.47
CA THR A 83 11.95 -17.07 15.83
C THR A 83 11.97 -18.40 15.11
N VAL A 84 11.10 -18.54 14.11
CA VAL A 84 11.01 -19.76 13.34
C VAL A 84 11.42 -19.54 11.88
N VAL A 85 11.03 -18.38 11.35
CA VAL A 85 11.36 -18.04 9.97
C VAL A 85 12.87 -18.06 9.74
N GLY A 86 13.30 -18.74 8.68
CA GLY A 86 14.72 -18.82 8.37
C GLY A 86 15.08 -20.10 7.65
N ASP A 87 16.33 -20.22 7.23
CA ASP A 87 16.80 -21.40 6.52
C ASP A 87 17.17 -22.50 7.51
N TRP A 88 16.24 -23.43 7.73
CA TRP A 88 16.47 -24.54 8.64
C TRP A 88 17.05 -24.05 9.96
N LEU A 89 16.47 -22.97 10.49
CA LEU A 89 16.94 -22.39 11.75
C LEU A 89 18.46 -22.34 11.80
N GLY A 90 19.08 -22.11 10.64
CA GLY A 90 20.53 -22.05 10.58
C GLY A 90 21.11 -21.10 11.61
N ASP A 91 20.84 -19.81 11.44
CA ASP A 91 21.34 -18.80 12.36
C ASP A 91 22.86 -18.86 12.46
N ALA A 92 23.52 -18.95 11.32
CA ALA A 92 24.98 -19.02 11.27
C ALA A 92 25.59 -17.62 11.36
N ARG A 93 26.33 -17.37 12.44
CA ARG A 93 26.98 -16.08 12.64
C ARG A 93 28.48 -16.18 12.42
N GLU A 94 29.00 -15.32 11.54
CA GLU A 94 30.42 -15.32 11.23
C GLU A 94 30.99 -13.90 11.27
N ASN A 95 32.25 -13.78 11.66
CA ASN A 95 32.90 -12.48 11.75
C ASN A 95 34.08 -12.40 10.77
N ASP A 96 34.30 -11.21 10.22
CA ASP A 96 35.39 -11.00 9.28
C ASP A 96 36.45 -10.07 9.86
N LEU A 97 36.87 -10.36 11.09
CA LEU A 97 37.88 -9.55 11.77
C LEU A 97 39.17 -10.34 11.96
N GLU A 98 39.88 -10.58 10.87
CA GLU A 98 41.14 -11.31 10.91
C GLU A 98 42.33 -10.37 10.87
N HIS A 99 42.40 -9.47 11.85
CA HIS A 99 43.49 -8.51 11.92
C HIS A 99 44.38 -8.78 13.13
N HIS A 100 44.69 -10.04 13.37
CA HIS A 100 45.53 -10.44 14.48
C HIS A 100 44.91 -9.99 15.81
N HIS A 101 43.66 -10.37 16.03
CA HIS A 101 42.95 -10.00 17.26
C HIS A 101 42.96 -11.15 18.25
N HIS A 102 44.01 -11.25 19.04
CA HIS A 102 44.14 -12.31 20.03
C HIS A 102 43.60 -13.63 19.48
N HIS A 103 43.92 -13.92 18.23
CA HIS A 103 43.47 -15.15 17.59
C HIS A 103 44.54 -16.24 17.70
N HIS A 104 45.80 -15.84 17.63
CA HIS A 104 46.91 -16.78 17.72
C HIS A 104 47.40 -16.90 19.16
N ALA A 1 -4.42 17.70 -2.20
CA ALA A 1 -4.42 17.02 -3.48
C ALA A 1 -5.29 15.77 -3.45
N GLN A 2 -6.59 15.97 -3.62
CA GLN A 2 -7.54 14.86 -3.60
C GLN A 2 -7.30 13.93 -4.79
N VAL A 3 -7.03 12.66 -4.49
CA VAL A 3 -6.79 11.66 -5.53
C VAL A 3 -7.70 10.45 -5.36
N ASN A 4 -8.54 10.21 -6.35
CA ASN A 4 -9.47 9.08 -6.31
C ASN A 4 -9.19 8.11 -7.46
N ILE A 5 -8.71 6.92 -7.12
CA ILE A 5 -8.41 5.90 -8.11
C ILE A 5 -9.28 4.66 -7.92
N ALA A 6 -9.77 4.11 -9.03
CA ALA A 6 -10.61 2.92 -8.99
C ALA A 6 -9.76 1.65 -8.99
N PRO A 7 -10.05 0.75 -8.03
CA PRO A 7 -9.32 -0.51 -7.91
C PRO A 7 -9.65 -1.48 -9.04
N GLY A 8 -9.32 -2.75 -8.84
CA GLY A 8 -9.58 -3.76 -9.85
C GLY A 8 -8.34 -4.14 -10.63
N SER A 9 -7.19 -3.62 -10.20
CA SER A 9 -5.93 -3.91 -10.87
C SER A 9 -4.78 -3.16 -10.21
N LEU A 10 -3.94 -3.89 -9.48
CA LEU A 10 -2.80 -3.28 -8.78
C LEU A 10 -1.92 -2.54 -9.77
N ASP A 11 -1.71 -3.12 -10.94
CA ASP A 11 -0.88 -2.51 -11.97
C ASP A 11 -1.39 -1.12 -12.32
N LYS A 12 -2.68 -1.02 -12.62
CA LYS A 12 -3.29 0.26 -12.97
C LYS A 12 -3.29 1.21 -11.78
N ALA A 13 -3.75 0.73 -10.63
CA ALA A 13 -3.79 1.53 -9.42
C ALA A 13 -2.45 2.20 -9.16
N LEU A 14 -1.37 1.49 -9.45
CA LEU A 14 -0.02 2.00 -9.25
C LEU A 14 0.27 3.14 -10.23
N ASN A 15 -0.03 2.92 -11.50
CA ASN A 15 0.19 3.92 -12.53
C ASN A 15 -0.70 5.14 -12.31
N GLN A 16 -1.89 4.90 -11.79
CA GLN A 16 -2.84 5.99 -11.53
C GLN A 16 -2.25 7.01 -10.57
N TYR A 17 -1.82 6.55 -9.41
CA TYR A 17 -1.23 7.43 -8.41
C TYR A 17 0.18 7.85 -8.81
N ALA A 18 0.89 6.95 -9.47
CA ALA A 18 2.25 7.23 -9.92
C ALA A 18 2.29 8.46 -10.82
N ALA A 19 1.36 8.53 -11.76
CA ALA A 19 1.28 9.66 -12.69
C ALA A 19 0.75 10.90 -11.99
N HIS A 20 0.01 10.70 -10.91
CA HIS A 20 -0.56 11.81 -10.16
C HIS A 20 0.50 12.51 -9.34
N SER A 21 1.56 11.77 -8.98
CA SER A 21 2.65 12.33 -8.19
C SER A 21 3.73 12.91 -9.08
N GLY A 22 4.36 12.05 -9.88
CA GLY A 22 5.41 12.50 -10.77
C GLY A 22 6.73 11.80 -10.53
N PHE A 23 6.67 10.61 -9.93
CA PHE A 23 7.86 9.83 -9.64
C PHE A 23 7.78 8.45 -10.27
N THR A 24 8.89 7.72 -10.22
CA THR A 24 8.94 6.38 -10.79
C THR A 24 8.97 5.31 -9.70
N LEU A 25 8.41 4.15 -9.99
CA LEU A 25 8.36 3.05 -9.04
C LEU A 25 8.68 1.73 -9.72
N SER A 26 9.45 0.88 -9.03
CA SER A 26 9.81 -0.42 -9.57
C SER A 26 9.35 -1.54 -8.65
N VAL A 27 8.27 -2.22 -9.04
CA VAL A 27 7.73 -3.31 -8.24
C VAL A 27 7.46 -4.53 -9.12
N ASP A 28 7.79 -5.70 -8.59
CA ASP A 28 7.58 -6.95 -9.32
C ASP A 28 6.12 -7.37 -9.29
N ALA A 29 5.38 -6.99 -10.33
CA ALA A 29 3.95 -7.33 -10.41
C ALA A 29 3.76 -8.81 -10.74
N SER A 30 4.86 -9.50 -11.03
CA SER A 30 4.80 -10.91 -11.37
C SER A 30 4.00 -11.69 -10.33
N LEU A 31 4.32 -11.45 -9.06
CA LEU A 31 3.64 -12.12 -7.96
C LEU A 31 2.26 -11.52 -7.72
N THR A 32 2.12 -10.23 -8.04
CA THR A 32 0.86 -9.52 -7.86
C THR A 32 -0.20 -10.03 -8.83
N ARG A 33 0.25 -10.48 -10.01
CA ARG A 33 -0.65 -10.98 -11.02
C ARG A 33 -1.60 -12.03 -10.44
N GLY A 34 -2.85 -11.63 -10.20
CA GLY A 34 -3.82 -12.54 -9.64
C GLY A 34 -5.01 -11.82 -9.02
N LYS A 35 -4.73 -10.85 -8.17
CA LYS A 35 -5.77 -10.07 -7.50
C LYS A 35 -5.61 -8.59 -7.78
N GLN A 36 -6.55 -7.79 -7.29
CA GLN A 36 -6.51 -6.35 -7.49
C GLN A 36 -6.13 -5.64 -6.19
N SER A 37 -5.78 -4.35 -6.31
CA SER A 37 -5.39 -3.57 -5.15
C SER A 37 -6.41 -2.47 -4.87
N ASN A 38 -6.43 -1.99 -3.63
CA ASN A 38 -7.36 -0.93 -3.23
C ASN A 38 -6.91 0.42 -3.75
N GLY A 39 -7.79 1.10 -4.47
CA GLY A 39 -7.46 2.40 -5.02
C GLY A 39 -7.31 3.46 -3.94
N LEU A 40 -7.26 4.72 -4.35
CA LEU A 40 -7.11 5.82 -3.41
C LEU A 40 -8.39 6.64 -3.32
N HIS A 41 -8.53 7.40 -2.23
CA HIS A 41 -9.71 8.23 -2.03
C HIS A 41 -9.44 9.30 -0.98
N GLY A 42 -9.18 10.52 -1.44
CA GLY A 42 -8.91 11.62 -0.53
C GLY A 42 -7.60 12.32 -0.84
N ASP A 43 -7.27 13.32 -0.04
CA ASP A 43 -6.04 14.08 -0.23
C ASP A 43 -4.84 13.38 0.42
N TYR A 44 -3.91 12.93 -0.41
CA TYR A 44 -2.73 12.24 0.09
C TYR A 44 -1.51 12.53 -0.79
N ASP A 45 -0.42 12.92 -0.16
CA ASP A 45 0.81 13.24 -0.88
C ASP A 45 1.27 12.04 -1.70
N VAL A 46 2.38 12.21 -2.41
CA VAL A 46 2.93 11.14 -3.23
C VAL A 46 3.20 9.89 -2.41
N GLU A 47 3.86 10.07 -1.27
CA GLU A 47 4.17 8.94 -0.39
C GLU A 47 2.93 8.48 0.35
N SER A 48 2.22 9.43 0.97
CA SER A 48 1.02 9.12 1.73
C SER A 48 0.04 8.31 0.89
N GLY A 49 -0.25 8.81 -0.32
CA GLY A 49 -1.17 8.12 -1.20
C GLY A 49 -0.63 6.78 -1.66
N LEU A 50 0.67 6.72 -1.90
CA LEU A 50 1.31 5.48 -2.35
C LEU A 50 1.03 4.34 -1.38
N GLN A 51 1.34 4.57 -0.11
CA GLN A 51 1.12 3.54 0.92
C GLN A 51 -0.37 3.26 1.09
N GLN A 52 -1.20 4.23 0.73
CA GLN A 52 -2.64 4.08 0.85
C GLN A 52 -3.19 3.20 -0.28
N LEU A 53 -2.48 3.17 -1.40
CA LEU A 53 -2.89 2.36 -2.54
C LEU A 53 -2.66 0.87 -2.27
N LEU A 54 -1.43 0.53 -1.94
CA LEU A 54 -1.06 -0.86 -1.66
C LEU A 54 -1.48 -1.25 -0.25
N ASP A 55 -1.99 -0.29 0.50
CA ASP A 55 -2.43 -0.53 1.87
C ASP A 55 -3.29 -1.78 1.95
N GLY A 56 -2.81 -2.79 2.67
CA GLY A 56 -3.55 -4.03 2.81
C GLY A 56 -2.67 -5.19 3.22
N SER A 57 -1.37 -5.08 2.93
CA SER A 57 -0.42 -6.13 3.26
C SER A 57 0.63 -5.62 4.23
N GLY A 58 0.97 -4.33 4.11
CA GLY A 58 1.97 -3.74 4.98
C GLY A 58 3.38 -4.08 4.55
N LEU A 59 3.97 -3.22 3.72
CA LEU A 59 5.33 -3.43 3.23
C LEU A 59 6.17 -2.17 3.42
N GLN A 60 7.46 -2.28 3.09
CA GLN A 60 8.37 -1.15 3.22
C GLN A 60 8.89 -0.71 1.86
N VAL A 61 8.95 0.59 1.64
CA VAL A 61 9.43 1.15 0.39
C VAL A 61 10.74 1.91 0.57
N LYS A 62 11.62 1.83 -0.42
CA LYS A 62 12.90 2.51 -0.37
C LYS A 62 13.33 2.97 -1.75
N PRO A 63 13.91 4.17 -1.82
CA PRO A 63 14.38 4.76 -3.08
C PRO A 63 15.60 4.03 -3.63
N LEU A 64 15.86 4.22 -4.93
CA LEU A 64 17.00 3.58 -5.58
C LEU A 64 17.90 4.62 -6.25
N GLY A 65 17.35 5.30 -7.25
CA GLY A 65 18.11 6.31 -7.96
C GLY A 65 17.32 7.59 -8.18
N ASN A 66 17.01 7.88 -9.43
CA ASN A 66 16.26 9.09 -9.78
C ASN A 66 14.83 9.00 -9.23
N ASN A 67 14.64 9.48 -8.00
CA ASN A 67 13.33 9.46 -7.37
C ASN A 67 12.60 8.17 -7.68
N SER A 68 13.34 7.06 -7.73
CA SER A 68 12.76 5.75 -8.02
C SER A 68 12.61 4.92 -6.75
N TRP A 69 11.37 4.59 -6.40
CA TRP A 69 11.11 3.80 -5.21
C TRP A 69 10.73 2.36 -5.57
N THR A 70 10.96 1.44 -4.65
CA THR A 70 10.65 0.04 -4.89
C THR A 70 9.97 -0.59 -3.67
N LEU A 71 9.10 -1.56 -3.92
CA LEU A 71 8.38 -2.23 -2.85
C LEU A 71 9.00 -3.59 -2.54
N GLU A 72 9.19 -3.87 -1.25
CA GLU A 72 9.78 -5.13 -0.82
C GLU A 72 9.33 -5.49 0.59
N PRO A 73 9.46 -6.77 0.95
CA PRO A 73 9.08 -7.28 2.27
C PRO A 73 10.00 -6.77 3.37
N ALA A 74 9.42 -6.18 4.41
CA ALA A 74 10.19 -5.65 5.53
C ALA A 74 10.68 -6.78 6.43
N PRO A 75 11.92 -6.66 6.92
CA PRO A 75 12.53 -7.65 7.80
C PRO A 75 11.89 -7.68 9.18
N ALA A 76 12.19 -8.72 9.95
CA ALA A 76 11.65 -8.86 11.30
C ALA A 76 11.86 -7.58 12.11
N PRO A 77 11.07 -7.43 13.18
CA PRO A 77 11.14 -6.26 14.06
C PRO A 77 12.44 -6.24 14.88
N LYS A 78 12.71 -5.10 15.51
CA LYS A 78 13.91 -4.94 16.32
C LYS A 78 13.55 -4.58 17.76
N GLU A 79 12.27 -4.30 17.99
CA GLU A 79 11.79 -3.95 19.32
C GLU A 79 11.36 -5.19 20.09
N ASP A 80 11.41 -5.11 21.42
CA ASP A 80 11.02 -6.22 22.27
C ASP A 80 9.53 -6.49 22.18
N ALA A 81 9.17 -7.61 21.57
CA ALA A 81 7.78 -7.99 21.41
C ALA A 81 7.55 -9.45 21.82
N LEU A 82 8.48 -10.31 21.44
CA LEU A 82 8.38 -11.73 21.77
C LEU A 82 9.76 -12.38 21.80
N THR A 83 9.80 -13.67 22.12
CA THR A 83 11.05 -14.41 22.19
C THR A 83 11.86 -14.24 20.90
N VAL A 84 13.18 -14.21 21.04
CA VAL A 84 14.07 -14.06 19.89
C VAL A 84 15.33 -14.89 20.05
N VAL A 85 15.89 -15.33 18.93
CA VAL A 85 17.11 -16.14 18.95
C VAL A 85 17.97 -15.85 17.73
N GLY A 86 19.10 -15.17 17.95
CA GLY A 86 19.99 -14.84 16.86
C GLY A 86 21.22 -14.08 17.32
N ASP A 87 21.01 -13.09 18.19
CA ASP A 87 22.10 -12.28 18.70
C ASP A 87 23.05 -13.12 19.54
N TRP A 88 24.34 -12.81 19.46
CA TRP A 88 25.35 -13.54 20.21
C TRP A 88 26.01 -12.64 21.26
N LEU A 89 25.21 -11.78 21.88
CA LEU A 89 25.69 -10.87 22.90
C LEU A 89 26.75 -9.92 22.32
N GLY A 90 26.77 -9.81 21.00
CA GLY A 90 27.72 -8.93 20.35
C GLY A 90 27.11 -7.60 19.94
N ASP A 91 26.57 -6.87 20.92
CA ASP A 91 25.95 -5.59 20.67
C ASP A 91 26.49 -4.51 21.61
N ALA A 92 27.80 -4.54 21.83
CA ALA A 92 28.45 -3.58 22.72
C ALA A 92 29.79 -3.13 22.14
N ARG A 93 29.77 -2.09 21.34
CA ARG A 93 30.98 -1.56 20.72
C ARG A 93 31.59 -0.46 21.59
N GLU A 94 31.11 -0.34 22.83
CA GLU A 94 31.60 0.67 23.75
C GLU A 94 31.46 2.06 23.16
N ASN A 95 30.23 2.57 23.13
CA ASN A 95 29.96 3.90 22.59
C ASN A 95 30.55 4.04 21.19
N ASP A 96 29.95 3.35 20.22
CA ASP A 96 30.43 3.41 18.85
C ASP A 96 29.27 3.67 17.89
N LEU A 97 29.53 4.44 16.84
CA LEU A 97 28.51 4.77 15.85
C LEU A 97 29.11 4.80 14.44
N GLU A 98 28.61 3.92 13.58
CA GLU A 98 29.09 3.85 12.21
C GLU A 98 27.93 3.71 11.23
N HIS A 99 27.36 4.84 10.82
CA HIS A 99 26.24 4.83 9.89
C HIS A 99 26.62 5.51 8.57
N HIS A 100 27.77 5.12 8.03
CA HIS A 100 28.26 5.69 6.78
C HIS A 100 28.31 7.21 6.86
N HIS A 101 28.69 7.72 8.03
CA HIS A 101 28.79 9.17 8.24
C HIS A 101 29.76 9.80 7.25
N HIS A 102 29.41 10.97 6.75
CA HIS A 102 30.25 11.68 5.79
C HIS A 102 30.62 13.07 6.31
N HIS A 103 31.91 13.37 6.28
CA HIS A 103 32.40 14.66 6.76
C HIS A 103 33.82 14.92 6.26
N HIS A 104 34.15 16.19 6.08
CA HIS A 104 35.48 16.57 5.61
C HIS A 104 36.47 16.66 6.76
N ALA A 1 -3.18 16.66 -2.20
CA ALA A 1 -3.66 16.47 -3.56
C ALA A 1 -4.75 15.40 -3.62
N GLN A 2 -6.00 15.84 -3.76
CA GLN A 2 -7.12 14.92 -3.82
C GLN A 2 -6.98 13.96 -5.01
N VAL A 3 -6.95 12.67 -4.72
CA VAL A 3 -6.82 11.65 -5.75
C VAL A 3 -7.77 10.49 -5.51
N ASN A 4 -8.62 10.22 -6.50
CA ASN A 4 -9.59 9.13 -6.39
C ASN A 4 -9.34 8.08 -7.47
N ILE A 5 -8.91 6.90 -7.05
CA ILE A 5 -8.64 5.80 -7.97
C ILE A 5 -9.48 4.58 -7.63
N ALA A 6 -10.03 3.94 -8.66
CA ALA A 6 -10.84 2.75 -8.47
C ALA A 6 -9.99 1.49 -8.47
N PRO A 7 -10.21 0.62 -7.48
CA PRO A 7 -9.47 -0.64 -7.34
C PRO A 7 -9.82 -1.64 -8.43
N GLY A 8 -9.48 -2.91 -8.21
CA GLY A 8 -9.76 -3.95 -9.18
C GLY A 8 -8.53 -4.36 -9.97
N SER A 9 -7.37 -3.83 -9.57
CA SER A 9 -6.12 -4.15 -10.25
C SER A 9 -4.95 -3.39 -9.61
N LEU A 10 -4.08 -4.13 -8.93
CA LEU A 10 -2.92 -3.54 -8.27
C LEU A 10 -2.05 -2.81 -9.28
N ASP A 11 -1.77 -3.46 -10.40
CA ASP A 11 -0.94 -2.86 -11.44
C ASP A 11 -1.52 -1.52 -11.91
N LYS A 12 -2.82 -1.51 -12.17
CA LYS A 12 -3.50 -0.30 -12.62
C LYS A 12 -3.51 0.76 -11.52
N ALA A 13 -3.90 0.35 -10.31
CA ALA A 13 -3.95 1.26 -9.17
C ALA A 13 -2.60 1.94 -8.96
N LEU A 14 -1.53 1.27 -9.36
CA LEU A 14 -0.18 1.81 -9.22
C LEU A 14 0.05 2.96 -10.19
N ASN A 15 -0.15 2.68 -11.48
CA ASN A 15 0.04 3.69 -12.53
C ASN A 15 -0.89 4.87 -12.30
N GLN A 16 -2.06 4.61 -11.74
CA GLN A 16 -3.04 5.65 -11.48
C GLN A 16 -2.46 6.72 -10.54
N TYR A 17 -2.00 6.28 -9.38
CA TYR A 17 -1.43 7.19 -8.39
C TYR A 17 -0.04 7.65 -8.82
N ALA A 18 0.70 6.77 -9.48
CA ALA A 18 2.05 7.08 -9.95
C ALA A 18 2.02 8.24 -10.93
N ALA A 19 0.94 8.34 -11.71
CA ALA A 19 0.80 9.40 -12.69
C ALA A 19 0.43 10.72 -12.02
N HIS A 20 -0.28 10.63 -10.90
CA HIS A 20 -0.71 11.81 -10.16
C HIS A 20 0.46 12.39 -9.35
N SER A 21 1.40 11.52 -9.00
CA SER A 21 2.56 11.94 -8.20
C SER A 21 3.63 12.55 -9.11
N GLY A 22 4.09 11.78 -10.08
CA GLY A 22 5.11 12.26 -11.00
C GLY A 22 6.47 11.62 -10.75
N PHE A 23 6.46 10.43 -10.18
CA PHE A 23 7.70 9.71 -9.89
C PHE A 23 7.69 8.32 -10.50
N THR A 24 8.84 7.65 -10.47
CA THR A 24 8.96 6.31 -11.02
C THR A 24 9.02 5.26 -9.93
N LEU A 25 8.50 4.07 -10.22
CA LEU A 25 8.50 2.98 -9.26
C LEU A 25 8.85 1.66 -9.94
N SER A 26 9.73 0.89 -9.30
CA SER A 26 10.15 -0.40 -9.83
C SER A 26 9.74 -1.54 -8.90
N VAL A 27 8.69 -2.25 -9.27
CA VAL A 27 8.21 -3.37 -8.45
C VAL A 27 7.95 -4.60 -9.32
N ASP A 28 8.34 -5.77 -8.81
CA ASP A 28 8.15 -7.02 -9.53
C ASP A 28 6.68 -7.28 -9.78
N ALA A 29 6.20 -6.89 -10.96
CA ALA A 29 4.80 -7.09 -11.32
C ALA A 29 4.52 -8.56 -11.66
N SER A 30 5.59 -9.32 -11.87
CA SER A 30 5.46 -10.74 -12.21
C SER A 30 4.61 -11.46 -11.18
N LEU A 31 4.92 -11.26 -9.91
CA LEU A 31 4.18 -11.90 -8.82
C LEU A 31 2.94 -11.08 -8.46
N THR A 32 3.09 -9.76 -8.45
CA THR A 32 1.98 -8.87 -8.12
C THR A 32 0.78 -9.12 -9.03
N ARG A 33 1.06 -9.29 -10.32
CA ARG A 33 0.00 -9.54 -11.31
C ARG A 33 -0.90 -10.68 -10.85
N GLY A 34 -2.21 -10.46 -10.96
CA GLY A 34 -3.16 -11.48 -10.55
C GLY A 34 -3.94 -11.09 -9.30
N LYS A 35 -3.37 -10.17 -8.53
CA LYS A 35 -4.01 -9.71 -7.30
C LYS A 35 -4.60 -8.32 -7.48
N GLN A 36 -5.28 -7.82 -6.45
CA GLN A 36 -5.89 -6.50 -6.50
C GLN A 36 -5.36 -5.62 -5.38
N SER A 37 -5.83 -4.37 -5.35
CA SER A 37 -5.41 -3.42 -4.32
C SER A 37 -6.43 -2.31 -4.15
N ASN A 38 -6.57 -1.82 -2.93
CA ASN A 38 -7.52 -0.74 -2.63
C ASN A 38 -7.05 0.58 -3.22
N GLY A 39 -7.88 1.16 -4.07
CA GLY A 39 -7.54 2.43 -4.69
C GLY A 39 -7.33 3.53 -3.68
N LEU A 40 -7.24 4.77 -4.16
CA LEU A 40 -7.05 5.92 -3.29
C LEU A 40 -8.31 6.77 -3.21
N HIS A 41 -8.44 7.55 -2.14
CA HIS A 41 -9.59 8.42 -1.95
C HIS A 41 -9.29 9.51 -0.93
N GLY A 42 -9.01 10.71 -1.44
CA GLY A 42 -8.70 11.84 -0.57
C GLY A 42 -7.41 12.52 -0.95
N ASP A 43 -6.95 13.43 -0.08
CA ASP A 43 -5.72 14.16 -0.33
C ASP A 43 -4.53 13.45 0.31
N TYR A 44 -3.59 13.01 -0.53
CA TYR A 44 -2.41 12.32 -0.04
C TYR A 44 -1.22 12.53 -0.98
N ASP A 45 -0.09 12.94 -0.43
CA ASP A 45 1.11 13.17 -1.22
C ASP A 45 1.53 11.90 -1.97
N VAL A 46 2.67 11.97 -2.65
CA VAL A 46 3.17 10.83 -3.39
C VAL A 46 3.44 9.64 -2.49
N GLU A 47 4.10 9.90 -1.35
CA GLU A 47 4.42 8.86 -0.40
C GLU A 47 3.18 8.42 0.37
N SER A 48 2.48 9.39 0.97
CA SER A 48 1.28 9.11 1.73
C SER A 48 0.26 8.34 0.88
N GLY A 49 -0.02 8.86 -0.30
CA GLY A 49 -0.97 8.22 -1.19
C GLY A 49 -0.52 6.83 -1.61
N LEU A 50 0.75 6.71 -1.96
CA LEU A 50 1.30 5.44 -2.39
C LEU A 50 1.00 4.34 -1.37
N GLN A 51 1.37 4.59 -0.12
CA GLN A 51 1.14 3.63 0.96
C GLN A 51 -0.35 3.40 1.16
N GLN A 52 -1.16 4.38 0.78
CA GLN A 52 -2.61 4.27 0.93
C GLN A 52 -3.20 3.35 -0.14
N LEU A 53 -2.50 3.24 -1.26
CA LEU A 53 -2.97 2.39 -2.36
C LEU A 53 -2.76 0.91 -2.02
N LEU A 54 -1.53 0.55 -1.69
CA LEU A 54 -1.20 -0.83 -1.35
C LEU A 54 -1.59 -1.13 0.09
N ASP A 55 -2.07 -0.12 0.81
CA ASP A 55 -2.47 -0.28 2.19
C ASP A 55 -3.38 -1.49 2.35
N GLY A 56 -2.91 -2.48 3.11
CA GLY A 56 -3.69 -3.68 3.32
C GLY A 56 -2.82 -4.90 3.58
N SER A 57 -1.54 -4.80 3.23
CA SER A 57 -0.60 -5.90 3.42
C SER A 57 0.52 -5.51 4.36
N GLY A 58 1.17 -4.38 4.06
CA GLY A 58 2.26 -3.90 4.90
C GLY A 58 3.62 -4.23 4.32
N LEU A 59 4.18 -3.28 3.58
CA LEU A 59 5.49 -3.48 2.97
C LEU A 59 6.37 -2.25 3.16
N GLN A 60 7.63 -2.36 2.74
CA GLN A 60 8.58 -1.25 2.87
C GLN A 60 8.89 -0.64 1.51
N VAL A 61 9.09 0.67 1.49
CA VAL A 61 9.40 1.38 0.25
C VAL A 61 10.63 2.27 0.41
N LYS A 62 11.61 2.06 -0.45
CA LYS A 62 12.85 2.83 -0.41
C LYS A 62 13.28 3.24 -1.82
N PRO A 63 13.80 4.47 -1.94
CA PRO A 63 14.27 5.01 -3.22
C PRO A 63 15.53 4.31 -3.71
N LEU A 64 15.81 4.44 -5.01
CA LEU A 64 16.99 3.83 -5.60
C LEU A 64 17.84 4.87 -6.33
N GLY A 65 17.26 5.50 -7.35
CA GLY A 65 17.98 6.51 -8.09
C GLY A 65 17.17 7.77 -8.30
N ASN A 66 16.81 8.05 -9.55
CA ASN A 66 16.03 9.24 -9.87
C ASN A 66 14.59 9.08 -9.41
N ASN A 67 14.31 9.52 -8.20
CA ASN A 67 12.97 9.42 -7.64
C ASN A 67 12.35 8.05 -7.92
N SER A 68 13.20 7.03 -7.97
CA SER A 68 12.75 5.67 -8.23
C SER A 68 12.58 4.90 -6.93
N TRP A 69 11.33 4.57 -6.61
CA TRP A 69 11.03 3.82 -5.39
C TRP A 69 10.70 2.37 -5.70
N THR A 70 10.96 1.49 -4.75
CA THR A 70 10.68 0.06 -4.93
C THR A 70 10.02 -0.53 -3.69
N LEU A 71 9.19 -1.54 -3.90
CA LEU A 71 8.49 -2.21 -2.79
C LEU A 71 9.17 -3.53 -2.45
N GLU A 72 9.17 -3.86 -1.16
CA GLU A 72 9.77 -5.11 -0.69
C GLU A 72 8.98 -5.69 0.48
N PRO A 73 9.12 -7.00 0.68
CA PRO A 73 8.43 -7.72 1.76
C PRO A 73 8.97 -7.35 3.14
N ALA A 74 8.10 -6.86 4.00
CA ALA A 74 8.48 -6.47 5.35
C ALA A 74 7.83 -7.37 6.40
N PRO A 75 8.40 -7.40 7.61
CA PRO A 75 7.89 -8.21 8.71
C PRO A 75 6.56 -7.71 9.24
N ALA A 76 5.90 -8.52 10.05
CA ALA A 76 4.61 -8.15 10.63
C ALA A 76 4.81 -7.33 11.91
N PRO A 77 3.76 -6.59 12.30
CA PRO A 77 3.79 -5.75 13.50
C PRO A 77 3.80 -6.58 14.79
N LYS A 78 4.09 -5.92 15.91
CA LYS A 78 4.14 -6.59 17.19
C LYS A 78 3.37 -5.81 18.25
N GLU A 79 2.46 -4.95 17.80
CA GLU A 79 1.66 -4.13 18.70
C GLU A 79 0.60 -3.34 17.93
N ASP A 80 -0.60 -3.88 17.85
CA ASP A 80 -1.70 -3.23 17.14
C ASP A 80 -2.90 -3.04 18.06
N ALA A 81 -3.43 -1.83 18.08
CA ALA A 81 -4.59 -1.50 18.91
C ALA A 81 -5.89 -1.89 18.21
N LEU A 82 -6.77 -2.55 18.94
CA LEU A 82 -8.05 -2.97 18.39
C LEU A 82 -9.21 -2.46 19.26
N THR A 83 -10.31 -2.10 18.61
CA THR A 83 -11.49 -1.60 19.32
C THR A 83 -12.38 -2.74 19.78
N VAL A 84 -13.17 -2.49 20.82
CA VAL A 84 -14.07 -3.50 21.35
C VAL A 84 -15.52 -3.05 21.25
N VAL A 85 -16.15 -3.36 20.11
CA VAL A 85 -17.54 -2.99 19.88
C VAL A 85 -18.46 -3.71 20.86
N GLY A 86 -19.77 -3.46 20.71
CA GLY A 86 -20.73 -4.09 21.59
C GLY A 86 -21.36 -3.11 22.56
N ASP A 87 -22.09 -3.63 23.54
CA ASP A 87 -22.75 -2.80 24.55
C ASP A 87 -21.71 -2.07 25.41
N TRP A 88 -22.03 -0.85 25.80
CA TRP A 88 -21.13 -0.05 26.62
C TRP A 88 -21.55 -0.09 28.09
N LEU A 89 -20.94 0.76 28.90
CA LEU A 89 -21.26 0.84 30.32
C LEU A 89 -22.43 1.77 30.57
N GLY A 90 -23.52 1.56 29.85
CA GLY A 90 -24.70 2.39 30.01
C GLY A 90 -25.23 2.39 31.43
N ASP A 91 -26.34 3.08 31.65
CA ASP A 91 -26.94 3.16 32.97
C ASP A 91 -28.46 3.10 32.89
N ALA A 92 -29.05 2.14 33.61
CA ALA A 92 -30.50 1.98 33.61
C ALA A 92 -31.02 1.75 35.03
N ARG A 93 -31.90 2.63 35.48
CA ARG A 93 -32.48 2.53 36.82
C ARG A 93 -33.99 2.64 36.76
N GLU A 94 -34.64 2.32 37.88
CA GLU A 94 -36.11 2.39 37.96
C GLU A 94 -36.55 2.99 39.29
N ASN A 95 -37.74 3.57 39.30
CA ASN A 95 -38.28 4.20 40.50
C ASN A 95 -38.48 3.16 41.60
N ASP A 96 -38.49 3.62 42.85
CA ASP A 96 -38.67 2.72 43.99
C ASP A 96 -40.16 2.57 44.32
N LEU A 97 -40.47 1.54 45.09
CA LEU A 97 -41.86 1.27 45.48
C LEU A 97 -42.09 1.63 46.95
N GLU A 98 -42.53 2.86 47.19
CA GLU A 98 -42.79 3.33 48.55
C GLU A 98 -43.85 2.47 49.22
N HIS A 99 -43.48 1.85 50.34
CA HIS A 99 -44.41 1.00 51.09
C HIS A 99 -44.89 1.70 52.35
N HIS A 100 -46.15 2.12 52.35
CA HIS A 100 -46.73 2.81 53.50
C HIS A 100 -47.23 1.80 54.53
N HIS A 101 -47.58 2.30 55.71
CA HIS A 101 -48.08 1.45 56.78
C HIS A 101 -49.52 1.03 56.53
N HIS A 102 -49.97 -0.01 57.24
CA HIS A 102 -51.33 -0.50 57.09
C HIS A 102 -51.64 -0.82 55.62
N HIS A 103 -50.72 -1.53 54.98
CA HIS A 103 -50.89 -1.89 53.58
C HIS A 103 -50.90 -3.41 53.41
N HIS A 104 -51.93 -4.06 53.92
CA HIS A 104 -52.06 -5.50 53.84
C HIS A 104 -52.26 -5.95 52.39
N ALA A 1 -4.24 17.80 -2.78
CA ALA A 1 -3.70 16.62 -3.46
C ALA A 1 -4.74 15.50 -3.51
N GLN A 2 -6.01 15.88 -3.51
CA GLN A 2 -7.10 14.91 -3.56
C GLN A 2 -6.96 13.99 -4.76
N VAL A 3 -6.90 12.69 -4.50
CA VAL A 3 -6.76 11.70 -5.57
C VAL A 3 -7.72 10.53 -5.37
N ASN A 4 -8.56 10.28 -6.37
CA ASN A 4 -9.53 9.19 -6.30
C ASN A 4 -9.27 8.17 -7.39
N ILE A 5 -8.87 6.97 -6.99
CA ILE A 5 -8.59 5.89 -7.93
C ILE A 5 -9.44 4.66 -7.64
N ALA A 6 -9.96 4.04 -8.69
CA ALA A 6 -10.78 2.85 -8.54
C ALA A 6 -9.93 1.59 -8.53
N PRO A 7 -10.18 0.70 -7.55
CA PRO A 7 -9.45 -0.55 -7.41
C PRO A 7 -9.78 -1.55 -8.53
N GLY A 8 -9.45 -2.81 -8.30
CA GLY A 8 -9.72 -3.83 -9.29
C GLY A 8 -8.48 -4.26 -10.05
N SER A 9 -7.32 -3.77 -9.60
CA SER A 9 -6.05 -4.09 -10.25
C SER A 9 -4.89 -3.37 -9.57
N LEU A 10 -3.84 -4.11 -9.24
CA LEU A 10 -2.67 -3.55 -8.60
C LEU A 10 -1.84 -2.74 -9.59
N ASP A 11 -1.62 -3.30 -10.77
CA ASP A 11 -0.84 -2.63 -11.80
C ASP A 11 -1.51 -1.33 -12.24
N LYS A 12 -2.82 -1.39 -12.47
CA LYS A 12 -3.58 -0.23 -12.87
C LYS A 12 -3.61 0.82 -11.77
N ALA A 13 -3.96 0.40 -10.56
CA ALA A 13 -4.03 1.30 -9.42
C ALA A 13 -2.69 2.00 -9.21
N LEU A 14 -1.60 1.29 -9.48
CA LEU A 14 -0.26 1.84 -9.30
C LEU A 14 -0.02 3.00 -10.27
N ASN A 15 -0.30 2.75 -11.55
CA ASN A 15 -0.11 3.77 -12.57
C ASN A 15 -1.03 4.97 -12.32
N GLN A 16 -2.19 4.71 -11.75
CA GLN A 16 -3.15 5.77 -11.44
C GLN A 16 -2.53 6.81 -10.52
N TYR A 17 -2.05 6.36 -9.37
CA TYR A 17 -1.45 7.26 -8.39
C TYR A 17 -0.07 7.70 -8.84
N ALA A 18 0.66 6.78 -9.49
CA ALA A 18 2.00 7.08 -9.98
C ALA A 18 1.98 8.21 -11.00
N ALA A 19 0.88 8.30 -11.75
CA ALA A 19 0.74 9.34 -12.77
C ALA A 19 0.36 10.68 -12.13
N HIS A 20 -0.33 10.61 -11.00
CA HIS A 20 -0.76 11.81 -10.30
C HIS A 20 0.40 12.43 -9.53
N SER A 21 1.37 11.61 -9.16
CA SER A 21 2.54 12.08 -8.42
C SER A 21 3.60 12.63 -9.38
N GLY A 22 4.10 11.77 -10.26
CA GLY A 22 5.11 12.19 -11.22
C GLY A 22 6.44 11.51 -10.98
N PHE A 23 6.41 10.34 -10.35
CA PHE A 23 7.62 9.60 -10.06
C PHE A 23 7.55 8.19 -10.65
N THR A 24 8.68 7.49 -10.64
CA THR A 24 8.75 6.14 -11.19
C THR A 24 8.81 5.10 -10.07
N LEU A 25 8.31 3.91 -10.36
CA LEU A 25 8.31 2.83 -9.37
C LEU A 25 8.69 1.50 -10.02
N SER A 26 9.61 0.77 -9.39
CA SER A 26 10.06 -0.51 -9.91
C SER A 26 9.74 -1.64 -8.93
N VAL A 27 8.69 -2.40 -9.24
CA VAL A 27 8.28 -3.51 -8.39
C VAL A 27 8.05 -4.78 -9.21
N ASP A 28 8.48 -5.91 -8.67
CA ASP A 28 8.32 -7.19 -9.36
C ASP A 28 6.87 -7.39 -9.81
N ALA A 29 6.66 -7.35 -11.12
CA ALA A 29 5.33 -7.52 -11.68
C ALA A 29 4.80 -8.92 -11.40
N SER A 30 5.69 -9.82 -11.01
CA SER A 30 5.31 -11.20 -10.72
C SER A 30 4.15 -11.24 -9.74
N LEU A 31 4.26 -10.49 -8.66
CA LEU A 31 3.21 -10.44 -7.64
C LEU A 31 2.12 -9.45 -8.03
N THR A 32 2.51 -8.38 -8.72
CA THR A 32 1.57 -7.36 -9.15
C THR A 32 0.43 -7.97 -9.97
N ARG A 33 0.74 -9.06 -10.69
CA ARG A 33 -0.25 -9.72 -11.52
C ARG A 33 -0.84 -10.93 -10.78
N GLY A 34 -2.15 -10.93 -10.60
CA GLY A 34 -2.81 -12.02 -9.92
C GLY A 34 -3.71 -11.54 -8.79
N LYS A 35 -3.33 -10.44 -8.16
CA LYS A 35 -4.09 -9.88 -7.06
C LYS A 35 -4.49 -8.43 -7.35
N GLN A 36 -5.37 -7.89 -6.52
CA GLN A 36 -5.82 -6.51 -6.69
C GLN A 36 -5.33 -5.62 -5.55
N SER A 37 -5.65 -4.33 -5.61
CA SER A 37 -5.23 -3.39 -4.58
C SER A 37 -6.29 -2.32 -4.38
N ASN A 38 -6.39 -1.81 -3.14
CA ASN A 38 -7.36 -0.79 -2.81
C ASN A 38 -6.95 0.57 -3.38
N GLY A 39 -7.86 1.18 -4.13
CA GLY A 39 -7.56 2.47 -4.73
C GLY A 39 -7.34 3.55 -3.68
N LEU A 40 -7.27 4.80 -4.14
CA LEU A 40 -7.05 5.92 -3.24
C LEU A 40 -8.30 6.80 -3.15
N HIS A 41 -8.40 7.55 -2.06
CA HIS A 41 -9.55 8.43 -1.85
C HIS A 41 -9.22 9.51 -0.81
N GLY A 42 -8.93 10.71 -1.29
CA GLY A 42 -8.61 11.81 -0.40
C GLY A 42 -7.30 12.49 -0.77
N ASP A 43 -6.85 13.38 0.10
CA ASP A 43 -5.60 14.10 -0.13
C ASP A 43 -4.41 13.37 0.49
N TYR A 44 -3.50 12.92 -0.36
CA TYR A 44 -2.32 12.19 0.10
C TYR A 44 -1.15 12.39 -0.85
N ASP A 45 0.00 12.78 -0.29
CA ASP A 45 1.20 13.00 -1.09
C ASP A 45 1.59 11.74 -1.84
N VAL A 46 2.74 11.79 -2.52
CA VAL A 46 3.23 10.65 -3.30
C VAL A 46 3.48 9.45 -2.39
N GLU A 47 4.15 9.68 -1.26
CA GLU A 47 4.45 8.63 -0.32
C GLU A 47 3.20 8.20 0.45
N SER A 48 2.52 9.16 1.05
CA SER A 48 1.30 8.89 1.82
C SER A 48 0.27 8.16 0.95
N GLY A 49 0.00 8.72 -0.22
CA GLY A 49 -0.98 8.10 -1.12
C GLY A 49 -0.55 6.73 -1.58
N LEU A 50 0.73 6.60 -1.96
CA LEU A 50 1.26 5.32 -2.42
C LEU A 50 0.97 4.22 -1.41
N GLN A 51 1.35 4.44 -0.15
CA GLN A 51 1.12 3.46 0.90
C GLN A 51 -0.36 3.21 1.10
N GLN A 52 -1.18 4.20 0.73
CA GLN A 52 -2.63 4.08 0.88
C GLN A 52 -3.22 3.18 -0.20
N LEU A 53 -2.52 3.09 -1.33
CA LEU A 53 -2.98 2.26 -2.44
C LEU A 53 -2.76 0.78 -2.14
N LEU A 54 -1.52 0.43 -1.83
CA LEU A 54 -1.17 -0.96 -1.52
C LEU A 54 -1.57 -1.30 -0.10
N ASP A 55 -2.06 -0.32 0.64
CA ASP A 55 -2.47 -0.52 2.03
C ASP A 55 -3.35 -1.76 2.15
N GLY A 56 -2.86 -2.76 2.89
CA GLY A 56 -3.61 -3.98 3.07
C GLY A 56 -2.72 -5.15 3.43
N SER A 57 -1.43 -5.04 3.10
CA SER A 57 -0.48 -6.10 3.39
C SER A 57 0.63 -5.61 4.30
N GLY A 58 1.10 -4.38 4.05
CA GLY A 58 2.16 -3.81 4.86
C GLY A 58 3.54 -4.13 4.32
N LEU A 59 4.11 -3.22 3.54
CA LEU A 59 5.43 -3.41 2.96
C LEU A 59 6.28 -2.16 3.12
N GLN A 60 7.55 -2.26 2.74
CA GLN A 60 8.47 -1.13 2.83
C GLN A 60 8.80 -0.58 1.45
N VAL A 61 8.95 0.74 1.35
CA VAL A 61 9.27 1.38 0.08
C VAL A 61 10.52 2.26 0.21
N LYS A 62 11.54 1.95 -0.58
CA LYS A 62 12.78 2.71 -0.55
C LYS A 62 13.21 3.09 -1.96
N PRO A 63 13.70 4.33 -2.12
CA PRO A 63 14.16 4.85 -3.41
C PRO A 63 15.45 4.16 -3.88
N LEU A 64 15.73 4.27 -5.17
CA LEU A 64 16.94 3.67 -5.74
C LEU A 64 17.86 4.75 -6.30
N GLY A 65 17.34 5.55 -7.21
CA GLY A 65 18.13 6.61 -7.81
C GLY A 65 17.51 7.98 -7.64
N ASN A 66 17.10 8.59 -8.75
CA ASN A 66 16.48 9.90 -8.72
C ASN A 66 15.17 9.87 -7.94
N ASN A 67 14.10 9.45 -8.60
CA ASN A 67 12.79 9.37 -7.96
C ASN A 67 12.16 7.99 -8.17
N SER A 68 13.01 6.98 -8.29
CA SER A 68 12.54 5.60 -8.50
C SER A 68 12.44 4.87 -7.17
N TRP A 69 11.23 4.42 -6.84
CA TRP A 69 10.98 3.70 -5.61
C TRP A 69 10.63 2.24 -5.88
N THR A 70 10.90 1.37 -4.92
CA THR A 70 10.62 -0.05 -5.06
C THR A 70 9.99 -0.62 -3.79
N LEU A 71 9.24 -1.70 -3.94
CA LEU A 71 8.59 -2.34 -2.80
C LEU A 71 9.30 -3.63 -2.42
N GLU A 72 9.25 -3.98 -1.14
CA GLU A 72 9.90 -5.19 -0.64
C GLU A 72 9.15 -5.74 0.57
N PRO A 73 9.32 -7.05 0.83
CA PRO A 73 8.68 -7.73 1.96
C PRO A 73 9.24 -7.28 3.30
N ALA A 74 8.36 -6.78 4.16
CA ALA A 74 8.77 -6.32 5.49
C ALA A 74 8.15 -7.19 6.58
N PRO A 75 8.75 -7.14 7.78
CA PRO A 75 8.28 -7.91 8.93
C PRO A 75 6.95 -7.40 9.47
N ALA A 76 6.20 -8.28 10.12
CA ALA A 76 4.90 -7.92 10.68
C ALA A 76 5.05 -7.43 12.12
N PRO A 77 4.04 -6.70 12.60
CA PRO A 77 4.03 -6.17 13.97
C PRO A 77 3.86 -7.26 15.02
N LYS A 78 4.10 -6.90 16.28
CA LYS A 78 3.98 -7.85 17.38
C LYS A 78 2.62 -8.52 17.38
N GLU A 79 2.58 -9.77 16.91
CA GLU A 79 1.33 -10.52 16.86
C GLU A 79 0.80 -10.80 18.27
N ASP A 80 -0.52 -10.75 18.41
CA ASP A 80 -1.15 -11.00 19.70
C ASP A 80 -2.64 -11.31 19.53
N ALA A 81 -3.17 -12.11 20.44
CA ALA A 81 -4.59 -12.49 20.39
C ALA A 81 -5.48 -11.26 20.43
N LEU A 82 -6.45 -11.21 19.53
CA LEU A 82 -7.38 -10.08 19.47
C LEU A 82 -8.12 -9.92 20.79
N THR A 83 -7.96 -8.76 21.42
CA THR A 83 -8.60 -8.47 22.68
C THR A 83 -10.12 -8.54 22.55
N VAL A 84 -10.80 -8.77 23.67
CA VAL A 84 -12.25 -8.86 23.69
C VAL A 84 -12.89 -7.54 23.25
N VAL A 85 -13.80 -7.61 22.30
CA VAL A 85 -14.48 -6.42 21.80
C VAL A 85 -15.24 -5.72 22.92
N GLY A 86 -15.43 -4.40 22.77
CA GLY A 86 -16.15 -3.64 23.78
C GLY A 86 -17.22 -2.76 23.18
N ASP A 87 -17.99 -2.10 24.04
CA ASP A 87 -19.06 -1.22 23.58
C ASP A 87 -19.06 0.09 24.38
N TRP A 88 -19.70 1.11 23.83
CA TRP A 88 -19.78 2.41 24.49
C TRP A 88 -21.21 2.73 24.89
N LEU A 89 -21.36 3.61 25.88
CA LEU A 89 -22.68 4.01 26.35
C LEU A 89 -22.65 5.43 26.92
N GLY A 90 -23.72 6.17 26.68
CA GLY A 90 -23.79 7.54 27.17
C GLY A 90 -25.12 7.83 27.86
N ASP A 91 -25.06 8.08 29.17
CA ASP A 91 -26.26 8.37 29.95
C ASP A 91 -26.21 9.79 30.51
N ALA A 92 -25.94 10.76 29.63
CA ALA A 92 -25.86 12.16 30.05
C ALA A 92 -26.81 13.02 29.22
N ARG A 93 -28.04 13.18 29.71
CA ARG A 93 -29.03 13.99 29.01
C ARG A 93 -29.92 14.72 30.01
N GLU A 94 -30.44 15.88 29.59
CA GLU A 94 -31.31 16.67 30.45
C GLU A 94 -32.56 17.13 29.69
N ASN A 95 -33.47 16.19 29.45
CA ASN A 95 -34.70 16.49 28.73
C ASN A 95 -35.88 15.75 29.34
N ASP A 96 -37.06 15.92 28.74
CA ASP A 96 -38.27 15.25 29.22
C ASP A 96 -38.05 13.75 29.34
N LEU A 97 -38.72 13.14 30.31
CA LEU A 97 -38.60 11.71 30.54
C LEU A 97 -39.95 11.02 30.40
N GLU A 98 -39.95 9.83 29.80
CA GLU A 98 -41.18 9.08 29.60
C GLU A 98 -40.91 7.57 29.67
N HIS A 99 -41.84 6.83 30.26
CA HIS A 99 -41.71 5.38 30.38
C HIS A 99 -42.99 4.67 29.93
N HIS A 100 -42.89 3.36 29.74
CA HIS A 100 -44.04 2.57 29.32
C HIS A 100 -43.87 1.11 29.71
N HIS A 101 -44.73 0.64 30.61
CA HIS A 101 -44.67 -0.74 31.08
C HIS A 101 -44.79 -1.72 29.91
N HIS A 102 -43.79 -2.58 29.77
CA HIS A 102 -43.78 -3.56 28.68
C HIS A 102 -43.99 -4.97 29.23
N HIS A 103 -44.36 -5.90 28.35
CA HIS A 103 -44.60 -7.27 28.74
C HIS A 103 -43.77 -8.23 27.89
N HIS A 104 -43.74 -9.50 28.30
CA HIS A 104 -42.98 -10.52 27.57
C HIS A 104 -43.72 -10.94 26.31
N ALA A 1 -3.54 17.17 -2.47
CA ALA A 1 -3.73 16.62 -3.80
C ALA A 1 -4.76 15.49 -3.80
N GLN A 2 -6.03 15.86 -3.95
CA GLN A 2 -7.11 14.88 -3.96
C GLN A 2 -6.96 13.91 -5.13
N VAL A 3 -6.92 12.62 -4.81
CA VAL A 3 -6.78 11.59 -5.83
C VAL A 3 -7.74 10.43 -5.58
N ASN A 4 -8.58 10.14 -6.57
CA ASN A 4 -9.55 9.07 -6.45
C ASN A 4 -9.30 8.00 -7.52
N ILE A 5 -8.85 6.82 -7.08
CA ILE A 5 -8.57 5.72 -7.99
C ILE A 5 -9.43 4.50 -7.65
N ALA A 6 -9.97 3.87 -8.67
CA ALA A 6 -10.81 2.68 -8.48
C ALA A 6 -9.96 1.41 -8.48
N PRO A 7 -10.19 0.54 -7.49
CA PRO A 7 -9.46 -0.72 -7.36
C PRO A 7 -9.82 -1.71 -8.45
N GLY A 8 -9.46 -2.98 -8.23
CA GLY A 8 -9.76 -4.01 -9.21
C GLY A 8 -8.55 -4.39 -10.04
N SER A 9 -7.39 -3.88 -9.65
CA SER A 9 -6.15 -4.18 -10.37
C SER A 9 -4.97 -3.45 -9.72
N LEU A 10 -4.08 -4.22 -9.11
CA LEU A 10 -2.90 -3.66 -8.46
C LEU A 10 -2.04 -2.89 -9.45
N ASP A 11 -1.87 -3.45 -10.65
CA ASP A 11 -1.08 -2.82 -11.69
C ASP A 11 -1.71 -1.50 -12.13
N LYS A 12 -3.03 -1.48 -12.19
CA LYS A 12 -3.75 -0.29 -12.60
C LYS A 12 -3.68 0.79 -11.51
N ALA A 13 -4.13 0.44 -10.31
CA ALA A 13 -4.11 1.37 -9.19
C ALA A 13 -2.73 1.99 -9.01
N LEU A 14 -1.69 1.23 -9.35
CA LEU A 14 -0.33 1.71 -9.23
C LEU A 14 -0.04 2.82 -10.23
N ASN A 15 -0.31 2.55 -11.50
CA ASN A 15 -0.08 3.54 -12.56
C ASN A 15 -0.95 4.77 -12.34
N GLN A 16 -2.14 4.56 -11.78
CA GLN A 16 -3.06 5.65 -11.52
C GLN A 16 -2.44 6.69 -10.61
N TYR A 17 -1.99 6.26 -9.44
CA TYR A 17 -1.37 7.15 -8.46
C TYR A 17 0.04 7.54 -8.91
N ALA A 18 0.73 6.60 -9.56
CA ALA A 18 2.09 6.84 -10.03
C ALA A 18 2.13 8.03 -10.98
N ALA A 19 1.15 8.11 -11.88
CA ALA A 19 1.08 9.22 -12.83
C ALA A 19 0.56 10.48 -12.17
N HIS A 20 -0.18 10.32 -11.09
CA HIS A 20 -0.74 11.46 -10.36
C HIS A 20 0.34 12.18 -9.55
N SER A 21 1.39 11.43 -9.19
CA SER A 21 2.48 12.00 -8.40
C SER A 21 3.55 12.58 -9.33
N GLY A 22 4.15 11.71 -10.15
CA GLY A 22 5.18 12.15 -11.06
C GLY A 22 6.53 11.53 -10.76
N PHE A 23 6.51 10.35 -10.14
CA PHE A 23 7.74 9.65 -9.78
C PHE A 23 7.76 8.25 -10.40
N THR A 24 8.91 7.60 -10.30
CA THR A 24 9.07 6.25 -10.85
C THR A 24 9.00 5.20 -9.74
N LEU A 25 8.53 4.02 -10.10
CA LEU A 25 8.41 2.92 -9.15
C LEU A 25 8.80 1.59 -9.78
N SER A 26 9.53 0.77 -9.02
CA SER A 26 9.98 -0.52 -9.52
C SER A 26 9.58 -1.64 -8.56
N VAL A 27 8.53 -2.37 -8.93
CA VAL A 27 8.04 -3.47 -8.10
C VAL A 27 7.81 -4.72 -8.94
N ASP A 28 8.19 -5.88 -8.39
CA ASP A 28 8.04 -7.14 -9.08
C ASP A 28 6.61 -7.31 -9.60
N ALA A 29 6.44 -7.12 -10.90
CA ALA A 29 5.12 -7.24 -11.52
C ALA A 29 4.69 -8.71 -11.63
N SER A 30 5.62 -9.60 -11.29
CA SER A 30 5.33 -11.04 -11.35
C SER A 30 4.06 -11.37 -10.58
N LEU A 31 3.96 -10.86 -9.36
CA LEU A 31 2.80 -11.11 -8.52
C LEU A 31 1.68 -10.12 -8.83
N THR A 32 2.07 -8.90 -9.21
CA THR A 32 1.11 -7.85 -9.54
C THR A 32 0.14 -8.31 -10.62
N ARG A 33 0.59 -9.27 -11.43
CA ARG A 33 -0.22 -9.80 -12.51
C ARG A 33 -1.65 -10.09 -12.03
N GLY A 34 -1.81 -11.18 -11.29
CA GLY A 34 -3.11 -11.54 -10.77
C GLY A 34 -3.33 -11.06 -9.36
N LYS A 35 -2.95 -9.82 -9.09
CA LYS A 35 -3.11 -9.23 -7.76
C LYS A 35 -3.93 -7.95 -7.83
N GLN A 36 -4.47 -7.53 -6.68
CA GLN A 36 -5.28 -6.32 -6.61
C GLN A 36 -4.77 -5.40 -5.50
N SER A 37 -5.42 -4.25 -5.36
CA SER A 37 -5.03 -3.29 -4.34
C SER A 37 -6.13 -2.24 -4.15
N ASN A 38 -6.28 -1.77 -2.91
CA ASN A 38 -7.29 -0.77 -2.60
C ASN A 38 -6.92 0.58 -3.19
N GLY A 39 -7.79 1.10 -4.05
CA GLY A 39 -7.54 2.39 -4.67
C GLY A 39 -7.35 3.50 -3.66
N LEU A 40 -7.23 4.72 -4.15
CA LEU A 40 -7.04 5.89 -3.29
C LEU A 40 -8.31 6.74 -3.24
N HIS A 41 -8.44 7.53 -2.18
CA HIS A 41 -9.60 8.41 -2.03
C HIS A 41 -9.31 9.51 -1.03
N GLY A 42 -9.02 10.71 -1.54
CA GLY A 42 -8.71 11.83 -0.68
C GLY A 42 -7.42 12.53 -1.05
N ASP A 43 -6.98 13.44 -0.20
CA ASP A 43 -5.74 14.18 -0.44
C ASP A 43 -4.55 13.49 0.20
N TYR A 44 -3.61 13.04 -0.62
CA TYR A 44 -2.42 12.35 -0.13
C TYR A 44 -1.24 12.56 -1.07
N ASP A 45 -0.11 12.98 -0.52
CA ASP A 45 1.10 13.21 -1.31
C ASP A 45 1.51 11.94 -2.05
N VAL A 46 2.64 12.02 -2.74
CA VAL A 46 3.15 10.87 -3.50
C VAL A 46 3.43 9.69 -2.57
N GLU A 47 4.09 9.96 -1.45
CA GLU A 47 4.42 8.91 -0.49
C GLU A 47 3.17 8.48 0.29
N SER A 48 2.48 9.46 0.88
CA SER A 48 1.29 9.18 1.66
C SER A 48 0.27 8.39 0.83
N GLY A 49 -0.02 8.90 -0.37
CA GLY A 49 -0.97 8.23 -1.24
C GLY A 49 -0.52 6.84 -1.63
N LEU A 50 0.75 6.70 -1.99
CA LEU A 50 1.30 5.41 -2.39
C LEU A 50 1.01 4.35 -1.34
N GLN A 51 1.38 4.63 -0.10
CA GLN A 51 1.16 3.70 1.01
C GLN A 51 -0.32 3.47 1.22
N GLN A 52 -1.14 4.44 0.82
CA GLN A 52 -2.59 4.34 0.98
C GLN A 52 -3.18 3.39 -0.05
N LEU A 53 -2.50 3.26 -1.18
CA LEU A 53 -2.97 2.38 -2.26
C LEU A 53 -2.77 0.92 -1.88
N LEU A 54 -1.54 0.56 -1.54
CA LEU A 54 -1.22 -0.82 -1.16
C LEU A 54 -1.58 -1.08 0.30
N ASP A 55 -2.00 -0.03 0.99
CA ASP A 55 -2.38 -0.13 2.39
C ASP A 55 -3.31 -1.33 2.61
N GLY A 56 -2.85 -2.30 3.40
CA GLY A 56 -3.65 -3.47 3.68
C GLY A 56 -2.80 -4.67 4.07
N SER A 57 -1.52 -4.62 3.71
CA SER A 57 -0.61 -5.72 4.03
C SER A 57 0.53 -5.24 4.92
N GLY A 58 1.14 -4.11 4.55
CA GLY A 58 2.22 -3.57 5.33
C GLY A 58 3.58 -3.95 4.78
N LEU A 59 4.15 -3.07 3.95
CA LEU A 59 5.46 -3.33 3.35
C LEU A 59 6.37 -2.12 3.51
N GLN A 60 7.62 -2.27 3.10
CA GLN A 60 8.60 -1.19 3.19
C GLN A 60 8.92 -0.64 1.81
N VAL A 61 9.11 0.67 1.73
CA VAL A 61 9.43 1.34 0.47
C VAL A 61 10.69 2.20 0.60
N LYS A 62 11.62 2.02 -0.31
CA LYS A 62 12.86 2.78 -0.30
C LYS A 62 13.27 3.18 -1.71
N PRO A 63 13.79 4.40 -1.86
CA PRO A 63 14.23 4.93 -3.16
C PRO A 63 15.49 4.23 -3.67
N LEU A 64 15.74 4.36 -4.97
CA LEU A 64 16.91 3.74 -5.59
C LEU A 64 17.70 4.75 -6.40
N GLY A 65 16.99 5.58 -7.16
CA GLY A 65 17.64 6.59 -7.97
C GLY A 65 16.69 7.27 -8.93
N ASN A 66 16.69 8.60 -8.94
CA ASN A 66 15.82 9.36 -9.83
C ASN A 66 14.36 9.17 -9.44
N ASN A 67 14.01 9.61 -8.23
CA ASN A 67 12.63 9.49 -7.75
C ASN A 67 12.09 8.08 -8.00
N SER A 68 12.98 7.10 -7.97
CA SER A 68 12.59 5.71 -8.20
C SER A 68 12.48 4.96 -6.89
N TRP A 69 11.26 4.55 -6.54
CA TRP A 69 11.02 3.81 -5.30
C TRP A 69 10.69 2.36 -5.60
N THR A 70 10.92 1.50 -4.61
CA THR A 70 10.65 0.07 -4.75
C THR A 70 9.96 -0.49 -3.52
N LEU A 71 9.14 -1.51 -3.72
CA LEU A 71 8.41 -2.14 -2.62
C LEU A 71 9.08 -3.45 -2.21
N GLU A 72 9.43 -3.56 -0.93
CA GLU A 72 10.07 -4.77 -0.42
C GLU A 72 9.28 -5.34 0.76
N PRO A 73 9.12 -6.67 0.77
CA PRO A 73 8.39 -7.37 1.83
C PRO A 73 9.15 -7.36 3.15
N ALA A 74 8.43 -7.05 4.23
CA ALA A 74 9.04 -7.02 5.56
C ALA A 74 8.74 -8.28 6.34
N PRO A 75 9.54 -8.55 7.38
CA PRO A 75 9.38 -9.74 8.23
C PRO A 75 8.13 -9.66 9.10
N ALA A 76 7.58 -10.82 9.43
CA ALA A 76 6.39 -10.89 10.26
C ALA A 76 6.67 -10.45 11.69
N PRO A 77 5.62 -10.08 12.42
CA PRO A 77 5.74 -9.63 13.82
C PRO A 77 6.13 -10.76 14.76
N LYS A 78 6.52 -10.40 15.98
CA LYS A 78 6.91 -11.39 16.98
C LYS A 78 5.82 -11.56 18.04
N GLU A 79 4.94 -12.52 17.82
CA GLU A 79 3.86 -12.79 18.77
C GLU A 79 4.40 -13.17 20.13
N ASP A 80 3.78 -12.62 21.19
CA ASP A 80 4.20 -12.90 22.55
C ASP A 80 3.00 -13.08 23.47
N ALA A 81 3.27 -13.38 24.74
CA ALA A 81 2.20 -13.57 25.71
C ALA A 81 2.01 -12.32 26.57
N LEU A 82 1.75 -11.19 25.92
CA LEU A 82 1.55 -9.93 26.63
C LEU A 82 0.15 -9.39 26.39
N THR A 83 -0.67 -9.40 27.44
CA THR A 83 -2.04 -8.91 27.34
C THR A 83 -2.09 -7.39 27.34
N VAL A 84 -3.08 -6.83 26.67
CA VAL A 84 -3.24 -5.38 26.59
C VAL A 84 -4.70 -4.97 26.74
N VAL A 85 -4.99 -4.25 27.82
CA VAL A 85 -6.35 -3.79 28.09
C VAL A 85 -6.93 -3.06 26.87
N GLY A 86 -8.02 -3.60 26.33
CA GLY A 86 -8.66 -2.99 25.19
C GLY A 86 -10.16 -3.22 25.15
N ASP A 87 -10.73 -3.22 23.96
CA ASP A 87 -12.16 -3.44 23.80
C ASP A 87 -12.48 -4.93 23.65
N TRP A 88 -13.76 -5.27 23.77
CA TRP A 88 -14.19 -6.65 23.66
C TRP A 88 -14.68 -6.96 22.25
N LEU A 89 -15.30 -8.11 22.07
CA LEU A 89 -15.81 -8.53 20.77
C LEU A 89 -17.12 -7.81 20.46
N GLY A 90 -17.99 -7.72 21.46
CA GLY A 90 -19.27 -7.06 21.26
C GLY A 90 -20.02 -7.58 20.06
N ASP A 91 -20.77 -8.67 20.25
CA ASP A 91 -21.54 -9.26 19.17
C ASP A 91 -23.01 -9.37 19.54
N ALA A 92 -23.76 -8.29 19.31
CA ALA A 92 -25.18 -8.27 19.62
C ALA A 92 -26.02 -8.16 18.35
N ARG A 93 -27.34 -8.05 18.52
CA ARG A 93 -28.24 -7.93 17.39
C ARG A 93 -29.44 -7.04 17.73
N GLU A 94 -30.39 -6.95 16.81
CA GLU A 94 -31.58 -6.13 17.02
C GLU A 94 -32.84 -6.95 16.83
N ASN A 95 -33.78 -6.81 17.76
CA ASN A 95 -35.04 -7.54 17.69
C ASN A 95 -35.79 -7.22 16.40
N ASP A 96 -36.85 -7.97 16.13
CA ASP A 96 -37.65 -7.78 14.93
C ASP A 96 -39.10 -7.46 15.29
N LEU A 97 -39.86 -7.00 14.31
CA LEU A 97 -41.26 -6.66 14.51
C LEU A 97 -42.03 -6.69 13.21
N GLU A 98 -43.36 -6.73 13.30
CA GLU A 98 -44.20 -6.75 12.12
C GLU A 98 -43.88 -7.95 11.23
N HIS A 99 -43.69 -9.11 11.86
CA HIS A 99 -43.38 -10.33 11.14
C HIS A 99 -44.51 -10.71 10.19
N HIS A 100 -44.22 -10.65 8.89
CA HIS A 100 -45.21 -10.98 7.87
C HIS A 100 -44.72 -12.11 6.98
N HIS A 101 -45.63 -12.97 6.56
CA HIS A 101 -45.29 -14.10 5.70
C HIS A 101 -46.54 -14.77 5.15
N HIS A 102 -46.41 -15.39 3.98
CA HIS A 102 -47.54 -16.07 3.35
C HIS A 102 -48.68 -15.09 3.08
N HIS A 103 -48.34 -13.88 2.66
CA HIS A 103 -49.35 -12.86 2.38
C HIS A 103 -49.86 -12.97 0.95
N HIS A 104 -50.80 -12.11 0.58
CA HIS A 104 -51.36 -12.11 -0.76
C HIS A 104 -50.44 -11.39 -1.75
N ALA A 1 -5.01 17.92 -2.31
CA ALA A 1 -4.33 16.82 -2.98
C ALA A 1 -5.26 15.61 -3.14
N GLN A 2 -6.56 15.89 -3.19
CA GLN A 2 -7.56 14.83 -3.34
C GLN A 2 -7.21 13.92 -4.51
N VAL A 3 -7.08 12.63 -4.23
CA VAL A 3 -6.74 11.66 -5.27
C VAL A 3 -7.59 10.39 -5.12
N ASN A 4 -8.42 10.12 -6.11
CA ASN A 4 -9.28 8.94 -6.09
C ASN A 4 -8.96 8.02 -7.26
N ILE A 5 -8.60 6.77 -6.95
CA ILE A 5 -8.27 5.79 -7.97
C ILE A 5 -9.15 4.54 -7.83
N ALA A 6 -9.58 4.01 -8.97
CA ALA A 6 -10.41 2.82 -8.99
C ALA A 6 -9.57 1.55 -8.98
N PRO A 7 -9.87 0.63 -8.04
CA PRO A 7 -9.14 -0.63 -7.91
C PRO A 7 -9.43 -1.58 -9.07
N GLY A 8 -9.08 -2.86 -8.88
CA GLY A 8 -9.30 -3.84 -9.91
C GLY A 8 -8.04 -4.21 -10.66
N SER A 9 -6.91 -3.64 -10.21
CA SER A 9 -5.62 -3.91 -10.84
C SER A 9 -4.51 -3.11 -10.16
N LEU A 10 -3.51 -3.83 -9.66
CA LEU A 10 -2.38 -3.20 -8.99
C LEU A 10 -1.59 -2.31 -9.95
N ASP A 11 -1.31 -2.86 -11.13
CA ASP A 11 -0.55 -2.12 -12.15
C ASP A 11 -1.25 -0.80 -12.48
N LYS A 12 -2.57 -0.84 -12.62
CA LYS A 12 -3.35 0.35 -12.93
C LYS A 12 -3.32 1.34 -11.77
N ALA A 13 -3.75 0.89 -10.60
CA ALA A 13 -3.77 1.73 -9.41
C ALA A 13 -2.41 2.39 -9.19
N LEU A 14 -1.35 1.69 -9.56
CA LEU A 14 0.01 2.19 -9.39
C LEU A 14 0.26 3.38 -10.31
N ASN A 15 0.01 3.18 -11.60
CA ASN A 15 0.21 4.24 -12.59
C ASN A 15 -0.71 5.43 -12.31
N GLN A 16 -1.89 5.14 -11.76
CA GLN A 16 -2.85 6.19 -11.45
C GLN A 16 -2.26 7.20 -10.46
N TYR A 17 -1.80 6.69 -9.32
CA TYR A 17 -1.21 7.55 -8.29
C TYR A 17 0.18 8.01 -8.71
N ALA A 18 0.92 7.13 -9.36
CA ALA A 18 2.27 7.45 -9.81
C ALA A 18 2.26 8.59 -10.82
N ALA A 19 1.18 8.67 -11.60
CA ALA A 19 1.05 9.72 -12.61
C ALA A 19 0.62 11.04 -11.97
N HIS A 20 -0.09 10.95 -10.85
CA HIS A 20 -0.55 12.14 -10.15
C HIS A 20 0.58 12.78 -9.36
N SER A 21 1.57 11.97 -8.99
CA SER A 21 2.71 12.46 -8.23
C SER A 21 3.78 13.03 -9.15
N GLY A 22 4.34 12.19 -10.00
CA GLY A 22 5.36 12.63 -10.93
C GLY A 22 6.67 11.88 -10.75
N PHE A 23 6.62 10.74 -10.07
CA PHE A 23 7.81 9.93 -9.82
C PHE A 23 7.66 8.55 -10.46
N THR A 24 8.75 7.81 -10.49
CA THR A 24 8.75 6.47 -11.06
C THR A 24 8.80 5.40 -9.98
N LEU A 25 8.27 4.22 -10.28
CA LEU A 25 8.25 3.11 -9.33
C LEU A 25 8.57 1.79 -10.03
N SER A 26 9.31 0.94 -9.34
CA SER A 26 9.68 -0.36 -9.90
C SER A 26 9.37 -1.49 -8.90
N VAL A 27 8.27 -2.19 -9.15
CA VAL A 27 7.86 -3.29 -8.28
C VAL A 27 7.51 -4.54 -9.09
N ASP A 28 7.94 -5.69 -8.61
CA ASP A 28 7.67 -6.96 -9.28
C ASP A 28 6.20 -7.34 -9.14
N ALA A 29 5.40 -7.00 -10.14
CA ALA A 29 3.98 -7.31 -10.13
C ALA A 29 3.74 -8.79 -10.40
N SER A 30 4.81 -9.51 -10.73
CA SER A 30 4.71 -10.93 -11.01
C SER A 30 3.99 -11.67 -9.89
N LEU A 31 4.18 -11.19 -8.66
CA LEU A 31 3.54 -11.80 -7.50
C LEU A 31 2.10 -11.31 -7.35
N THR A 32 1.87 -10.03 -7.64
CA THR A 32 0.55 -9.44 -7.53
C THR A 32 -0.38 -10.00 -8.61
N ARG A 33 0.20 -10.41 -9.72
CA ARG A 33 -0.58 -10.97 -10.83
C ARG A 33 -1.56 -12.03 -10.34
N GLY A 34 -2.83 -11.66 -10.26
CA GLY A 34 -3.84 -12.59 -9.80
C GLY A 34 -4.96 -11.91 -9.05
N LYS A 35 -4.61 -10.91 -8.25
CA LYS A 35 -5.59 -10.17 -7.47
C LYS A 35 -5.53 -8.68 -7.79
N GLN A 36 -6.44 -7.91 -7.19
CA GLN A 36 -6.49 -6.47 -7.41
C GLN A 36 -5.89 -5.72 -6.22
N SER A 37 -5.85 -4.40 -6.32
CA SER A 37 -5.32 -3.56 -5.26
C SER A 37 -6.29 -2.44 -4.90
N ASN A 38 -6.37 -2.13 -3.61
CA ASN A 38 -7.27 -1.08 -3.14
C ASN A 38 -6.82 0.29 -3.63
N GLY A 39 -7.68 0.94 -4.42
CA GLY A 39 -7.35 2.24 -4.96
C GLY A 39 -7.17 3.29 -3.86
N LEU A 40 -7.17 4.56 -4.26
CA LEU A 40 -7.01 5.65 -3.31
C LEU A 40 -8.31 6.45 -3.17
N HIS A 41 -8.42 7.18 -2.06
CA HIS A 41 -9.61 8.00 -1.81
C HIS A 41 -9.32 9.07 -0.76
N GLY A 42 -9.10 10.29 -1.23
CA GLY A 42 -8.82 11.39 -0.31
C GLY A 42 -7.53 12.11 -0.68
N ASP A 43 -7.21 13.16 0.09
CA ASP A 43 -6.00 13.94 -0.15
C ASP A 43 -4.78 13.27 0.46
N TYR A 44 -3.88 12.81 -0.39
CA TYR A 44 -2.66 12.14 0.07
C TYR A 44 -1.49 12.44 -0.86
N ASP A 45 -0.33 12.73 -0.27
CA ASP A 45 0.87 13.04 -1.04
C ASP A 45 1.34 11.81 -1.81
N VAL A 46 2.47 11.95 -2.51
CA VAL A 46 3.04 10.86 -3.28
C VAL A 46 3.28 9.63 -2.40
N GLU A 47 3.92 9.85 -1.26
CA GLU A 47 4.22 8.76 -0.33
C GLU A 47 2.95 8.33 0.41
N SER A 48 2.25 9.29 1.00
CA SER A 48 1.03 9.00 1.74
C SER A 48 0.07 8.18 0.90
N GLY A 49 -0.21 8.66 -0.31
CA GLY A 49 -1.12 7.95 -1.20
C GLY A 49 -0.56 6.63 -1.68
N LEU A 50 0.75 6.61 -1.93
CA LEU A 50 1.41 5.40 -2.41
C LEU A 50 1.15 4.23 -1.45
N GLN A 51 1.45 4.44 -0.18
CA GLN A 51 1.26 3.42 0.84
C GLN A 51 -0.23 3.10 1.01
N GLN A 52 -1.08 4.07 0.69
CA GLN A 52 -2.52 3.89 0.81
C GLN A 52 -3.06 3.02 -0.33
N LEU A 53 -2.37 3.03 -1.45
CA LEU A 53 -2.77 2.24 -2.61
C LEU A 53 -2.52 0.76 -2.37
N LEU A 54 -1.26 0.43 -2.05
CA LEU A 54 -0.89 -0.97 -1.80
C LEU A 54 -1.25 -1.37 -0.38
N ASP A 55 -1.74 -0.42 0.40
CA ASP A 55 -2.12 -0.69 1.78
C ASP A 55 -2.96 -1.95 1.88
N GLY A 56 -2.53 -2.88 2.73
CA GLY A 56 -3.26 -4.12 2.90
C GLY A 56 -2.35 -5.28 3.27
N SER A 57 -1.05 -5.11 3.04
CA SER A 57 -0.08 -6.14 3.34
C SER A 57 1.01 -5.62 4.28
N GLY A 58 1.37 -4.36 4.10
CA GLY A 58 2.40 -3.75 4.93
C GLY A 58 3.80 -4.05 4.44
N LEU A 59 4.37 -3.11 3.70
CA LEU A 59 5.72 -3.27 3.17
C LEU A 59 6.51 -1.97 3.26
N GLN A 60 7.78 -2.03 2.90
CA GLN A 60 8.64 -0.85 2.94
C GLN A 60 8.97 -0.37 1.52
N VAL A 61 9.11 0.94 1.36
CA VAL A 61 9.42 1.52 0.06
C VAL A 61 10.68 2.37 0.13
N LYS A 62 11.70 1.97 -0.63
CA LYS A 62 12.97 2.70 -0.66
C LYS A 62 13.37 3.05 -2.09
N PRO A 63 13.87 4.27 -2.28
CA PRO A 63 14.30 4.75 -3.60
C PRO A 63 15.55 4.05 -4.10
N LEU A 64 15.79 4.12 -5.40
CA LEU A 64 16.95 3.48 -6.00
C LEU A 64 17.88 4.52 -6.62
N GLY A 65 17.35 5.32 -7.53
CA GLY A 65 18.14 6.35 -8.18
C GLY A 65 17.56 7.73 -7.99
N ASN A 66 17.10 8.33 -9.09
CA ASN A 66 16.52 9.67 -9.03
C ASN A 66 15.22 9.67 -8.23
N ASN A 67 14.14 9.26 -8.88
CA ASN A 67 12.83 9.22 -8.23
C ASN A 67 12.19 7.84 -8.37
N SER A 68 13.03 6.81 -8.51
CA SER A 68 12.55 5.45 -8.67
C SER A 68 12.45 4.74 -7.32
N TRP A 69 11.24 4.37 -6.94
CA TRP A 69 11.01 3.69 -5.67
C TRP A 69 10.56 2.25 -5.90
N THR A 70 10.92 1.38 -4.96
CA THR A 70 10.56 -0.03 -5.06
C THR A 70 9.99 -0.55 -3.74
N LEU A 71 9.22 -1.62 -3.81
CA LEU A 71 8.62 -2.22 -2.63
C LEU A 71 9.39 -3.47 -2.20
N GLU A 72 9.49 -3.67 -0.89
CA GLU A 72 10.20 -4.83 -0.35
C GLU A 72 9.44 -5.42 0.84
N PRO A 73 9.70 -6.70 1.13
CA PRO A 73 9.07 -7.41 2.25
C PRO A 73 9.55 -6.90 3.60
N ALA A 74 8.62 -6.46 4.43
CA ALA A 74 8.95 -5.95 5.76
C ALA A 74 8.66 -6.99 6.82
N PRO A 75 9.28 -6.82 8.01
CA PRO A 75 9.12 -7.75 9.13
C PRO A 75 7.73 -7.66 9.74
N ALA A 76 7.38 -8.66 10.56
CA ALA A 76 6.08 -8.69 11.20
C ALA A 76 5.81 -7.41 11.98
N PRO A 77 4.52 -7.14 12.27
CA PRO A 77 4.11 -5.94 13.01
C PRO A 77 4.53 -5.98 14.47
N LYS A 78 4.42 -4.85 15.15
CA LYS A 78 4.80 -4.76 16.55
C LYS A 78 6.05 -5.57 16.84
N GLU A 79 7.00 -5.54 15.92
CA GLU A 79 8.25 -6.27 16.08
C GLU A 79 9.45 -5.41 15.69
N ASP A 80 9.81 -4.48 16.57
CA ASP A 80 10.93 -3.59 16.33
C ASP A 80 11.18 -2.68 17.53
N ALA A 81 12.40 -2.16 17.63
CA ALA A 81 12.77 -1.28 18.73
C ALA A 81 11.76 -0.14 18.87
N LEU A 82 11.41 0.48 17.75
CA LEU A 82 10.47 1.59 17.74
C LEU A 82 9.95 1.85 16.34
N THR A 83 8.63 1.87 16.19
CA THR A 83 8.01 2.12 14.89
C THR A 83 6.96 3.23 15.00
N VAL A 84 6.57 3.76 13.84
CA VAL A 84 5.57 4.82 13.80
C VAL A 84 4.20 4.27 13.42
N VAL A 85 3.41 3.92 14.44
CA VAL A 85 2.07 3.38 14.22
C VAL A 85 1.11 4.47 13.75
N GLY A 86 0.16 4.09 12.91
CA GLY A 86 -0.81 5.05 12.40
C GLY A 86 -1.24 4.76 10.98
N ASP A 87 -2.50 4.40 10.80
CA ASP A 87 -3.03 4.09 9.47
C ASP A 87 -4.53 3.86 9.53
N TRP A 88 -5.19 4.00 8.38
CA TRP A 88 -6.63 3.80 8.29
C TRP A 88 -7.11 3.89 6.85
N LEU A 89 -8.17 3.15 6.54
CA LEU A 89 -8.72 3.14 5.19
C LEU A 89 -9.98 3.99 5.12
N GLY A 90 -11.07 3.49 5.67
CA GLY A 90 -12.33 4.22 5.66
C GLY A 90 -13.50 3.35 5.31
N ASP A 91 -13.72 3.14 4.01
CA ASP A 91 -14.83 2.31 3.54
C ASP A 91 -16.17 2.89 3.99
N ALA A 92 -16.37 4.17 3.72
CA ALA A 92 -17.61 4.85 4.11
C ALA A 92 -18.26 5.51 2.90
N ARG A 93 -19.41 4.96 2.48
CA ARG A 93 -20.13 5.49 1.33
C ARG A 93 -21.59 5.79 1.71
N GLU A 94 -22.33 6.34 0.76
CA GLU A 94 -23.73 6.67 0.98
C GLU A 94 -24.43 7.02 -0.34
N ASN A 95 -25.74 6.91 -0.34
CA ASN A 95 -26.54 7.22 -1.54
C ASN A 95 -27.98 7.54 -1.17
N ASP A 96 -28.72 8.09 -2.14
CA ASP A 96 -30.12 8.44 -1.92
C ASP A 96 -30.99 7.95 -3.05
N LEU A 97 -32.29 8.24 -2.97
CA LEU A 97 -33.23 7.83 -4.00
C LEU A 97 -33.74 9.03 -4.79
N GLU A 98 -34.18 8.77 -6.02
CA GLU A 98 -34.70 9.84 -6.88
C GLU A 98 -36.21 9.72 -7.03
N HIS A 99 -36.89 10.85 -6.86
CA HIS A 99 -38.35 10.89 -6.98
C HIS A 99 -38.79 12.02 -7.90
N HIS A 100 -39.65 11.69 -8.86
CA HIS A 100 -40.16 12.67 -9.81
C HIS A 100 -41.34 12.11 -10.60
N HIS A 101 -42.46 12.82 -10.54
CA HIS A 101 -43.67 12.39 -11.25
C HIS A 101 -43.44 12.39 -12.76
N HIS A 102 -44.41 11.88 -13.50
CA HIS A 102 -44.32 11.84 -14.95
C HIS A 102 -44.89 13.11 -15.58
N HIS A 103 -44.18 13.64 -16.55
CA HIS A 103 -44.60 14.86 -17.24
C HIS A 103 -44.08 14.90 -18.67
N HIS A 104 -44.89 15.44 -19.58
CA HIS A 104 -44.51 15.54 -20.99
C HIS A 104 -43.23 16.35 -21.14
#